data_9BFE
#
_entry.id   9BFE
#
_cell.length_a   1.00
_cell.length_b   1.00
_cell.length_c   1.00
_cell.angle_alpha   90.00
_cell.angle_beta   90.00
_cell.angle_gamma   90.00
#
_symmetry.space_group_name_H-M   'P 1'
#
loop_
_entity.id
_entity.type
_entity.pdbx_description
1 polymer 'Tyrocidine synthase 1'
2 polymer 'Tyrocidine synthase 2'
3 non-polymer '(7S,10aR)-1-methyl-4-{4-[(5R)-1,1,5-trihydroxy-4,4-dimethyl-1,6,11-trioxo-2-oxa-7,10-diaza-1lambda~5~-phosphadodecan-12-yl]phenyl}-3,5,6,7,8,9,10,10a-octahydrocycloocta[d]pyridazin-7-yl [2-({N-[(2R)-2-hydroxy-3,3-dimethyl-4-(phosphonooxy)butanoyl]-beta-alanyl}amino)ethyl]carbamate'
4 non-polymer 'ADENOSINE MONOPHOSPHATE'
#
loop_
_entity_poly.entity_id
_entity_poly.type
_entity_poly.pdbx_seq_one_letter_code
_entity_poly.pdbx_strand_id
1 'polypeptide(L)'
;MVANQANLIDNKRELEQHALVPYAQGKSIHQLFEEQAEAFPDRVAIVFENRRLSYQELNRKANQLARALLEKGVQTDSIV
GVMMEKSIENVIAILAVLKAGGAYVPIDIEYPRDRIQYILQDSQTKIVLTQKSVSQLVHDVGYSGEVVVLDEEQLDARET
ANLHQPSKPTDLAYVIYTSGTTGKPKGTMLEHKGIANLQSFFQNSFGVTEQDRIGLFASMSFDASVWEMFMALLSGASLY
ILSKQTIHDFAAFEHYLSENELTIITLPPTYLTHLTPERITSLRIMITAGSASSAPLVNKWKDKLRYINAYGPTETSICA
TIWEAPSNQLSVQSVPIGKPIQNTHIYIVNEDLQLLPTGSEGELCIGGVGLARGYWNRPDLTAEKFVDNPFVPGEKMYRT
GDLAKWLTDGTIEFLGRIDHQVKIRGHRIELGEIESVLLAHEHITEAVVIAREDQHAGQYLCAYYISQQEATPAQLRDYA
AQKLPAYMLPSYFVKLDKMPLTPNDKIDRKALPEPDLTANQSQAAYHPPRTETESILVSIWQNVLGIEKIGIRDNFYSLG
GDSIQAIQVVARLHSYQLKLETKDLLNYPTIEQVALFVKSTTRKSDQGIIAGNVPLTPIQKWFFGKNFTNTGHWNQSSVL
YRPEGFDPKVIQSVMDKIIEHHDALRMVYQHENGNVVQHNRGLGGQLYDFFSYNLTAQPDVQQAIEAETQRLHSSMNLQE
GPLVKVALFQTLHGDHLFLAIHHLVVDGISWRILFEDLATGYAQALAGQAISLPEKTDSFQSWSQWLQEYANEADLLSEI
PYWESLESQAKNVSLPKDYEVTDCKQKSVRNMRIRLHPEETEQLLKHANQAYQTEINDLLLAALGLAFAEWSKLAQIVIH
LEGHGREDIIEQANVARTVGWFTSQYPVLLDLKQTAPLSDYIKLTKENMRKIPRKGIGYDILKHVTLPENRGSLSFRVQP
EVTFNYLGQFDADMRTELFTRSPYSGGNTLGADGKNNLSPESEVYTALNITGLIEGGELVLTFSYSSEQYREESIQQLSQ
SYQKHLLAIIAHCTEKKEVERTPSDFSVKGLQMEEMDDIFELLANRLRGSRSHHHHHH
;
A
2 'polypeptide(L)'
;MGVFSKEQVQDMYALTPMQEGMLFHALLDQEHNSHLVQMSISLQGDLDVGLFTDSLHVLVERYDVFRTLFLYEKLKQPLQ
VVLKQRPIPIEFYDLSACDESEKQLRYTQYKRADQERTFHLAKDPLMRVALFQMSQHDYQVIWSFHHILMDGWCFSIIFD
DLLAIYLSLQNKTALSLEPVQPYSRFINWLEKQNKQAALNYWSDYLEAYEQKTTLPKKEAAFAKAFQPTQYRFSLNRTLT
KQLGTIASQNQVTLSTVIQTIWGVLLQKYNAAHDVLFGSVVSGRPTDIVGIDKMVGLFINTIPFRVQAKAGQTFSELLQA
VHKRTLQSQPYEHVPLYDIQTQSVLKQELIDHLLVIENYPLVEALQKKALNQQIGFTITAVEMFEPTNYDLTVMVMPKEE
LAFRFDYNAALFDEQVVQKLAGHLQQIADCVANNSGVELCQIPLLTEAETSQLLAKRTETAADYPAATMHELFSRQAEKT
PEQVAVVFADQHLTYRELDEKSNQLARFLRKKGIGTGSLVGTLLDRSLDMIVGILGVLKAGGAFVPIDPELPAERIAYML
THSRVPLVVTQNHLRAKVTTPTETIDINTAVIGEESRAPIESLNQPHDLFYIIYTSGTTGQPKGVMLEHRNMANLMHFTF
DQTNIAFHEKVLQYTTCSFDVCYQEIFSTLLSGGQLYLITNELRRHVEKLFAFIQEKQISILSLPVSFLKFIFNEQDYAQ
SFPRCVKHIITAGEQLVVTHELQKYLRQHRVFLHNHYGPSETHVVTTCTMDPGQAIPELPPIGKPISNTGIYILDEGLQL
KPEGIVGELYISGANVGRGYLHQPELTAEKFLDNPYQPGERMYRTGDLARWLPDGQLEFLGRIDHQVKIRGHRIELGEIE
SRLLNHPAIKEAVVIDRADETGGKFLCAYVVLQKALSDEEMRAYLAQALPEYMIPSFFVTLERIPVTPNGKTDRRALPKP
EGSAKTKADYVAPTTELEQKLVAIWEQILGVSPIGIQDHFFTLGGHSLKAIQLISRIQKECQADVPLRVLFEQPTIQALA
AYVELEHHHHHH
;
B
#
# COMPACT_ATOMS: atom_id res chain seq x y z
N GLU A 534 -22.16 -24.98 17.23
CA GLU A 534 -22.75 -24.84 18.56
C GLU A 534 -24.06 -24.05 18.51
N SER A 535 -25.01 -24.45 19.34
CA SER A 535 -26.35 -23.90 19.29
C SER A 535 -26.35 -22.39 19.55
N ILE A 536 -25.52 -21.94 20.50
CA ILE A 536 -25.43 -20.51 20.76
C ILE A 536 -25.04 -19.74 19.50
N LEU A 537 -24.07 -20.27 18.75
CA LEU A 537 -23.60 -19.57 17.57
C LEU A 537 -24.67 -19.54 16.48
N VAL A 538 -25.39 -20.65 16.32
CA VAL A 538 -26.57 -20.67 15.45
C VAL A 538 -27.59 -19.62 15.86
N SER A 539 -27.89 -19.54 17.15
CA SER A 539 -28.86 -18.56 17.63
C SER A 539 -28.42 -17.13 17.35
N ILE A 540 -27.13 -16.82 17.53
CA ILE A 540 -26.65 -15.49 17.16
C ILE A 540 -26.79 -15.26 15.66
N TRP A 541 -26.43 -16.24 14.84
CA TRP A 541 -26.58 -16.04 13.40
C TRP A 541 -28.04 -15.78 13.04
N GLN A 542 -28.95 -16.56 13.61
CA GLN A 542 -30.38 -16.35 13.37
C GLN A 542 -30.80 -14.93 13.73
N ASN A 543 -30.60 -14.54 14.99
CA ASN A 543 -31.02 -13.21 15.44
C ASN A 543 -30.01 -12.10 15.14
N VAL A 544 -29.13 -12.26 14.16
CA VAL A 544 -28.35 -11.15 13.62
C VAL A 544 -28.54 -11.01 12.12
N LEU A 545 -28.46 -12.12 11.39
CA LEU A 545 -28.75 -12.11 9.97
C LEU A 545 -30.24 -12.14 9.69
N GLY A 546 -31.06 -12.31 10.71
CA GLY A 546 -32.50 -12.23 10.57
C GLY A 546 -33.10 -13.48 9.98
N ILE A 547 -32.38 -14.14 9.08
CA ILE A 547 -32.90 -15.37 8.51
C ILE A 547 -33.02 -16.42 9.60
N GLU A 548 -34.13 -17.15 9.58
CA GLU A 548 -34.38 -18.21 10.55
C GLU A 548 -33.86 -19.55 10.06
N LYS A 549 -33.81 -20.52 10.98
CA LYS A 549 -33.58 -21.92 10.63
C LYS A 549 -32.25 -22.12 9.93
N ILE A 550 -31.26 -21.28 10.22
CA ILE A 550 -29.95 -21.40 9.61
C ILE A 550 -29.44 -22.81 9.82
N GLY A 551 -28.99 -23.45 8.75
CA GLY A 551 -28.45 -24.79 8.86
C GLY A 551 -27.07 -24.81 9.49
N ILE A 552 -26.68 -26.01 9.92
CA ILE A 552 -25.45 -26.20 10.67
C ILE A 552 -24.20 -25.87 9.86
N ARG A 553 -24.32 -25.80 8.53
CA ARG A 553 -23.18 -25.44 7.69
C ARG A 553 -23.58 -24.57 6.50
N ASP A 554 -24.60 -23.74 6.68
CA ASP A 554 -24.87 -22.65 5.75
C ASP A 554 -23.75 -21.62 5.80
N ASN A 555 -23.67 -20.79 4.76
CA ASN A 555 -22.51 -19.94 4.52
C ASN A 555 -22.83 -18.50 4.90
N PHE A 556 -21.93 -17.91 5.67
CA PHE A 556 -22.12 -16.57 6.19
C PHE A 556 -22.36 -15.55 5.07
N TYR A 557 -21.57 -15.62 4.00
CA TYR A 557 -21.78 -14.74 2.85
C TYR A 557 -23.02 -15.08 2.05
N SER A 558 -23.36 -16.37 1.92
CA SER A 558 -24.59 -16.73 1.25
C SER A 558 -25.83 -16.26 2.01
N LEU A 559 -25.76 -16.22 3.33
CA LEU A 559 -26.85 -15.65 4.13
C LEU A 559 -26.84 -14.14 4.17
N GLY A 560 -25.87 -13.48 3.56
CA GLY A 560 -25.90 -12.04 3.44
C GLY A 560 -25.11 -11.31 4.51
N GLY A 561 -24.19 -11.98 5.17
CA GLY A 561 -23.29 -11.33 6.09
C GLY A 561 -22.33 -10.39 5.39
N ASP A 562 -21.63 -9.61 6.21
CA ASP A 562 -20.67 -8.63 5.73
C ASP A 562 -19.78 -8.24 6.90
N SER A 563 -18.94 -7.22 6.68
CA SER A 563 -18.02 -6.76 7.70
C SER A 563 -18.74 -6.20 8.91
N ILE A 564 -20.07 -6.06 8.86
CA ILE A 564 -20.86 -5.55 9.98
C ILE A 564 -21.67 -6.65 10.66
N GLN A 565 -22.32 -7.51 9.89
CA GLN A 565 -22.98 -8.65 10.52
C GLN A 565 -21.99 -9.50 11.30
N ALA A 566 -20.73 -9.58 10.85
CA ALA A 566 -19.73 -10.27 11.64
C ALA A 566 -19.48 -9.59 12.98
N ILE A 567 -19.38 -8.26 12.98
CA ILE A 567 -19.24 -7.52 14.23
C ILE A 567 -20.44 -7.75 15.14
N GLN A 568 -21.64 -7.76 14.57
CA GLN A 568 -22.84 -8.01 15.37
C GLN A 568 -22.83 -9.41 15.98
N VAL A 569 -22.42 -10.41 15.20
CA VAL A 569 -22.27 -11.76 15.73
C VAL A 569 -21.27 -11.80 16.87
N VAL A 570 -20.08 -11.25 16.66
CA VAL A 570 -19.06 -11.33 17.71
C VAL A 570 -19.46 -10.56 18.95
N ALA A 571 -19.98 -9.34 18.79
CA ALA A 571 -20.41 -8.58 19.94
C ALA A 571 -21.51 -9.30 20.70
N ARG A 572 -22.49 -9.84 19.98
CA ARG A 572 -23.52 -10.67 20.61
C ARG A 572 -22.91 -11.90 21.27
N LEU A 573 -22.03 -12.59 20.55
CA LEU A 573 -21.50 -13.86 21.04
C LEU A 573 -20.76 -13.72 22.37
N HIS A 574 -19.95 -12.66 22.51
CA HIS A 574 -19.16 -12.53 23.73
C HIS A 574 -20.00 -12.38 24.99
N SER A 575 -21.29 -12.09 24.85
CA SER A 575 -22.18 -12.10 26.00
C SER A 575 -22.24 -13.47 26.66
N TYR A 576 -22.07 -14.53 25.89
CA TYR A 576 -21.95 -15.88 26.43
C TYR A 576 -20.53 -16.23 26.83
N GLN A 577 -19.67 -15.22 26.97
CA GLN A 577 -18.26 -15.36 27.35
C GLN A 577 -17.43 -16.11 26.33
N LEU A 578 -17.96 -16.35 25.13
CA LEU A 578 -17.19 -16.94 24.05
C LEU A 578 -16.55 -15.85 23.23
N LYS A 579 -15.33 -16.10 22.76
CA LYS A 579 -14.61 -15.14 21.94
C LYS A 579 -14.35 -15.72 20.56
N LEU A 580 -14.43 -14.86 19.54
CA LEU A 580 -14.18 -15.27 18.17
C LEU A 580 -13.79 -14.04 17.36
N GLU A 581 -12.53 -13.99 16.93
CA GLU A 581 -12.12 -12.90 16.05
C GLU A 581 -12.84 -13.01 14.72
N THR A 582 -13.40 -11.89 14.23
CA THR A 582 -14.20 -11.92 13.02
C THR A 582 -13.39 -12.35 11.81
N LYS A 583 -12.08 -12.18 11.85
CA LYS A 583 -11.22 -12.77 10.82
C LYS A 583 -11.51 -14.25 10.61
N ASP A 584 -11.78 -14.97 11.70
CA ASP A 584 -12.15 -16.38 11.58
C ASP A 584 -13.60 -16.58 11.15
N LEU A 585 -14.51 -15.72 11.59
CA LEU A 585 -15.89 -15.85 11.15
C LEU A 585 -16.02 -15.63 9.65
N LEU A 586 -15.32 -14.63 9.13
CA LEU A 586 -15.30 -14.40 7.69
C LEU A 586 -14.57 -15.51 6.94
N ASN A 587 -13.35 -15.84 7.38
CA ASN A 587 -12.54 -16.76 6.59
C ASN A 587 -13.10 -18.17 6.59
N TYR A 588 -13.83 -18.56 7.63
CA TYR A 588 -14.44 -19.87 7.73
C TYR A 588 -15.96 -19.75 7.79
N PRO A 589 -16.56 -19.31 6.71
CA PRO A 589 -17.90 -18.73 6.78
C PRO A 589 -19.02 -19.74 6.92
N THR A 590 -18.79 -20.84 7.64
CA THR A 590 -19.85 -21.79 7.91
C THR A 590 -19.85 -22.19 9.37
N ILE A 591 -21.06 -22.39 9.91
CA ILE A 591 -21.23 -22.69 11.33
C ILE A 591 -20.34 -23.84 11.75
N GLU A 592 -20.40 -24.95 11.01
CA GLU A 592 -19.60 -26.12 11.33
C GLU A 592 -18.10 -25.84 11.32
N GLN A 593 -17.64 -24.82 10.61
CA GLN A 593 -16.21 -24.57 10.48
C GLN A 593 -15.67 -23.52 11.43
N VAL A 594 -16.48 -22.53 11.81
CA VAL A 594 -16.00 -21.51 12.73
C VAL A 594 -16.04 -21.96 14.18
N ALA A 595 -16.94 -22.89 14.52
CA ALA A 595 -17.04 -23.35 15.90
C ALA A 595 -15.71 -23.89 16.44
N LEU A 596 -14.84 -24.38 15.56
CA LEU A 596 -13.51 -24.83 15.96
C LEU A 596 -12.61 -23.69 16.42
N PHE A 597 -13.03 -22.44 16.26
CA PHE A 597 -12.26 -21.31 16.76
C PHE A 597 -12.92 -20.58 17.92
N VAL A 598 -14.09 -21.04 18.39
CA VAL A 598 -14.67 -20.47 19.59
C VAL A 598 -13.83 -20.81 20.80
N LYS A 599 -13.67 -19.84 21.70
CA LYS A 599 -12.87 -19.95 22.91
C LYS A 599 -13.67 -19.39 24.07
N SER A 600 -13.32 -19.82 25.28
CA SER A 600 -13.77 -19.10 26.46
C SER A 600 -13.01 -17.78 26.58
N THR A 601 -13.73 -16.72 26.93
CA THR A 601 -13.09 -15.41 27.10
C THR A 601 -12.05 -15.42 28.21
N THR A 602 -12.37 -16.03 29.35
CA THR A 602 -11.41 -16.28 30.41
C THR A 602 -11.02 -17.76 30.46
N ARG A 603 -9.72 -18.03 30.47
CA ARG A 603 -9.26 -19.37 30.75
C ARG A 603 -9.61 -19.76 32.18
N LYS A 604 -10.02 -21.00 32.36
CA LYS A 604 -10.05 -21.62 33.68
C LYS A 604 -8.69 -22.22 33.96
N SER A 605 -7.93 -21.59 34.87
CA SER A 605 -6.67 -22.17 35.29
C SER A 605 -6.88 -23.52 35.95
N ASP A 606 -5.98 -24.45 35.68
CA ASP A 606 -6.14 -25.84 36.08
C ASP A 606 -6.14 -25.97 37.61
N GLN A 607 -7.31 -26.13 38.19
CA GLN A 607 -7.45 -26.24 39.64
C GLN A 607 -7.20 -27.65 40.15
N GLY A 608 -6.82 -28.59 39.28
CA GLY A 608 -6.56 -29.94 39.70
C GLY A 608 -5.28 -30.09 40.51
N ILE A 609 -5.04 -31.33 40.93
CA ILE A 609 -3.76 -31.73 41.50
C ILE A 609 -2.75 -31.90 40.35
N ILE A 610 -1.56 -31.35 40.53
CA ILE A 610 -0.51 -31.48 39.53
C ILE A 610 0.80 -31.89 40.20
N ALA A 611 1.66 -32.52 39.40
CA ALA A 611 2.88 -33.14 39.88
C ALA A 611 3.86 -33.24 38.72
N GLY A 612 5.09 -33.59 39.05
CA GLY A 612 6.08 -33.94 38.03
C GLY A 612 7.26 -33.00 38.01
N ASN A 613 8.02 -33.10 36.93
CA ASN A 613 9.20 -32.27 36.72
C ASN A 613 8.83 -30.80 36.65
N VAL A 614 9.53 -29.98 37.43
CA VAL A 614 9.45 -28.53 37.34
C VAL A 614 10.82 -27.99 36.94
N PRO A 615 10.95 -27.33 35.79
CA PRO A 615 12.22 -26.70 35.45
C PRO A 615 12.59 -25.64 36.47
N LEU A 616 13.89 -25.51 36.73
CA LEU A 616 14.37 -24.44 37.58
C LEU A 616 13.98 -23.11 36.98
N THR A 617 13.43 -22.22 37.80
CA THR A 617 13.35 -20.83 37.43
C THR A 617 14.68 -20.12 37.68
N PRO A 618 14.87 -18.96 37.07
CA PRO A 618 16.13 -18.23 37.22
C PRO A 618 16.61 -18.09 38.65
N ILE A 619 15.73 -17.77 39.59
CA ILE A 619 16.15 -17.62 40.98
C ILE A 619 16.46 -18.96 41.64
N GLN A 620 15.77 -20.02 41.26
CA GLN A 620 16.15 -21.35 41.74
C GLN A 620 17.48 -21.79 41.16
N LYS A 621 17.69 -21.58 39.86
CA LYS A 621 18.97 -21.91 39.28
C LYS A 621 20.07 -21.10 39.95
N TRP A 622 19.80 -19.82 40.24
CA TRP A 622 20.75 -19.02 40.99
C TRP A 622 21.08 -19.65 42.33
N PHE A 623 20.05 -20.12 43.05
CA PHE A 623 20.26 -20.71 44.36
C PHE A 623 21.16 -21.94 44.30
N PHE A 624 20.83 -22.88 43.42
CA PHE A 624 21.67 -24.07 43.29
C PHE A 624 23.06 -23.73 42.75
N GLY A 625 23.15 -22.76 41.86
CA GLY A 625 24.45 -22.33 41.36
C GLY A 625 25.29 -21.63 42.40
N LYS A 626 24.66 -20.96 43.35
CA LYS A 626 25.39 -20.38 44.47
C LYS A 626 25.85 -21.44 45.47
N ASN A 627 25.18 -22.58 45.53
CA ASN A 627 25.77 -23.80 46.07
C ASN A 627 26.20 -23.63 47.53
N PHE A 628 25.32 -23.04 48.32
CA PHE A 628 25.64 -22.79 49.72
C PHE A 628 26.01 -24.08 50.43
N THR A 629 26.82 -23.96 51.47
CA THR A 629 26.88 -25.01 52.48
C THR A 629 25.55 -25.12 53.21
N ASN A 630 25.14 -26.35 53.49
CA ASN A 630 23.93 -26.60 54.27
C ASN A 630 22.70 -25.92 53.66
N THR A 631 22.50 -26.16 52.36
CA THR A 631 21.36 -25.58 51.66
C THR A 631 20.03 -25.97 52.30
N GLY A 632 20.02 -27.01 53.14
CA GLY A 632 18.82 -27.43 53.84
C GLY A 632 18.38 -26.53 54.97
N HIS A 633 18.91 -25.31 55.02
CA HIS A 633 18.61 -24.36 56.09
C HIS A 633 18.71 -22.96 55.46
N TRP A 634 17.68 -22.63 54.68
CA TRP A 634 17.60 -21.37 53.95
C TRP A 634 16.12 -21.07 53.76
N ASN A 635 15.56 -20.27 54.66
CA ASN A 635 14.14 -20.33 54.98
C ASN A 635 13.55 -18.93 55.02
N GLN A 636 12.21 -18.90 55.07
CA GLN A 636 11.46 -17.76 55.57
C GLN A 636 10.46 -18.24 56.61
N SER A 637 10.04 -17.34 57.49
CA SER A 637 9.24 -17.76 58.64
C SER A 637 8.49 -16.56 59.19
N SER A 638 7.51 -16.86 60.04
CA SER A 638 6.93 -15.91 60.98
C SER A 638 6.38 -16.69 62.17
N VAL A 639 6.16 -15.97 63.27
CA VAL A 639 5.44 -16.50 64.42
C VAL A 639 4.11 -15.76 64.56
N LEU A 640 3.02 -16.49 64.42
CA LEU A 640 1.69 -15.97 64.67
C LEU A 640 1.28 -16.16 66.12
N TYR A 641 0.26 -15.40 66.52
CA TYR A 641 -0.29 -15.47 67.88
C TYR A 641 -1.80 -15.34 67.82
N ARG A 642 -2.48 -16.06 68.71
CA ARG A 642 -3.93 -16.02 68.78
C ARG A 642 -4.38 -16.08 70.23
N PRO A 643 -4.90 -14.96 70.76
CA PRO A 643 -5.22 -14.89 72.19
C PRO A 643 -6.11 -16.00 72.70
N GLU A 644 -7.17 -16.33 71.98
CA GLU A 644 -8.13 -17.34 72.40
C GLU A 644 -7.69 -18.77 72.13
N GLY A 645 -6.47 -18.98 71.63
CA GLY A 645 -6.01 -20.31 71.29
C GLY A 645 -6.09 -20.60 69.80
N PHE A 646 -5.45 -21.70 69.43
CA PHE A 646 -5.10 -21.98 68.03
C PHE A 646 -5.17 -23.48 67.77
N ASP A 647 -6.25 -24.11 68.22
CA ASP A 647 -6.31 -25.56 68.46
C ASP A 647 -5.59 -26.38 67.39
N PRO A 648 -4.70 -27.28 67.83
CA PRO A 648 -3.89 -28.07 66.87
C PRO A 648 -4.63 -28.72 65.72
N LYS A 649 -5.74 -29.40 65.99
CA LYS A 649 -6.48 -30.08 64.92
C LYS A 649 -6.99 -29.11 63.86
N VAL A 650 -7.43 -27.92 64.26
CA VAL A 650 -7.93 -26.94 63.30
C VAL A 650 -6.81 -26.44 62.40
N ILE A 651 -5.73 -25.93 63.00
CA ILE A 651 -4.62 -25.42 62.19
C ILE A 651 -3.98 -26.52 61.36
N GLN A 652 -3.92 -27.75 61.88
CA GLN A 652 -3.47 -28.88 61.07
C GLN A 652 -4.35 -29.08 59.85
N SER A 653 -5.67 -29.14 60.04
CA SER A 653 -6.58 -29.31 58.91
C SER A 653 -6.43 -28.19 57.89
N VAL A 654 -6.22 -26.97 58.37
CA VAL A 654 -6.02 -25.83 57.49
C VAL A 654 -4.72 -25.97 56.69
N MET A 655 -3.62 -26.30 57.37
CA MET A 655 -2.36 -26.48 56.66
C MET A 655 -2.44 -27.63 55.66
N ASP A 656 -3.16 -28.69 56.03
CA ASP A 656 -3.43 -29.77 55.09
C ASP A 656 -4.08 -29.24 53.82
N LYS A 657 -5.18 -28.49 53.96
CA LYS A 657 -5.85 -27.97 52.77
C LYS A 657 -4.96 -26.98 52.03
N ILE A 658 -4.18 -26.18 52.76
CA ILE A 658 -3.24 -25.25 52.15
C ILE A 658 -2.26 -25.97 51.25
N ILE A 659 -1.75 -27.12 51.68
CA ILE A 659 -0.74 -27.82 50.90
C ILE A 659 -1.34 -28.72 49.82
N GLU A 660 -2.56 -29.21 50.03
CA GLU A 660 -3.33 -29.77 48.93
C GLU A 660 -3.53 -28.73 47.85
N HIS A 661 -3.90 -27.51 48.22
CA HIS A 661 -4.26 -26.50 47.24
C HIS A 661 -3.04 -25.99 46.50
N HIS A 662 -2.10 -25.37 47.21
CA HIS A 662 -0.94 -24.78 46.54
C HIS A 662 0.11 -25.86 46.32
N ASP A 663 0.40 -26.13 45.05
CA ASP A 663 1.17 -27.33 44.70
C ASP A 663 2.65 -27.17 45.02
N ALA A 664 3.23 -25.99 44.77
CA ALA A 664 4.67 -25.82 44.84
C ALA A 664 5.25 -26.11 46.21
N LEU A 665 4.45 -25.99 47.27
CA LEU A 665 4.91 -26.34 48.61
C LEU A 665 5.20 -27.82 48.78
N ARG A 666 4.85 -28.65 47.81
CA ARG A 666 5.14 -30.08 47.85
C ARG A 666 6.49 -30.47 47.25
N MET A 667 7.19 -29.59 46.54
CA MET A 667 8.31 -30.04 45.73
C MET A 667 9.45 -30.60 46.58
N VAL A 668 10.28 -31.42 45.95
CA VAL A 668 11.56 -31.88 46.48
C VAL A 668 12.61 -31.82 45.40
N TYR A 669 13.88 -31.80 45.81
CA TYR A 669 15.01 -31.45 44.95
C TYR A 669 16.09 -32.52 45.03
N GLN A 670 16.19 -33.34 43.99
CA GLN A 670 16.71 -34.70 44.11
C GLN A 670 18.22 -34.82 43.90
N HIS A 671 18.90 -33.81 43.37
CA HIS A 671 20.33 -33.92 43.05
C HIS A 671 20.64 -35.12 42.16
N GLU A 672 19.72 -35.46 41.27
CA GLU A 672 19.94 -36.57 40.35
C GLU A 672 21.16 -36.35 39.48
N ASN A 673 21.97 -37.42 39.34
CA ASN A 673 23.17 -37.47 38.50
C ASN A 673 24.16 -36.34 38.82
N GLY A 674 24.02 -35.70 39.97
CA GLY A 674 24.84 -34.55 40.31
C GLY A 674 24.35 -33.24 39.76
N ASN A 675 23.35 -33.25 38.89
CA ASN A 675 22.58 -32.07 38.56
C ASN A 675 21.41 -31.97 39.54
N VAL A 676 20.47 -31.09 39.24
CA VAL A 676 19.32 -30.89 40.12
C VAL A 676 18.06 -30.88 39.27
N VAL A 677 17.01 -31.50 39.79
CA VAL A 677 15.70 -31.53 39.15
C VAL A 677 14.65 -31.42 40.24
N GLN A 678 13.54 -30.75 39.94
CA GLN A 678 12.47 -30.56 40.90
C GLN A 678 11.33 -31.50 40.57
N HIS A 679 10.88 -32.24 41.58
CA HIS A 679 9.71 -33.09 41.47
C HIS A 679 8.59 -32.48 42.30
N ASN A 680 7.48 -32.14 41.65
CA ASN A 680 6.29 -31.72 42.35
C ASN A 680 5.54 -32.95 42.83
N ARG A 681 5.56 -33.18 44.13
CA ARG A 681 4.94 -34.37 44.70
C ARG A 681 3.42 -34.26 44.64
N GLY A 682 2.78 -35.42 44.54
CA GLY A 682 1.35 -35.53 44.77
C GLY A 682 1.02 -35.53 46.25
N LEU A 683 -0.26 -35.77 46.52
CA LEU A 683 -0.78 -35.81 47.88
C LEU A 683 -0.46 -37.11 48.61
N GLY A 684 0.75 -37.63 48.42
CA GLY A 684 1.12 -38.90 49.02
C GLY A 684 1.41 -38.86 50.51
N GLY A 685 0.76 -37.93 51.22
CA GLY A 685 1.00 -37.76 52.64
C GLY A 685 2.30 -37.06 52.97
N GLN A 686 2.43 -36.75 54.26
CA GLN A 686 3.54 -35.97 54.81
C GLN A 686 3.73 -34.66 54.06
N LEU A 687 2.70 -33.82 54.18
CA LEU A 687 2.71 -32.51 53.53
C LEU A 687 3.69 -31.56 54.23
N TYR A 688 3.68 -31.56 55.56
CA TYR A 688 4.54 -30.70 56.35
C TYR A 688 4.91 -31.39 57.65
N ASP A 689 6.07 -31.04 58.19
CA ASP A 689 6.38 -31.40 59.56
C ASP A 689 5.57 -30.53 60.52
N PHE A 690 5.09 -31.15 61.59
CA PHE A 690 4.35 -30.45 62.63
C PHE A 690 4.93 -30.78 64.00
N PHE A 691 4.97 -29.78 64.87
CA PHE A 691 5.38 -29.96 66.25
C PHE A 691 4.45 -29.17 67.14
N SER A 692 4.32 -29.60 68.39
CA SER A 692 3.52 -28.89 69.38
C SER A 692 4.24 -28.87 70.73
N TYR A 693 4.12 -27.75 71.44
CA TYR A 693 4.83 -27.55 72.68
C TYR A 693 3.96 -26.74 73.63
N ASN A 694 4.14 -26.98 74.93
CA ASN A 694 3.61 -26.12 75.97
C ASN A 694 4.78 -25.53 76.74
N LEU A 695 4.86 -24.20 76.73
CA LEU A 695 5.99 -23.48 77.32
C LEU A 695 5.70 -22.98 78.73
N THR A 696 4.50 -23.24 79.25
CA THR A 696 4.11 -22.67 80.54
C THR A 696 5.01 -23.13 81.68
N ALA A 697 5.70 -24.26 81.51
CA ALA A 697 6.65 -24.71 82.52
C ALA A 697 7.85 -23.79 82.65
N GLN A 698 8.17 -23.00 81.63
CA GLN A 698 9.31 -22.09 81.71
C GLN A 698 8.84 -20.65 81.79
N PRO A 699 9.32 -19.87 82.75
CA PRO A 699 8.98 -18.45 82.77
C PRO A 699 9.41 -17.71 81.51
N ASP A 700 10.63 -17.96 81.04
CA ASP A 700 11.14 -17.29 79.83
C ASP A 700 10.72 -18.08 78.59
N VAL A 701 9.42 -17.98 78.29
CA VAL A 701 8.88 -18.66 77.13
C VAL A 701 9.57 -18.20 75.85
N GLN A 702 9.90 -16.91 75.79
CA GLN A 702 10.56 -16.36 74.60
C GLN A 702 11.88 -17.04 74.29
N GLN A 703 12.71 -17.29 75.30
CA GLN A 703 13.97 -17.98 75.05
C GLN A 703 13.74 -19.41 74.57
N ALA A 704 12.74 -20.09 75.12
CA ALA A 704 12.48 -21.47 74.76
C ALA A 704 12.01 -21.56 73.31
N ILE A 705 11.05 -20.72 72.95
CA ILE A 705 10.52 -20.71 71.59
C ILE A 705 11.58 -20.26 70.58
N GLU A 706 12.45 -19.32 70.98
CA GLU A 706 13.58 -18.93 70.15
C GLU A 706 14.51 -20.10 69.89
N ALA A 707 14.94 -20.79 70.95
CA ALA A 707 15.85 -21.92 70.79
C ALA A 707 15.22 -23.05 69.98
N GLU A 708 13.92 -23.30 70.16
CA GLU A 708 13.27 -24.36 69.42
C GLU A 708 13.11 -24.02 67.94
N THR A 709 12.75 -22.77 67.62
CA THR A 709 12.69 -22.40 66.22
C THR A 709 14.08 -22.39 65.58
N GLN A 710 15.09 -21.97 66.31
CA GLN A 710 16.47 -22.14 65.87
C GLN A 710 16.78 -23.59 65.55
N ARG A 711 16.25 -24.52 66.34
CA ARG A 711 16.42 -25.94 66.06
C ARG A 711 15.73 -26.35 64.75
N LEU A 712 14.46 -26.01 64.61
CA LEU A 712 13.68 -26.44 63.44
C LEU A 712 14.31 -26.00 62.11
N HIS A 713 14.89 -24.80 62.06
CA HIS A 713 15.47 -24.30 60.82
C HIS A 713 16.50 -25.24 60.20
N SER A 714 17.10 -26.12 60.99
CA SER A 714 18.15 -27.00 60.49
C SER A 714 17.64 -28.22 59.73
N SER A 715 16.34 -28.37 59.52
CA SER A 715 15.77 -29.69 59.23
C SER A 715 15.13 -29.82 57.85
N MET A 716 15.49 -28.99 56.88
CA MET A 716 14.91 -29.12 55.54
C MET A 716 15.63 -30.21 54.76
N ASN A 717 15.00 -31.39 54.67
CA ASN A 717 15.49 -32.48 53.82
C ASN A 717 15.09 -32.23 52.37
N LEU A 718 15.92 -31.49 51.65
CA LEU A 718 15.51 -31.00 50.34
C LEU A 718 15.26 -32.14 49.35
N GLN A 719 16.00 -33.25 49.50
CA GLN A 719 15.79 -34.39 48.61
C GLN A 719 14.49 -35.13 48.90
N GLU A 720 14.13 -35.25 50.19
CA GLU A 720 12.99 -36.08 50.56
C GLU A 720 12.49 -35.62 51.93
N GLY A 721 11.37 -34.91 51.92
CA GLY A 721 10.75 -34.46 53.15
C GLY A 721 9.85 -33.28 52.90
N PRO A 722 9.13 -32.84 53.92
CA PRO A 722 8.35 -31.60 53.78
C PRO A 722 9.28 -30.40 53.81
N LEU A 723 8.97 -29.42 52.98
CA LEU A 723 9.65 -28.14 53.03
C LEU A 723 8.94 -27.13 53.90
N VAL A 724 7.78 -27.47 54.46
CA VAL A 724 7.08 -26.62 55.41
C VAL A 724 7.18 -27.24 56.79
N LYS A 725 7.65 -26.46 57.76
CA LYS A 725 7.68 -26.86 59.16
C LYS A 725 6.71 -25.99 59.93
N VAL A 726 5.97 -26.61 60.84
CA VAL A 726 5.01 -25.89 61.68
C VAL A 726 5.22 -26.31 63.12
N ALA A 727 5.20 -25.33 64.01
CA ALA A 727 5.23 -25.61 65.44
C ALA A 727 4.26 -24.69 66.15
N LEU A 728 3.54 -25.25 67.12
CA LEU A 728 2.60 -24.51 67.95
C LEU A 728 3.11 -24.48 69.38
N PHE A 729 3.16 -23.29 69.97
CA PHE A 729 3.63 -23.11 71.34
C PHE A 729 2.47 -22.58 72.16
N GLN A 730 2.04 -23.36 73.15
CA GLN A 730 0.97 -22.96 74.06
C GLN A 730 1.51 -22.13 75.22
N THR A 731 0.72 -21.15 75.64
CA THR A 731 1.07 -20.30 76.77
C THR A 731 -0.21 -19.72 77.34
N LEU A 732 -0.14 -19.36 78.62
CA LEU A 732 -1.33 -18.87 79.32
C LEU A 732 -1.92 -17.65 78.62
N HIS A 733 -1.06 -16.82 78.03
CA HIS A 733 -1.48 -15.60 77.33
C HIS A 733 -2.07 -15.87 75.95
N GLY A 734 -2.15 -17.11 75.53
CA GLY A 734 -2.60 -17.46 74.19
C GLY A 734 -1.60 -18.30 73.43
N ASP A 735 -2.05 -18.83 72.30
CA ASP A 735 -1.23 -19.71 71.49
C ASP A 735 -0.39 -18.93 70.48
N HIS A 736 0.83 -19.41 70.28
CA HIS A 736 1.76 -18.91 69.29
C HIS A 736 1.98 -19.97 68.22
N LEU A 737 1.97 -19.55 66.95
CA LEU A 737 2.10 -20.47 65.83
C LEU A 737 3.31 -20.08 65.00
N PHE A 738 4.23 -21.02 64.83
CA PHE A 738 5.42 -20.81 64.02
C PHE A 738 5.27 -21.50 62.67
N LEU A 739 5.48 -20.75 61.60
CA LEU A 739 5.62 -21.28 60.25
C LEU A 739 7.03 -21.06 59.75
N ALA A 740 7.63 -22.09 59.16
CA ALA A 740 8.86 -21.90 58.42
C ALA A 740 8.83 -22.67 57.13
N ILE A 741 9.34 -22.06 56.07
CA ILE A 741 9.25 -22.58 54.71
C ILE A 741 10.58 -22.36 54.03
N HIS A 742 11.07 -23.37 53.33
CA HIS A 742 12.31 -23.19 52.58
C HIS A 742 12.10 -22.16 51.48
N HIS A 743 13.07 -21.26 51.34
CA HIS A 743 12.86 -20.11 50.46
C HIS A 743 12.67 -20.50 49.01
N LEU A 744 13.12 -21.69 48.61
CA LEU A 744 12.95 -22.11 47.23
C LEU A 744 11.49 -22.12 46.77
N VAL A 745 10.53 -22.14 47.68
CA VAL A 745 9.15 -22.31 47.27
C VAL A 745 8.22 -21.20 47.76
N VAL A 746 8.76 -20.10 48.28
CA VAL A 746 7.89 -19.07 48.83
C VAL A 746 8.54 -17.69 48.70
N ASP A 747 7.72 -16.66 48.89
CA ASP A 747 8.08 -15.29 48.55
C ASP A 747 7.15 -14.37 49.33
N GLY A 748 7.54 -13.10 49.44
CA GLY A 748 6.75 -12.16 50.22
C GLY A 748 5.31 -12.05 49.75
N ILE A 749 5.11 -11.86 48.45
CA ILE A 749 3.76 -11.91 47.91
C ILE A 749 3.11 -13.26 48.20
N SER A 750 3.91 -14.32 48.09
CA SER A 750 3.41 -15.64 48.42
C SER A 750 3.08 -15.76 49.89
N TRP A 751 3.76 -15.00 50.75
CA TRP A 751 3.37 -15.01 52.15
C TRP A 751 2.07 -14.23 52.39
N ARG A 752 1.89 -13.10 51.73
CA ARG A 752 0.62 -12.39 51.84
C ARG A 752 -0.54 -13.28 51.42
N ILE A 753 -0.41 -13.94 50.27
CA ILE A 753 -1.39 -14.93 49.84
C ILE A 753 -1.60 -15.99 50.90
N LEU A 754 -0.51 -16.61 51.36
CA LEU A 754 -0.64 -17.72 52.28
C LEU A 754 -1.33 -17.30 53.57
N PHE A 755 -1.04 -16.10 54.07
CA PHE A 755 -1.71 -15.61 55.27
C PHE A 755 -3.19 -15.37 55.05
N GLU A 756 -3.58 -14.67 53.98
CA GLU A 756 -5.00 -14.41 53.84
C GLU A 756 -5.79 -15.67 53.50
N ASP A 757 -5.17 -16.61 52.78
CA ASP A 757 -5.77 -17.94 52.62
C ASP A 757 -5.87 -18.68 53.95
N LEU A 758 -4.86 -18.57 54.80
CA LEU A 758 -4.94 -19.18 56.13
C LEU A 758 -6.06 -18.57 56.95
N ALA A 759 -6.23 -17.25 56.85
CA ALA A 759 -7.31 -16.58 57.55
C ALA A 759 -8.67 -17.10 57.09
N THR A 760 -8.92 -17.11 55.78
CA THR A 760 -10.21 -17.62 55.31
C THR A 760 -10.39 -19.12 55.58
N GLY A 761 -9.31 -19.90 55.54
CA GLY A 761 -9.40 -21.30 55.93
C GLY A 761 -9.76 -21.50 57.39
N TYR A 762 -9.15 -20.72 58.29
CA TYR A 762 -9.50 -20.81 59.69
C TYR A 762 -10.92 -20.33 59.93
N ALA A 763 -11.35 -19.29 59.23
CA ALA A 763 -12.73 -18.84 59.34
C ALA A 763 -13.70 -19.95 58.92
N GLN A 764 -13.39 -20.66 57.84
CA GLN A 764 -14.19 -21.82 57.46
C GLN A 764 -14.15 -22.93 58.52
N ALA A 765 -12.97 -23.25 59.04
CA ALA A 765 -12.85 -24.30 60.04
C ALA A 765 -13.59 -23.95 61.34
N LEU A 766 -13.51 -22.69 61.77
CA LEU A 766 -14.27 -22.26 62.93
C LEU A 766 -15.76 -22.28 62.66
N ALA A 767 -16.17 -21.89 61.45
CA ALA A 767 -17.57 -22.04 61.07
C ALA A 767 -17.95 -23.50 60.82
N GLY A 768 -16.97 -24.41 60.79
CA GLY A 768 -17.28 -25.80 60.56
C GLY A 768 -17.69 -26.13 59.16
N GLN A 769 -17.63 -25.16 58.24
CA GLN A 769 -17.91 -25.40 56.84
C GLN A 769 -16.69 -26.00 56.14
N ALA A 770 -16.95 -26.56 54.96
CA ALA A 770 -15.90 -27.19 54.17
C ALA A 770 -14.83 -26.18 53.75
N ILE A 771 -13.59 -26.46 54.14
CA ILE A 771 -12.48 -25.57 53.82
C ILE A 771 -12.29 -25.54 52.31
N SER A 772 -12.36 -24.35 51.72
CA SER A 772 -12.53 -24.23 50.26
C SER A 772 -11.89 -22.91 49.85
N LEU A 773 -10.61 -22.98 49.48
CA LEU A 773 -9.83 -21.82 49.14
C LEU A 773 -10.21 -21.27 47.76
N PRO A 774 -9.80 -20.03 47.47
CA PRO A 774 -10.07 -19.42 46.16
C PRO A 774 -9.62 -20.28 44.98
N GLU A 775 -10.13 -19.94 43.80
CA GLU A 775 -9.77 -20.67 42.58
C GLU A 775 -8.28 -20.60 42.32
N LYS A 776 -7.68 -21.78 42.14
CA LYS A 776 -6.24 -21.88 41.89
C LYS A 776 -5.86 -21.16 40.60
N THR A 777 -4.99 -20.16 40.73
CA THR A 777 -4.34 -19.55 39.58
C THR A 777 -3.24 -20.46 39.03
N ASP A 778 -2.70 -20.05 37.89
CA ASP A 778 -1.83 -20.91 37.09
C ASP A 778 -0.64 -21.40 37.92
N SER A 779 -0.49 -22.72 37.97
CA SER A 779 0.44 -23.35 38.90
C SER A 779 1.88 -23.21 38.44
N PHE A 780 2.78 -23.15 39.43
CA PHE A 780 4.17 -22.80 39.21
C PHE A 780 4.83 -23.65 38.13
N GLN A 781 4.44 -24.92 38.05
CA GLN A 781 4.90 -25.78 36.96
C GLN A 781 4.69 -25.15 35.59
N SER A 782 3.47 -24.65 35.34
CA SER A 782 3.19 -24.02 34.05
C SER A 782 3.93 -22.70 33.90
N TRP A 783 4.14 -21.97 34.99
CA TRP A 783 4.96 -20.77 34.91
C TRP A 783 6.39 -21.11 34.48
N SER A 784 6.99 -22.10 35.12
CA SER A 784 8.32 -22.55 34.71
C SER A 784 8.35 -22.98 33.25
N GLN A 785 7.32 -23.69 32.80
CA GLN A 785 7.27 -24.11 31.40
C GLN A 785 7.21 -22.93 30.45
N TRP A 786 6.23 -22.05 30.65
CA TRP A 786 6.10 -20.87 29.79
C TRP A 786 7.33 -19.97 29.85
N LEU A 787 8.01 -19.93 30.99
CA LEU A 787 9.26 -19.17 31.09
C LEU A 787 10.37 -19.80 30.26
N GLN A 788 10.52 -21.12 30.36
CA GLN A 788 11.51 -21.80 29.53
C GLN A 788 11.20 -21.59 28.05
N GLU A 789 9.92 -21.59 27.70
CA GLU A 789 9.53 -21.32 26.32
C GLU A 789 9.82 -19.87 25.96
N TYR A 790 9.40 -18.94 26.82
CA TYR A 790 9.67 -17.52 26.59
C TYR A 790 11.17 -17.23 26.55
N ALA A 791 11.97 -17.95 27.34
CA ALA A 791 13.39 -17.63 27.46
C ALA A 791 14.14 -17.68 26.14
N ASN A 792 13.60 -18.36 25.13
CA ASN A 792 14.24 -18.45 23.82
C ASN A 792 13.56 -17.60 22.75
N GLU A 793 12.46 -16.94 23.06
CA GLU A 793 11.84 -16.04 22.09
C GLU A 793 12.74 -14.85 21.77
N ALA A 794 12.67 -14.40 20.52
CA ALA A 794 13.41 -13.22 20.10
C ALA A 794 12.97 -11.97 20.85
N ASP A 795 11.74 -11.99 21.37
CA ASP A 795 11.23 -10.87 22.16
C ASP A 795 12.17 -10.53 23.31
N LEU A 796 12.54 -11.52 24.11
CA LEU A 796 13.51 -11.28 25.17
C LEU A 796 14.85 -10.84 24.60
N LEU A 797 15.30 -11.49 23.52
CA LEU A 797 16.60 -11.14 22.95
C LEU A 797 16.64 -9.69 22.50
N SER A 798 15.49 -9.11 22.17
CA SER A 798 15.45 -7.69 21.84
C SER A 798 16.00 -6.83 22.97
N GLU A 799 15.92 -7.33 24.20
CA GLU A 799 16.51 -6.64 25.34
C GLU A 799 18.03 -6.74 25.34
N ILE A 800 18.58 -7.70 24.60
CA ILE A 800 19.99 -8.03 24.75
C ILE A 800 20.90 -6.84 24.48
N PRO A 801 20.62 -5.96 23.52
CA PRO A 801 21.49 -4.78 23.36
C PRO A 801 21.44 -3.81 24.53
N TYR A 802 20.35 -3.77 25.29
CA TYR A 802 20.34 -2.96 26.50
C TYR A 802 21.24 -3.54 27.58
N TRP A 803 21.05 -4.81 27.92
CA TRP A 803 21.89 -5.40 28.95
C TRP A 803 23.35 -5.48 28.52
N GLU A 804 23.62 -5.60 27.22
CA GLU A 804 24.99 -5.42 26.73
C GLU A 804 25.50 -4.01 26.98
N SER A 805 24.70 -2.99 26.65
CA SER A 805 25.12 -1.62 26.89
C SER A 805 25.36 -1.34 28.36
N LEU A 806 24.64 -2.05 29.22
CA LEU A 806 24.94 -2.05 30.66
C LEU A 806 26.27 -2.71 30.98
N GLU A 807 26.41 -3.99 30.65
CA GLU A 807 27.58 -4.74 31.08
C GLU A 807 28.87 -4.18 30.48
N SER A 808 28.82 -3.70 29.25
CA SER A 808 29.98 -3.09 28.63
C SER A 808 30.35 -1.76 29.28
N GLN A 809 29.45 -1.16 30.03
CA GLN A 809 29.82 -0.01 30.86
C GLN A 809 30.15 -0.40 32.28
N ALA A 810 29.58 -1.49 32.80
CA ALA A 810 29.83 -1.93 34.16
C ALA A 810 31.19 -2.60 34.33
N LYS A 811 31.95 -2.74 33.24
CA LYS A 811 33.14 -3.59 33.24
C LYS A 811 34.06 -3.30 34.42
N ASN A 812 34.30 -2.01 34.69
CA ASN A 812 35.22 -1.59 35.75
C ASN A 812 34.52 -1.16 37.02
N VAL A 813 33.25 -1.51 37.18
CA VAL A 813 32.56 -1.25 38.44
C VAL A 813 33.26 -2.00 39.56
N SER A 814 33.39 -1.34 40.72
CA SER A 814 34.05 -1.94 41.87
C SER A 814 33.50 -1.32 43.14
N LEU A 815 33.73 -2.00 44.25
CA LEU A 815 33.39 -1.47 45.57
C LEU A 815 34.55 -1.66 46.55
N PRO A 816 34.94 -0.62 47.26
CA PRO A 816 36.04 -0.74 48.22
C PRO A 816 35.63 -1.54 49.44
N LYS A 817 36.64 -2.07 50.13
CA LYS A 817 36.45 -2.83 51.35
C LYS A 817 37.37 -2.27 52.43
N ASP A 818 36.90 -2.34 53.68
CA ASP A 818 37.77 -1.92 54.79
C ASP A 818 38.91 -2.90 54.99
N TYR A 819 38.71 -4.16 54.63
CA TYR A 819 39.73 -5.18 54.70
C TYR A 819 39.65 -6.03 53.44
N GLU A 820 40.79 -6.46 52.94
CA GLU A 820 40.83 -7.31 51.75
C GLU A 820 40.45 -8.73 52.16
N VAL A 821 39.20 -9.12 51.94
CA VAL A 821 38.75 -10.48 52.20
C VAL A 821 37.70 -10.84 51.17
N THR A 822 37.63 -12.13 50.85
CA THR A 822 36.85 -12.60 49.71
C THR A 822 35.72 -13.57 50.05
N ASP A 823 35.60 -14.01 51.31
CA ASP A 823 34.41 -14.74 51.71
C ASP A 823 34.13 -14.49 53.18
N CYS A 824 32.85 -14.61 53.55
CA CYS A 824 32.41 -14.47 54.92
C CYS A 824 31.26 -15.43 55.18
N LYS A 825 31.01 -15.70 56.46
CA LYS A 825 29.90 -16.52 56.88
C LYS A 825 28.86 -15.67 57.59
N GLN A 826 27.60 -16.11 57.48
CA GLN A 826 26.49 -15.30 57.97
C GLN A 826 26.67 -14.83 59.41
N LYS A 827 27.37 -15.62 60.24
CA LYS A 827 27.67 -15.17 61.59
C LYS A 827 28.52 -13.90 61.61
N SER A 828 29.24 -13.60 60.53
CA SER A 828 30.00 -12.37 60.46
C SER A 828 29.17 -11.15 60.11
N VAL A 829 27.94 -11.34 59.67
CA VAL A 829 27.12 -10.21 59.22
C VAL A 829 26.58 -9.44 60.41
N ARG A 830 26.61 -8.12 60.31
CA ARG A 830 25.97 -7.23 61.26
C ARG A 830 25.04 -6.29 60.51
N ASN A 831 24.00 -5.82 61.19
CA ASN A 831 23.09 -4.86 60.61
C ASN A 831 22.78 -3.77 61.62
N MET A 832 22.44 -2.59 61.08
CA MET A 832 22.11 -1.42 61.87
C MET A 832 20.96 -0.70 61.18
N ARG A 833 20.14 0.00 61.96
CA ARG A 833 18.93 0.61 61.44
C ARG A 833 18.94 2.11 61.68
N ILE A 834 18.38 2.85 60.73
CA ILE A 834 18.17 4.28 60.84
C ILE A 834 16.70 4.55 60.54
N ARG A 835 16.17 5.60 61.15
CA ARG A 835 14.74 5.89 61.06
C ARG A 835 14.55 7.35 60.65
N LEU A 836 13.49 7.60 59.91
CA LEU A 836 12.93 8.94 59.78
C LEU A 836 11.79 9.13 60.75
N HIS A 837 11.50 10.38 61.08
CA HIS A 837 10.39 10.67 61.97
C HIS A 837 9.05 10.43 61.27
N PRO A 838 7.98 10.25 62.03
CA PRO A 838 6.67 9.95 61.43
C PRO A 838 6.17 11.05 60.50
N GLU A 839 6.45 12.31 60.84
CA GLU A 839 6.06 13.44 60.00
C GLU A 839 6.76 13.38 58.64
N GLU A 840 8.07 13.15 58.66
CA GLU A 840 8.81 13.04 57.41
C GLU A 840 8.40 11.81 56.62
N THR A 841 8.08 10.71 57.31
CA THR A 841 7.57 9.54 56.61
C THR A 841 6.24 9.82 55.92
N GLU A 842 5.34 10.55 56.58
CA GLU A 842 4.08 10.91 55.93
C GLU A 842 4.30 11.87 54.76
N GLN A 843 5.21 12.83 54.90
CA GLN A 843 5.55 13.69 53.77
C GLN A 843 6.10 12.88 52.60
N LEU A 844 7.00 11.94 52.87
CA LEU A 844 7.53 11.09 51.81
C LEU A 844 6.45 10.23 51.16
N LEU A 845 5.53 9.69 51.95
CA LEU A 845 4.45 8.87 51.42
C LEU A 845 3.43 9.67 50.60
N LYS A 846 3.19 10.93 50.94
CA LYS A 846 2.06 11.64 50.32
C LYS A 846 2.44 12.78 49.40
N HIS A 847 3.49 13.54 49.69
CA HIS A 847 3.72 14.81 49.04
C HIS A 847 5.02 14.90 48.25
N ALA A 848 6.05 14.16 48.65
CA ALA A 848 7.33 14.25 47.96
C ALA A 848 7.27 13.73 46.54
N ASN A 849 6.35 12.83 46.23
CA ASN A 849 6.29 12.27 44.88
C ASN A 849 5.84 13.31 43.86
N GLN A 850 4.81 14.07 44.19
CA GLN A 850 4.06 14.78 43.16
C GLN A 850 4.96 15.75 42.39
N ALA A 851 5.92 16.38 43.06
CA ALA A 851 6.71 17.42 42.42
C ALA A 851 7.51 16.91 41.22
N TYR A 852 7.66 15.61 41.06
CA TYR A 852 8.34 15.06 39.89
C TYR A 852 7.63 13.88 39.27
N GLN A 853 6.47 13.49 39.79
CA GLN A 853 5.78 12.27 39.37
C GLN A 853 6.68 11.05 39.53
N THR A 854 7.58 11.08 40.50
CA THR A 854 8.34 9.90 40.86
C THR A 854 7.40 8.90 41.53
N GLU A 855 7.89 7.68 41.71
CA GLU A 855 7.34 6.84 42.76
C GLU A 855 8.34 6.67 43.89
N ILE A 856 7.86 6.09 44.99
CA ILE A 856 8.63 5.96 46.23
C ILE A 856 10.02 5.39 45.96
N ASN A 857 10.09 4.33 45.16
CA ASN A 857 11.38 3.72 44.86
C ASN A 857 12.36 4.70 44.26
N ASP A 858 11.88 5.62 43.42
CA ASP A 858 12.78 6.54 42.75
C ASP A 858 13.50 7.45 43.73
N LEU A 859 12.82 7.85 44.82
CA LEU A 859 13.44 8.76 45.78
C LEU A 859 14.43 8.05 46.70
N LEU A 860 14.02 6.91 47.25
CA LEU A 860 14.92 6.13 48.09
C LEU A 860 16.19 5.75 47.33
N LEU A 861 16.04 5.45 46.05
CA LEU A 861 17.20 5.04 45.26
C LEU A 861 18.06 6.22 44.84
N ALA A 862 17.46 7.36 44.55
CA ALA A 862 18.27 8.54 44.30
C ALA A 862 19.06 8.94 45.53
N ALA A 863 18.43 8.86 46.71
CA ALA A 863 19.17 9.09 47.94
C ALA A 863 20.31 8.10 48.12
N LEU A 864 20.08 6.84 47.74
CA LEU A 864 21.15 5.86 47.81
C LEU A 864 22.30 6.24 46.90
N GLY A 865 21.97 6.72 45.70
CA GLY A 865 23.00 7.24 44.80
C GLY A 865 23.82 8.34 45.42
N LEU A 866 23.16 9.35 45.99
CA LEU A 866 23.91 10.45 46.62
C LEU A 866 24.71 9.96 47.81
N ALA A 867 24.16 9.02 48.58
CA ALA A 867 24.90 8.45 49.70
C ALA A 867 26.20 7.82 49.24
N PHE A 868 26.14 6.93 48.25
CA PHE A 868 27.37 6.36 47.72
C PHE A 868 28.26 7.41 47.08
N ALA A 869 27.69 8.44 46.47
CA ALA A 869 28.51 9.48 45.87
C ALA A 869 29.35 10.20 46.91
N GLU A 870 28.78 10.44 48.09
CA GLU A 870 29.55 11.03 49.19
C GLU A 870 30.50 10.02 49.81
N TRP A 871 30.01 8.83 50.15
CA TRP A 871 30.76 7.90 50.98
C TRP A 871 31.88 7.20 50.20
N SER A 872 31.61 6.74 48.98
CA SER A 872 32.60 6.00 48.22
C SER A 872 33.46 6.90 47.35
N LYS A 873 32.94 8.04 46.93
CA LYS A 873 33.61 8.90 45.97
C LYS A 873 33.92 8.16 44.67
N LEU A 874 33.14 7.13 44.37
CA LEU A 874 33.26 6.43 43.11
C LEU A 874 32.53 7.18 42.00
N ALA A 875 32.98 6.96 40.76
CA ALA A 875 32.32 7.61 39.63
C ALA A 875 30.99 6.95 39.29
N GLN A 876 30.85 5.66 39.57
CA GLN A 876 29.63 4.93 39.26
C GLN A 876 29.46 3.83 40.30
N ILE A 877 28.23 3.34 40.43
CA ILE A 877 27.99 2.17 41.25
C ILE A 877 26.83 1.39 40.66
N VAL A 878 26.82 0.09 40.91
CA VAL A 878 25.78 -0.81 40.43
C VAL A 878 25.01 -1.35 41.63
N ILE A 879 23.69 -1.33 41.53
CA ILE A 879 22.82 -1.81 42.60
C ILE A 879 21.86 -2.83 42.03
N HIS A 880 21.68 -3.93 42.77
CA HIS A 880 20.77 -5.00 42.38
C HIS A 880 19.44 -4.83 43.09
N LEU A 881 18.34 -4.94 42.36
CA LEU A 881 17.01 -4.77 42.92
C LEU A 881 16.20 -6.04 42.72
N GLU A 882 15.38 -6.36 43.71
CA GLU A 882 14.44 -7.47 43.64
C GLU A 882 13.09 -6.97 43.16
N GLY A 883 12.77 -7.21 41.90
CA GLY A 883 11.40 -7.11 41.47
C GLY A 883 10.57 -8.29 41.95
N HIS A 884 9.26 -8.08 42.04
CA HIS A 884 8.38 -9.14 42.48
C HIS A 884 8.16 -10.21 41.42
N GLY A 885 8.80 -10.10 40.26
CA GLY A 885 8.49 -10.99 39.16
C GLY A 885 7.09 -10.74 38.63
N ARG A 886 6.46 -11.79 38.12
CA ARG A 886 5.04 -11.74 37.76
C ARG A 886 4.75 -10.65 36.73
N GLU A 887 5.75 -10.30 35.94
CA GLU A 887 5.66 -9.13 35.07
C GLU A 887 4.82 -9.36 33.83
N ASP A 888 3.73 -10.13 33.94
CA ASP A 888 2.80 -10.31 32.84
C ASP A 888 3.48 -10.78 31.57
N ILE A 889 4.53 -11.60 31.70
CA ILE A 889 5.37 -11.90 30.55
C ILE A 889 4.63 -12.78 29.56
N ILE A 890 3.78 -13.68 30.05
CA ILE A 890 2.96 -14.53 29.20
C ILE A 890 1.51 -14.11 29.39
N GLU A 891 0.87 -13.70 28.28
CA GLU A 891 -0.43 -13.03 28.39
C GLU A 891 -1.49 -13.93 28.98
N GLN A 892 -1.43 -15.23 28.71
CA GLN A 892 -2.40 -16.15 29.28
C GLN A 892 -2.08 -16.54 30.72
N ALA A 893 -0.94 -16.09 31.25
CA ALA A 893 -0.50 -16.51 32.57
C ALA A 893 -1.03 -15.54 33.62
N ASN A 894 -1.79 -16.07 34.57
CA ASN A 894 -2.21 -15.33 35.76
C ASN A 894 -1.62 -16.03 36.98
N VAL A 895 -0.88 -15.28 37.79
CA VAL A 895 -0.20 -15.83 38.94
C VAL A 895 -0.58 -15.10 40.23
N ALA A 896 -1.70 -14.37 40.21
CA ALA A 896 -2.05 -13.49 41.32
C ALA A 896 -2.27 -14.29 42.60
N ARG A 897 -2.49 -15.59 42.47
CA ARG A 897 -2.73 -16.50 43.59
C ARG A 897 -1.70 -17.62 43.61
N THR A 898 -0.57 -17.42 42.95
CA THR A 898 0.43 -18.47 42.76
C THR A 898 1.52 -18.34 43.82
N VAL A 899 1.70 -19.40 44.61
CA VAL A 899 2.79 -19.49 45.55
C VAL A 899 4.05 -19.97 44.84
N GLY A 900 5.15 -19.25 45.03
CA GLY A 900 6.43 -19.66 44.49
C GLY A 900 7.48 -18.63 44.81
N TRP A 901 8.70 -18.89 44.37
CA TRP A 901 9.79 -17.92 44.51
C TRP A 901 9.97 -17.20 43.18
N PHE A 902 9.23 -16.11 43.00
CA PHE A 902 9.27 -15.36 41.76
C PHE A 902 10.28 -14.22 41.77
N THR A 903 10.89 -13.94 42.92
CA THR A 903 11.77 -12.78 43.06
C THR A 903 12.76 -12.66 41.92
N SER A 904 12.69 -11.56 41.19
CA SER A 904 13.45 -11.37 39.96
C SER A 904 14.51 -10.31 40.22
N GLN A 905 15.77 -10.67 40.01
CA GLN A 905 16.90 -9.80 40.31
C GLN A 905 17.45 -9.18 39.04
N TYR A 906 17.69 -7.88 39.07
CA TYR A 906 18.35 -7.20 37.97
C TYR A 906 19.31 -6.16 38.51
N PRO A 907 20.45 -5.95 37.85
CA PRO A 907 21.33 -4.85 38.21
C PRO A 907 20.87 -3.54 37.62
N VAL A 908 21.24 -2.45 38.29
CA VAL A 908 21.05 -1.10 37.77
C VAL A 908 22.30 -0.28 38.03
N LEU A 909 22.70 0.53 37.06
CA LEU A 909 23.83 1.44 37.19
C LEU A 909 23.32 2.84 37.53
N LEU A 910 23.75 3.37 38.67
CA LEU A 910 23.38 4.72 39.10
C LEU A 910 24.51 5.68 38.81
N ASP A 911 24.21 6.74 38.05
CA ASP A 911 25.21 7.74 37.70
C ASP A 911 25.46 8.69 38.87
N LEU A 912 26.73 8.88 39.20
CA LEU A 912 27.13 9.73 40.32
C LEU A 912 27.99 10.92 39.90
N LYS A 913 28.16 11.17 38.60
CA LYS A 913 29.06 12.22 38.14
C LYS A 913 28.50 13.63 38.28
N GLN A 914 27.18 13.79 38.31
CA GLN A 914 26.54 15.10 38.15
C GLN A 914 25.55 15.36 39.26
N THR A 915 25.96 15.09 40.50
CA THR A 915 25.10 15.19 41.67
C THR A 915 24.81 16.63 42.08
N ALA A 916 25.48 17.61 41.49
CA ALA A 916 25.36 18.99 41.98
C ALA A 916 23.95 19.54 41.81
N PRO A 917 23.36 19.58 40.62
CA PRO A 917 21.97 20.00 40.50
C PRO A 917 20.98 18.93 40.93
N LEU A 918 20.61 18.98 42.21
CA LEU A 918 19.63 18.05 42.75
C LEU A 918 18.32 18.06 41.96
N SER A 919 17.99 19.20 41.35
CA SER A 919 16.82 19.25 40.49
C SER A 919 16.91 18.22 39.36
N ASP A 920 18.12 17.90 38.92
CA ASP A 920 18.30 17.04 37.76
C ASP A 920 18.65 15.61 38.14
N TYR A 921 19.37 15.43 39.25
CA TYR A 921 19.71 14.09 39.69
C TYR A 921 18.47 13.23 39.90
N ILE A 922 17.46 13.80 40.55
CA ILE A 922 16.23 13.05 40.74
C ILE A 922 15.51 12.78 39.43
N LYS A 923 15.64 13.66 38.46
CA LYS A 923 15.11 13.38 37.13
C LYS A 923 15.89 12.26 36.44
N LEU A 924 17.21 12.32 36.51
CA LEU A 924 18.04 11.31 35.86
C LEU A 924 17.78 9.92 36.42
N THR A 925 17.75 9.81 37.75
CA THR A 925 17.40 8.53 38.39
C THR A 925 15.99 8.08 38.02
N LYS A 926 15.04 9.01 37.97
CA LYS A 926 13.70 8.64 37.54
C LYS A 926 13.72 8.02 36.15
N GLU A 927 14.42 8.63 35.21
CA GLU A 927 14.38 8.13 33.83
C GLU A 927 15.11 6.80 33.66
N ASN A 928 16.27 6.62 34.31
CA ASN A 928 16.95 5.33 34.21
C ASN A 928 16.09 4.18 34.70
N MET A 929 15.35 4.40 35.78
CA MET A 929 14.41 3.38 36.25
C MET A 929 13.33 3.06 35.23
N ARG A 930 13.05 3.97 34.29
CA ARG A 930 12.04 3.69 33.28
C ARG A 930 12.60 3.06 32.01
N LYS A 931 13.88 3.20 31.74
CA LYS A 931 14.47 2.58 30.57
C LYS A 931 14.61 1.06 30.71
N ILE A 932 14.67 0.53 31.93
CA ILE A 932 14.71 -0.91 32.16
C ILE A 932 13.51 -1.62 31.55
N PRO A 933 13.72 -2.52 30.59
CA PRO A 933 12.61 -3.26 29.98
C PRO A 933 11.89 -4.14 31.00
N ARG A 934 10.57 -4.19 30.85
CA ARG A 934 9.72 -5.09 31.65
C ARG A 934 10.09 -5.05 33.13
N LYS A 935 10.55 -3.90 33.59
CA LYS A 935 11.05 -3.75 34.96
C LYS A 935 12.06 -4.82 35.34
N GLY A 936 12.86 -5.28 34.39
CA GLY A 936 14.04 -6.07 34.71
C GLY A 936 13.85 -7.57 34.86
N ILE A 937 12.67 -8.11 34.56
CA ILE A 937 12.48 -9.55 34.63
C ILE A 937 13.35 -10.31 33.64
N GLY A 938 13.75 -9.67 32.55
CA GLY A 938 14.46 -10.37 31.49
C GLY A 938 15.86 -10.82 31.85
N TYR A 939 16.59 -10.04 32.64
CA TYR A 939 18.03 -10.22 32.76
C TYR A 939 18.42 -11.59 33.32
N ASP A 940 17.77 -12.03 34.38
CA ASP A 940 18.16 -13.33 34.91
C ASP A 940 17.65 -14.52 34.11
N ILE A 941 16.66 -14.34 33.24
CA ILE A 941 16.38 -15.35 32.22
C ILE A 941 17.55 -15.49 31.26
N LEU A 942 18.08 -14.37 30.76
CA LEU A 942 19.25 -14.43 29.91
C LEU A 942 20.45 -15.04 30.63
N LYS A 943 20.59 -14.80 31.92
CA LYS A 943 21.71 -15.39 32.64
C LYS A 943 21.51 -16.88 32.91
N HIS A 944 20.28 -17.33 33.13
CA HIS A 944 20.06 -18.68 33.62
C HIS A 944 19.24 -19.61 32.72
N VAL A 945 18.49 -19.10 31.75
CA VAL A 945 17.56 -19.99 31.07
C VAL A 945 17.63 -19.92 29.54
N THR A 946 17.96 -18.76 28.98
CA THR A 946 18.05 -18.68 27.53
C THR A 946 19.20 -19.55 27.02
N LEU A 947 18.95 -20.26 25.94
CA LEU A 947 19.95 -21.17 25.39
C LEU A 947 21.17 -20.40 24.90
N PRO A 948 22.38 -20.84 25.24
CA PRO A 948 23.51 -19.90 25.31
C PRO A 948 23.97 -19.40 23.95
N GLU A 949 23.45 -19.94 22.85
CA GLU A 949 23.72 -19.32 21.55
C GLU A 949 22.93 -18.03 21.38
N ASN A 950 21.78 -17.91 22.03
CA ASN A 950 20.96 -16.72 21.82
C ASN A 950 21.53 -15.52 22.56
N ARG A 951 22.13 -15.75 23.73
CA ARG A 951 22.40 -14.68 24.67
C ARG A 951 23.71 -13.96 24.37
N GLY A 952 24.10 -13.98 23.10
CA GLY A 952 25.03 -13.01 22.56
C GLY A 952 26.31 -12.85 23.34
N SER A 953 26.77 -11.60 23.41
CA SER A 953 28.01 -11.19 24.07
C SER A 953 27.89 -11.14 25.59
N LEU A 954 26.74 -11.48 26.15
CA LEU A 954 26.49 -11.22 27.57
C LEU A 954 27.45 -12.00 28.45
N SER A 955 28.11 -11.29 29.35
CA SER A 955 29.18 -11.84 30.17
C SER A 955 28.69 -12.30 31.53
N PHE A 956 27.62 -11.69 32.04
CA PHE A 956 27.01 -12.08 33.31
C PHE A 956 27.98 -12.07 34.48
N ARG A 957 29.08 -11.32 34.38
CA ARG A 957 30.12 -11.34 35.40
C ARG A 957 30.22 -10.01 36.15
N VAL A 958 29.08 -9.35 36.36
CA VAL A 958 28.92 -8.35 37.41
C VAL A 958 28.12 -8.97 38.53
N GLN A 959 28.61 -8.85 39.76
CA GLN A 959 27.99 -9.56 40.85
C GLN A 959 27.44 -8.59 41.90
N PRO A 960 26.42 -8.98 42.63
CA PRO A 960 25.70 -8.09 43.56
C PRO A 960 26.51 -7.84 44.83
N GLU A 961 27.52 -6.97 44.69
CA GLU A 961 28.18 -6.44 45.88
C GLU A 961 27.22 -5.64 46.75
N VAL A 962 26.25 -4.96 46.13
CA VAL A 962 25.29 -4.14 46.84
C VAL A 962 23.90 -4.48 46.33
N THR A 963 22.92 -4.49 47.24
CA THR A 963 21.54 -4.62 46.82
C THR A 963 20.66 -3.69 47.65
N PHE A 964 19.59 -3.23 47.03
CA PHE A 964 18.60 -2.39 47.68
C PHE A 964 17.22 -2.94 47.41
N ASN A 965 16.38 -2.92 48.44
CA ASN A 965 14.98 -3.27 48.27
C ASN A 965 14.14 -2.42 49.21
N TYR A 966 12.95 -2.06 48.77
CA TYR A 966 11.96 -1.40 49.62
C TYR A 966 10.71 -2.26 49.67
N LEU A 967 10.39 -2.75 50.86
CA LEU A 967 9.13 -3.45 51.07
C LEU A 967 7.99 -2.46 51.23
N GLY A 968 6.77 -2.97 51.17
CA GLY A 968 5.62 -2.16 51.54
C GLY A 968 5.57 -1.95 53.04
N GLN A 969 4.39 -1.66 53.57
CA GLN A 969 4.16 -1.82 54.99
C GLN A 969 4.26 -3.29 55.40
N PHE A 970 4.37 -3.50 56.71
CA PHE A 970 4.22 -4.82 57.34
C PHE A 970 2.84 -5.42 57.14
N ASP A 971 1.90 -4.67 56.56
CA ASP A 971 0.49 -5.07 56.56
C ASP A 971 0.23 -6.38 55.82
N ALA A 972 1.23 -6.94 55.13
CA ALA A 972 1.09 -8.29 54.60
C ALA A 972 1.04 -9.33 55.71
N ASP A 973 1.74 -9.08 56.82
CA ASP A 973 1.68 -9.97 57.97
C ASP A 973 0.44 -9.71 58.82
N MET A 974 0.30 -8.49 59.32
CA MET A 974 -0.84 -8.11 60.15
C MET A 974 -2.08 -7.77 59.34
N ARG A 975 -2.34 -8.56 58.29
CA ARG A 975 -3.38 -8.24 57.32
C ARG A 975 -4.78 -8.42 57.87
N THR A 976 -4.94 -9.14 58.99
CA THR A 976 -6.27 -9.51 59.45
C THR A 976 -6.23 -9.70 60.96
N GLU A 977 -7.40 -9.55 61.58
CA GLU A 977 -7.53 -9.57 63.03
C GLU A 977 -7.71 -10.97 63.61
N LEU A 978 -8.03 -11.96 62.77
CA LEU A 978 -8.33 -13.29 63.30
C LEU A 978 -7.14 -13.85 64.05
N PHE A 979 -5.94 -13.41 63.69
CA PHE A 979 -4.71 -13.69 64.41
C PHE A 979 -3.70 -12.64 63.99
N THR A 980 -2.61 -12.54 64.75
CA THR A 980 -1.65 -11.49 64.50
C THR A 980 -0.25 -11.99 64.78
N ARG A 981 0.73 -11.12 64.48
CA ARG A 981 2.12 -11.40 64.77
C ARG A 981 2.32 -11.68 66.26
N SER A 982 2.98 -12.79 66.54
CA SER A 982 3.30 -13.14 67.92
C SER A 982 4.23 -12.08 68.53
N PRO A 983 3.93 -11.57 69.71
CA PRO A 983 4.90 -10.72 70.42
C PRO A 983 6.25 -11.38 70.58
N TYR A 984 6.28 -12.68 70.87
CA TYR A 984 7.49 -13.48 70.69
C TYR A 984 7.64 -13.78 69.20
N SER A 985 8.09 -12.76 68.47
CA SER A 985 8.41 -12.95 67.05
C SER A 985 9.80 -13.54 66.86
N GLY A 986 10.73 -13.23 67.75
CA GLY A 986 12.07 -13.75 67.67
C GLY A 986 12.81 -13.32 66.41
N GLY A 987 13.86 -14.08 66.10
CA GLY A 987 14.65 -13.89 64.90
C GLY A 987 14.02 -14.42 63.63
N ASN A 988 12.70 -14.62 63.64
CA ASN A 988 12.02 -15.40 62.62
C ASN A 988 11.16 -14.54 61.69
N THR A 989 11.56 -13.28 61.49
CA THR A 989 10.84 -12.40 60.61
C THR A 989 10.97 -12.85 59.16
N LEU A 990 10.11 -12.29 58.31
CA LEU A 990 10.22 -12.52 56.87
C LEU A 990 11.43 -11.82 56.28
N GLY A 991 11.78 -10.67 56.83
CA GLY A 991 12.78 -9.81 56.20
C GLY A 991 14.20 -10.26 56.45
N ALA A 992 15.12 -9.56 55.78
CA ALA A 992 16.55 -9.83 55.94
C ALA A 992 17.05 -9.52 57.33
N ASP A 993 16.23 -8.89 58.16
CA ASP A 993 16.53 -8.75 59.58
C ASP A 993 16.21 -10.02 60.36
N GLY A 994 15.63 -11.03 59.72
CA GLY A 994 15.44 -12.33 60.34
C GLY A 994 16.75 -13.00 60.66
N LYS A 995 16.89 -13.47 61.90
CA LYS A 995 18.15 -14.05 62.37
C LYS A 995 18.26 -15.53 62.08
N ASN A 996 17.18 -16.28 62.26
CA ASN A 996 17.24 -17.74 62.30
C ASN A 996 17.08 -18.37 60.93
N ASN A 997 16.49 -17.67 59.96
CA ASN A 997 16.01 -18.29 58.75
C ASN A 997 17.11 -18.56 57.71
N LEU A 998 18.31 -18.02 57.87
CA LEU A 998 19.47 -18.48 57.11
C LEU A 998 20.51 -19.12 58.01
N SER A 999 20.99 -20.30 57.61
CA SER A 999 21.85 -21.09 58.47
C SER A 999 23.16 -20.36 58.76
N PRO A 1000 23.61 -20.36 60.01
CA PRO A 1000 24.81 -19.61 60.39
C PRO A 1000 26.04 -19.92 59.56
N GLU A 1001 26.13 -21.11 58.98
CA GLU A 1001 27.27 -21.46 58.15
C GLU A 1001 27.11 -21.11 56.68
N SER A 1002 25.96 -20.63 56.26
CA SER A 1002 25.81 -20.25 54.86
C SER A 1002 26.75 -19.10 54.53
N GLU A 1003 27.23 -19.08 53.29
CA GLU A 1003 28.12 -18.03 52.85
C GLU A 1003 27.34 -16.72 52.64
N VAL A 1004 28.00 -15.60 52.94
CA VAL A 1004 27.43 -14.29 52.69
C VAL A 1004 27.52 -14.00 51.20
N TYR A 1005 26.38 -13.98 50.52
CA TYR A 1005 26.35 -13.80 49.07
C TYR A 1005 26.35 -12.35 48.63
N THR A 1006 26.04 -11.41 49.52
CA THR A 1006 26.07 -9.99 49.18
C THR A 1006 26.60 -9.19 50.35
N ALA A 1007 27.49 -8.25 50.07
CA ALA A 1007 28.21 -7.52 51.10
C ALA A 1007 27.34 -6.47 51.79
N LEU A 1008 26.64 -5.66 51.02
CA LEU A 1008 25.66 -4.72 51.54
C LEU A 1008 24.26 -5.09 51.11
N ASN A 1009 23.40 -5.39 52.07
CA ASN A 1009 21.98 -5.63 51.82
C ASN A 1009 21.18 -4.55 52.53
N ILE A 1010 20.50 -3.72 51.75
CA ILE A 1010 19.80 -2.54 52.26
C ILE A 1010 18.31 -2.73 52.01
N THR A 1011 17.52 -2.67 53.07
CA THR A 1011 16.07 -2.81 52.94
C THR A 1011 15.36 -1.72 53.73
N GLY A 1012 14.31 -1.16 53.12
CA GLY A 1012 13.44 -0.20 53.77
C GLY A 1012 12.07 -0.80 54.05
N LEU A 1013 11.48 -0.40 55.16
CA LEU A 1013 10.11 -0.78 55.47
C LEU A 1013 9.47 0.30 56.32
N ILE A 1014 8.14 0.28 56.37
CA ILE A 1014 7.37 1.24 57.15
C ILE A 1014 6.67 0.48 58.28
N GLU A 1015 6.92 0.91 59.51
CA GLU A 1015 6.27 0.33 60.67
C GLU A 1015 6.16 1.42 61.73
N GLY A 1016 5.12 1.33 62.55
CA GLY A 1016 4.85 2.39 63.48
C GLY A 1016 4.66 3.75 62.85
N GLY A 1017 4.30 3.78 61.57
CA GLY A 1017 4.25 5.03 60.85
C GLY A 1017 5.59 5.64 60.52
N GLU A 1018 6.68 4.90 60.69
CA GLU A 1018 8.01 5.41 60.38
C GLU A 1018 8.68 4.52 59.33
N LEU A 1019 9.47 5.15 58.47
CA LEU A 1019 10.40 4.44 57.60
C LEU A 1019 11.58 3.92 58.41
N VAL A 1020 11.83 2.62 58.34
CA VAL A 1020 12.99 1.98 58.94
C VAL A 1020 13.88 1.46 57.81
N LEU A 1021 15.13 1.91 57.79
CA LEU A 1021 16.14 1.40 56.88
C LEU A 1021 17.08 0.47 57.62
N THR A 1022 17.37 -0.68 57.01
CA THR A 1022 18.30 -1.67 57.54
C THR A 1022 19.49 -1.82 56.61
N PHE A 1023 20.69 -1.68 57.18
CA PHE A 1023 21.94 -1.93 56.47
C PHE A 1023 22.57 -3.19 57.04
N SER A 1024 22.81 -4.19 56.19
CA SER A 1024 23.51 -5.41 56.57
C SER A 1024 24.89 -5.46 55.93
N TYR A 1025 25.88 -5.84 56.74
CA TYR A 1025 27.27 -5.88 56.32
C TYR A 1025 27.94 -7.07 56.98
N SER A 1026 29.08 -7.48 56.42
CA SER A 1026 29.90 -8.51 57.04
C SER A 1026 30.99 -7.88 57.89
N SER A 1027 31.06 -8.28 59.17
CA SER A 1027 32.01 -7.68 60.08
C SER A 1027 33.45 -7.87 59.62
N GLU A 1028 33.70 -8.81 58.73
CA GLU A 1028 35.04 -9.03 58.19
C GLU A 1028 35.34 -8.21 56.95
N GLN A 1029 34.33 -7.66 56.28
CA GLN A 1029 34.60 -6.77 55.15
C GLN A 1029 34.49 -5.29 55.48
N TYR A 1030 33.65 -4.91 56.43
CA TYR A 1030 33.49 -3.51 56.82
C TYR A 1030 33.36 -3.41 58.33
N ARG A 1031 33.95 -2.37 58.88
CA ARG A 1031 33.86 -2.07 60.31
C ARG A 1031 32.75 -1.06 60.63
N GLU A 1032 32.34 -1.11 61.89
CA GLU A 1032 31.16 -0.38 62.37
C GLU A 1032 31.16 1.10 62.01
N GLU A 1033 32.31 1.77 62.16
CA GLU A 1033 32.36 3.20 61.86
C GLU A 1033 32.02 3.50 60.41
N SER A 1034 32.43 2.64 59.48
CA SER A 1034 32.20 2.94 58.07
C SER A 1034 30.73 2.75 57.69
N ILE A 1035 30.02 1.84 58.36
CA ILE A 1035 28.59 1.75 58.13
C ILE A 1035 27.80 2.81 58.88
N GLN A 1036 28.26 3.26 60.05
CA GLN A 1036 27.66 4.43 60.65
C GLN A 1036 27.81 5.66 59.75
N GLN A 1037 28.97 5.80 59.12
CA GLN A 1037 29.14 6.85 58.10
C GLN A 1037 28.15 6.69 56.97
N LEU A 1038 28.14 5.51 56.33
CA LEU A 1038 27.27 5.33 55.17
C LEU A 1038 25.81 5.58 55.52
N SER A 1039 25.33 5.04 56.64
CA SER A 1039 23.93 5.20 57.03
C SER A 1039 23.57 6.64 57.40
N GLN A 1040 24.49 7.41 57.97
CA GLN A 1040 24.18 8.83 58.15
C GLN A 1040 24.23 9.60 56.85
N SER A 1041 25.21 9.34 56.00
CA SER A 1041 25.24 9.95 54.67
C SER A 1041 24.04 9.54 53.81
N TYR A 1042 23.34 8.47 54.17
CA TYR A 1042 22.04 8.20 53.58
C TYR A 1042 20.92 9.03 54.20
N GLN A 1043 20.79 8.99 55.52
CA GLN A 1043 19.69 9.73 56.15
C GLN A 1043 19.73 11.22 55.79
N LYS A 1044 20.93 11.79 55.76
CA LYS A 1044 21.11 13.18 55.35
C LYS A 1044 20.50 13.46 53.98
N HIS A 1045 20.94 12.73 52.97
CA HIS A 1045 20.47 13.00 51.61
C HIS A 1045 19.00 12.62 51.41
N LEU A 1046 18.50 11.59 52.08
CA LEU A 1046 17.06 11.32 51.98
C LEU A 1046 16.21 12.43 52.59
N LEU A 1047 16.62 13.00 53.71
CA LEU A 1047 15.87 14.13 54.25
C LEU A 1047 16.03 15.38 53.38
N ALA A 1048 17.22 15.59 52.82
CA ALA A 1048 17.40 16.66 51.86
C ALA A 1048 16.45 16.53 50.68
N ILE A 1049 16.35 15.33 50.12
CA ILE A 1049 15.47 15.11 48.97
C ILE A 1049 14.01 15.27 49.35
N ILE A 1050 13.59 14.75 50.51
CA ILE A 1050 12.19 14.91 50.90
C ILE A 1050 11.84 16.38 51.09
N ALA A 1051 12.72 17.15 51.72
CA ALA A 1051 12.49 18.58 51.83
C ALA A 1051 12.43 19.24 50.47
N HIS A 1052 13.50 19.10 49.67
CA HIS A 1052 13.55 19.74 48.38
C HIS A 1052 12.31 19.46 47.54
N CYS A 1053 11.90 18.20 47.46
CA CYS A 1053 10.77 17.86 46.60
C CYS A 1053 9.41 18.19 47.22
N THR A 1054 9.32 18.34 48.54
CA THR A 1054 8.03 18.79 49.09
C THR A 1054 7.88 20.31 49.00
N GLU A 1055 8.97 21.05 49.19
CA GLU A 1055 8.94 22.50 49.07
C GLU A 1055 8.60 22.95 47.66
N LYS A 1056 9.07 22.22 46.65
CA LYS A 1056 8.74 22.57 45.27
C LYS A 1056 7.25 22.38 45.04
N LYS A 1057 6.55 23.50 44.82
CA LYS A 1057 5.09 23.57 44.82
C LYS A 1057 4.49 23.36 43.43
N GLU A 1058 5.25 23.55 42.37
CA GLU A 1058 4.78 23.25 41.02
C GLU A 1058 4.70 21.74 40.84
N VAL A 1059 4.53 21.31 39.59
CA VAL A 1059 4.87 19.96 39.15
C VAL A 1059 5.71 20.08 37.89
N GLU A 1060 6.80 19.33 37.83
CA GLU A 1060 7.52 19.10 36.59
C GLU A 1060 7.24 17.70 36.09
N ARG A 1061 7.55 17.47 34.82
CA ARG A 1061 7.41 16.15 34.21
C ARG A 1061 8.60 15.88 33.32
N THR A 1062 8.80 14.60 33.00
CA THR A 1062 9.98 14.12 32.31
C THR A 1062 9.56 13.19 31.18
N PRO A 1063 10.44 13.01 30.19
CA PRO A 1063 10.03 12.37 28.93
C PRO A 1063 9.26 11.08 29.08
N SER A 1064 9.49 10.31 30.14
CA SER A 1064 8.75 9.07 30.33
C SER A 1064 7.28 9.30 30.66
N ASP A 1065 6.87 10.52 30.98
CA ASP A 1065 5.47 10.76 31.34
C ASP A 1065 4.55 10.83 30.13
N PHE A 1066 5.05 11.21 28.96
CA PHE A 1066 4.17 11.72 27.93
C PHE A 1066 3.65 10.68 26.94
N SER A 1067 4.28 9.51 26.82
CA SER A 1067 3.89 8.55 25.80
C SER A 1067 4.44 8.84 24.41
N VAL A 1068 5.56 9.54 24.33
CA VAL A 1068 6.33 9.65 23.09
C VAL A 1068 7.58 8.81 23.24
N LYS A 1069 7.72 7.79 22.39
CA LYS A 1069 8.87 6.90 22.49
C LYS A 1069 10.15 7.66 22.24
N GLY A 1070 11.12 7.49 23.12
CA GLY A 1070 12.41 8.09 22.94
C GLY A 1070 12.44 9.60 23.05
N LEU A 1071 11.38 10.21 23.58
CA LEU A 1071 11.47 11.64 23.86
C LEU A 1071 12.54 11.87 24.90
N GLN A 1072 13.17 13.03 24.83
CA GLN A 1072 14.30 13.32 25.70
C GLN A 1072 14.20 14.73 26.27
N MET A 1073 14.99 14.98 27.31
CA MET A 1073 15.07 16.31 27.89
C MET A 1073 15.39 17.35 26.81
N GLU A 1074 16.22 16.97 25.84
CA GLU A 1074 16.59 17.87 24.76
C GLU A 1074 15.44 18.13 23.80
N GLU A 1075 14.34 17.40 23.92
CA GLU A 1075 13.21 17.49 23.00
C GLU A 1075 11.90 17.87 23.68
N MET A 1076 11.62 17.32 24.86
CA MET A 1076 10.41 17.69 25.57
C MET A 1076 10.39 19.18 25.89
N ASP A 1077 11.52 19.73 26.32
CA ASP A 1077 11.62 21.16 26.53
C ASP A 1077 11.75 21.95 25.24
N ASP A 1078 11.88 21.31 24.09
CA ASP A 1078 11.62 21.98 22.83
C ASP A 1078 10.12 22.07 22.53
N ILE A 1079 9.41 20.96 22.70
CA ILE A 1079 7.98 20.95 22.46
C ILE A 1079 7.25 21.94 23.36
N PHE A 1080 7.59 21.95 24.64
CA PHE A 1080 7.04 22.95 25.56
C PHE A 1080 7.56 24.35 25.31
N GLU A 1081 8.55 24.53 24.46
CA GLU A 1081 8.89 25.85 24.00
C GLU A 1081 8.05 26.27 22.80
N LEU A 1082 7.85 25.34 21.88
CA LEU A 1082 7.05 25.63 20.70
C LEU A 1082 5.60 25.90 21.05
N LEU A 1083 5.00 25.11 21.94
CA LEU A 1083 3.63 25.43 22.36
C LEU A 1083 3.55 26.81 23.02
N ALA A 1084 4.48 27.13 23.91
CA ALA A 1084 4.49 28.44 24.54
C ALA A 1084 4.67 29.57 23.52
N ASN A 1085 5.33 29.30 22.41
CA ASN A 1085 5.45 30.31 21.36
C ASN A 1085 4.24 30.36 20.43
N ARG A 1086 3.59 29.22 20.18
CA ARG A 1086 2.48 29.20 19.24
C ARG A 1086 1.20 29.78 19.84
N LEU A 1087 0.93 29.51 21.10
CA LEU A 1087 -0.32 29.96 21.69
C LEU A 1087 -0.13 31.28 22.43
N VAL B 3 -2.21 33.27 28.68
CA VAL B 3 -0.81 32.87 28.60
C VAL B 3 -0.67 31.38 28.83
N PHE B 4 0.31 30.76 28.16
CA PHE B 4 0.51 29.34 28.26
C PHE B 4 1.28 28.95 29.52
N SER B 5 1.03 27.73 29.98
CA SER B 5 1.82 27.13 31.04
C SER B 5 1.92 25.63 30.80
N LYS B 6 3.08 25.07 31.11
CA LYS B 6 3.34 23.65 30.89
C LYS B 6 2.32 22.77 31.60
N GLU B 7 1.68 23.28 32.64
CA GLU B 7 0.64 22.52 33.33
C GLU B 7 -0.46 22.07 32.39
N GLN B 8 -0.68 22.80 31.30
CA GLN B 8 -1.91 22.64 30.53
C GLN B 8 -1.89 21.44 29.60
N VAL B 9 -0.72 20.96 29.20
CA VAL B 9 -0.65 19.84 28.27
C VAL B 9 -0.97 18.54 29.00
N GLN B 10 -1.86 17.75 28.43
CA GLN B 10 -2.21 16.45 28.98
C GLN B 10 -1.25 15.36 28.53
N ASP B 11 -0.86 15.38 27.26
CA ASP B 11 -0.23 14.22 26.63
C ASP B 11 0.46 14.68 25.36
N MET B 12 1.29 13.79 24.81
CA MET B 12 1.74 13.93 23.44
C MET B 12 1.73 12.57 22.76
N TYR B 13 1.74 12.59 21.44
CA TYR B 13 1.84 11.36 20.66
C TYR B 13 2.57 11.65 19.35
N ALA B 14 3.19 10.62 18.79
CA ALA B 14 3.47 10.63 17.37
C ALA B 14 2.18 10.44 16.58
N LEU B 15 2.14 11.03 15.38
CA LEU B 15 0.95 10.91 14.54
C LEU B 15 0.77 9.48 14.08
N THR B 16 -0.48 9.01 14.06
CA THR B 16 -0.78 7.76 13.37
C THR B 16 -0.66 7.94 11.86
N PRO B 17 -0.47 6.85 11.13
CA PRO B 17 -0.30 6.96 9.67
C PRO B 17 -1.36 7.78 8.97
N MET B 18 -2.62 7.68 9.42
CA MET B 18 -3.69 8.44 8.80
C MET B 18 -3.54 9.94 9.07
N GLN B 19 -3.25 10.29 10.31
CA GLN B 19 -3.01 11.69 10.63
C GLN B 19 -1.73 12.19 9.99
N GLU B 20 -0.73 11.33 9.83
CA GLU B 20 0.44 11.70 9.04
C GLU B 20 0.06 12.08 7.61
N GLY B 21 -0.75 11.24 6.97
CA GLY B 21 -1.18 11.53 5.62
C GLY B 21 -2.02 12.79 5.50
N MET B 22 -2.96 12.97 6.42
CA MET B 22 -3.79 14.17 6.36
C MET B 22 -3.04 15.43 6.75
N LEU B 23 -2.05 15.35 7.65
CA LEU B 23 -1.20 16.50 7.89
C LEU B 23 -0.40 16.85 6.65
N PHE B 24 0.13 15.86 5.95
CA PHE B 24 0.78 16.16 4.68
C PHE B 24 -0.18 16.87 3.73
N HIS B 25 -1.35 16.28 3.51
CA HIS B 25 -2.32 16.87 2.60
C HIS B 25 -2.66 18.30 2.98
N ALA B 26 -2.90 18.56 4.26
CA ALA B 26 -3.23 19.91 4.70
C ALA B 26 -2.06 20.87 4.52
N LEU B 27 -0.84 20.36 4.59
CA LEU B 27 0.31 21.25 4.34
C LEU B 27 0.57 21.46 2.87
N LEU B 28 0.11 20.54 2.01
CA LEU B 28 0.41 20.65 0.58
C LEU B 28 -0.29 21.85 -0.05
N ASP B 29 -1.62 21.87 0.00
CA ASP B 29 -2.39 22.74 -0.87
C ASP B 29 -2.55 24.13 -0.26
N GLN B 30 -2.56 25.13 -1.13
CA GLN B 30 -2.89 26.48 -0.73
C GLN B 30 -3.64 27.26 -1.80
N GLU B 31 -3.93 26.64 -2.96
CA GLU B 31 -4.91 27.20 -3.87
C GLU B 31 -6.29 27.23 -3.23
N HIS B 32 -6.60 26.17 -2.47
CA HIS B 32 -7.53 26.27 -1.36
C HIS B 32 -6.92 25.52 -0.18
N ASN B 33 -7.48 25.75 1.00
CA ASN B 33 -7.32 24.84 2.11
C ASN B 33 -8.68 24.49 2.70
N SER B 34 -9.52 23.92 1.85
CA SER B 34 -10.92 23.68 2.17
C SER B 34 -11.11 22.51 3.10
N HIS B 35 -10.02 21.92 3.62
CA HIS B 35 -10.14 20.69 4.38
C HIS B 35 -11.08 20.87 5.55
N LEU B 36 -12.26 20.26 5.47
CA LEU B 36 -13.35 20.69 6.33
C LEU B 36 -14.49 19.70 6.20
N VAL B 37 -15.41 19.77 7.15
CA VAL B 37 -16.73 19.19 7.02
C VAL B 37 -17.70 20.17 7.64
N GLN B 38 -18.89 20.29 7.08
CA GLN B 38 -19.84 21.27 7.58
C GLN B 38 -21.22 20.67 7.74
N MET B 39 -21.38 19.80 8.74
CA MET B 39 -22.70 19.32 9.09
C MET B 39 -23.60 20.52 9.35
N SER B 40 -24.76 20.53 8.71
CA SER B 40 -25.69 21.65 8.84
C SER B 40 -27.07 21.10 9.15
N ILE B 41 -27.53 21.32 10.37
CA ILE B 41 -28.61 20.55 10.97
C ILE B 41 -29.73 21.51 11.32
N SER B 42 -30.94 21.18 10.89
CA SER B 42 -32.09 22.03 11.13
C SER B 42 -32.97 21.44 12.23
N LEU B 43 -33.23 22.22 13.26
CA LEU B 43 -34.00 21.79 14.42
C LEU B 43 -35.20 22.71 14.57
N GLN B 44 -36.39 22.14 14.56
CA GLN B 44 -37.60 22.84 14.94
C GLN B 44 -37.94 22.54 16.39
N GLY B 45 -38.85 23.34 16.94
CA GLY B 45 -39.26 23.16 18.32
C GLY B 45 -38.48 24.01 19.30
N ASP B 46 -38.38 23.55 20.54
CA ASP B 46 -37.86 24.35 21.65
C ASP B 46 -36.45 23.89 22.02
N LEU B 47 -35.51 24.82 22.02
CA LEU B 47 -34.10 24.51 22.21
C LEU B 47 -33.47 25.58 23.10
N ASP B 48 -33.04 25.21 24.30
CA ASP B 48 -32.42 26.15 25.23
C ASP B 48 -30.96 26.35 24.84
N VAL B 49 -30.69 27.45 24.13
CA VAL B 49 -29.36 27.71 23.59
C VAL B 49 -28.30 27.74 24.69
N GLY B 50 -28.68 28.14 25.90
CA GLY B 50 -27.75 28.06 27.02
C GLY B 50 -27.34 26.63 27.36
N LEU B 51 -28.30 25.73 27.41
CA LEU B 51 -27.97 24.33 27.66
C LEU B 51 -27.31 23.67 26.46
N PHE B 52 -27.64 24.09 25.25
CA PHE B 52 -26.91 23.60 24.09
C PHE B 52 -25.44 23.99 24.16
N THR B 53 -25.17 25.27 24.44
CA THR B 53 -23.81 25.73 24.65
C THR B 53 -23.09 24.91 25.72
N ASP B 54 -23.73 24.74 26.88
CA ASP B 54 -23.11 23.94 27.93
C ASP B 54 -22.81 22.53 27.44
N SER B 55 -23.75 21.91 26.74
CA SER B 55 -23.54 20.55 26.30
C SER B 55 -22.40 20.44 25.28
N LEU B 56 -22.22 21.46 24.44
CA LEU B 56 -21.04 21.46 23.59
C LEU B 56 -19.75 21.58 24.38
N HIS B 57 -19.75 22.39 25.45
CA HIS B 57 -18.55 22.46 26.26
C HIS B 57 -18.25 21.15 26.99
N VAL B 58 -19.29 20.43 27.40
CA VAL B 58 -19.08 19.12 28.00
C VAL B 58 -18.69 18.07 26.97
N LEU B 59 -19.13 18.22 25.73
CA LEU B 59 -18.65 17.33 24.68
C LEU B 59 -17.18 17.54 24.37
N VAL B 60 -16.74 18.80 24.33
CA VAL B 60 -15.33 19.04 24.08
C VAL B 60 -14.46 18.62 25.26
N GLU B 61 -14.95 18.75 26.48
CA GLU B 61 -14.24 18.18 27.63
C GLU B 61 -14.20 16.65 27.60
N ARG B 62 -15.30 16.00 27.21
CA ARG B 62 -15.32 14.55 27.18
C ARG B 62 -14.27 13.93 26.26
N TYR B 63 -14.09 14.45 25.05
CA TYR B 63 -13.24 13.81 24.07
C TYR B 63 -11.88 14.49 23.97
N ASP B 64 -10.83 13.73 24.27
CA ASP B 64 -9.48 14.25 24.15
C ASP B 64 -9.13 14.59 22.71
N VAL B 65 -9.73 13.90 21.75
CA VAL B 65 -9.41 14.16 20.36
C VAL B 65 -9.89 15.51 19.88
N PHE B 66 -10.87 16.13 20.54
CA PHE B 66 -11.27 17.47 20.16
C PHE B 66 -10.38 18.53 20.78
N ARG B 67 -9.67 18.20 21.84
CA ARG B 67 -8.69 19.09 22.44
C ARG B 67 -7.28 18.81 21.94
N THR B 68 -7.14 17.91 20.96
CA THR B 68 -5.86 17.68 20.30
C THR B 68 -5.48 18.87 19.44
N LEU B 69 -4.19 19.21 19.46
CA LEU B 69 -3.60 20.08 18.45
C LEU B 69 -2.37 19.42 17.87
N PHE B 70 -2.13 19.64 16.58
CA PHE B 70 -1.06 18.98 15.84
C PHE B 70 0.12 19.92 15.67
N LEU B 71 1.26 19.53 16.20
CA LEU B 71 2.44 20.38 16.27
C LEU B 71 3.53 19.79 15.40
N TYR B 72 4.07 20.58 14.48
CA TYR B 72 5.02 20.07 13.49
C TYR B 72 6.09 21.08 13.11
N GLU B 73 6.04 22.32 13.59
CA GLU B 73 6.76 23.42 12.96
C GLU B 73 8.26 23.19 12.91
N LYS B 74 8.83 22.50 13.89
CA LYS B 74 10.27 22.33 13.92
C LYS B 74 10.71 20.98 14.47
N LEU B 75 9.80 20.03 14.61
CA LEU B 75 10.08 18.80 15.36
C LEU B 75 10.74 17.75 14.48
N LYS B 76 11.45 16.83 15.14
CA LYS B 76 11.94 15.63 14.49
C LYS B 76 10.79 14.87 13.85
N GLN B 77 9.61 14.97 14.42
CA GLN B 77 8.47 14.13 14.10
C GLN B 77 7.22 14.86 14.55
N PRO B 78 6.19 14.95 13.70
CA PRO B 78 4.93 15.54 14.15
C PRO B 78 4.45 14.90 15.43
N LEU B 79 3.77 15.70 16.24
CA LEU B 79 3.14 15.22 17.46
C LEU B 79 1.68 15.66 17.50
N GLN B 80 0.84 14.82 18.09
CA GLN B 80 -0.36 15.33 18.74
C GLN B 80 0.03 15.89 20.09
N VAL B 81 -0.35 17.13 20.37
CA VAL B 81 -0.35 17.64 21.74
C VAL B 81 -1.79 17.76 22.17
N VAL B 82 -2.13 17.19 23.32
CA VAL B 82 -3.49 17.26 23.84
C VAL B 82 -3.51 18.23 25.00
N LEU B 83 -4.38 19.24 24.94
CA LEU B 83 -4.50 20.18 26.04
C LEU B 83 -5.54 19.66 27.03
N LYS B 84 -5.39 20.07 28.29
CA LYS B 84 -6.40 19.73 29.28
C LYS B 84 -7.71 20.48 29.08
N GLN B 85 -7.63 21.76 28.74
CA GLN B 85 -8.83 22.55 28.48
C GLN B 85 -8.66 23.36 27.20
N ARG B 86 -9.68 23.33 26.34
CA ARG B 86 -9.65 24.14 25.12
C ARG B 86 -11.04 24.37 24.57
N PRO B 87 -11.75 25.40 25.03
CA PRO B 87 -13.14 25.61 24.59
C PRO B 87 -13.20 25.88 23.09
N ILE B 88 -14.28 25.43 22.46
CA ILE B 88 -14.53 25.76 21.06
C ILE B 88 -15.37 27.03 20.94
N PRO B 89 -15.20 27.80 19.86
CA PRO B 89 -16.14 28.89 19.58
C PRO B 89 -17.57 28.40 19.44
N ILE B 90 -18.50 29.14 20.02
CA ILE B 90 -19.94 28.96 19.76
C ILE B 90 -20.53 30.33 19.46
N GLU B 91 -20.60 30.68 18.17
CA GLU B 91 -21.24 31.92 17.76
C GLU B 91 -22.74 31.73 17.79
N PHE B 92 -23.47 32.77 18.16
CA PHE B 92 -24.92 32.69 18.16
C PHE B 92 -25.50 33.97 17.55
N TYR B 93 -26.52 33.80 16.70
CA TYR B 93 -27.10 34.90 15.94
C TYR B 93 -28.61 34.77 15.99
N ASP B 94 -29.27 35.58 16.81
CA ASP B 94 -30.73 35.57 16.84
C ASP B 94 -31.24 36.42 15.67
N LEU B 95 -31.79 35.76 14.66
CA LEU B 95 -32.36 36.41 13.50
C LEU B 95 -33.89 36.44 13.52
N SER B 96 -34.50 36.03 14.64
CA SER B 96 -35.96 35.94 14.73
C SER B 96 -36.63 37.29 14.51
N ALA B 97 -35.89 38.38 14.63
CA ALA B 97 -36.39 39.73 14.38
C ALA B 97 -35.96 40.27 13.02
N CYS B 98 -35.67 39.39 12.07
CA CYS B 98 -35.10 39.79 10.79
C CYS B 98 -36.01 39.37 9.65
N ASP B 99 -35.92 40.12 8.54
CA ASP B 99 -36.77 39.89 7.38
C ASP B 99 -36.56 38.48 6.81
N GLU B 100 -37.68 37.79 6.57
CA GLU B 100 -37.62 36.50 5.89
C GLU B 100 -36.82 36.61 4.60
N SER B 101 -36.82 37.79 3.97
CA SER B 101 -36.03 38.01 2.78
C SER B 101 -34.56 38.16 3.13
N GLU B 102 -34.28 38.77 4.28
CA GLU B 102 -32.91 38.92 4.75
C GLU B 102 -32.41 37.62 5.37
N LYS B 103 -33.20 37.01 6.25
CA LYS B 103 -32.72 35.91 7.07
C LYS B 103 -32.05 34.81 6.24
N GLN B 104 -32.75 34.29 5.22
CA GLN B 104 -32.18 33.24 4.40
C GLN B 104 -30.93 33.68 3.66
N LEU B 105 -30.85 34.96 3.32
CA LEU B 105 -29.63 35.47 2.67
C LEU B 105 -28.48 35.55 3.66
N ARG B 106 -28.73 36.15 4.82
CA ARG B 106 -27.71 36.30 5.83
C ARG B 106 -27.17 34.94 6.26
N TYR B 107 -28.06 34.00 6.53
CA TYR B 107 -27.68 32.61 6.79
C TYR B 107 -26.86 32.00 5.66
N THR B 108 -27.27 32.18 4.40
CA THR B 108 -26.52 31.55 3.32
C THR B 108 -25.15 32.18 3.15
N GLN B 109 -25.07 33.51 3.29
CA GLN B 109 -23.81 34.22 3.21
C GLN B 109 -22.85 33.78 4.30
N TYR B 110 -23.35 33.66 5.53
CA TYR B 110 -22.52 33.11 6.60
C TYR B 110 -22.08 31.68 6.29
N LYS B 111 -23.02 30.81 5.92
CA LYS B 111 -22.66 29.41 5.74
C LYS B 111 -21.60 29.25 4.66
N ARG B 112 -21.73 29.97 3.55
CA ARG B 112 -20.71 29.91 2.51
C ARG B 112 -19.40 30.57 2.93
N ALA B 113 -19.44 31.61 3.75
CA ALA B 113 -18.20 32.19 4.27
C ALA B 113 -17.47 31.24 5.23
N ASP B 114 -18.22 30.50 6.04
CA ASP B 114 -17.60 29.53 6.95
C ASP B 114 -16.88 28.41 6.21
N GLN B 115 -17.43 27.95 5.09
CA GLN B 115 -16.73 26.96 4.28
C GLN B 115 -15.41 27.46 3.75
N GLU B 116 -15.17 28.76 3.77
CA GLU B 116 -13.91 29.33 3.34
C GLU B 116 -12.92 29.58 4.47
N ARG B 117 -13.38 29.53 5.72
CA ARG B 117 -12.58 29.89 6.89
C ARG B 117 -11.71 28.72 7.33
N THR B 118 -10.46 28.73 6.89
CA THR B 118 -9.54 27.60 7.07
C THR B 118 -9.05 27.50 8.51
N PHE B 119 -9.15 26.29 9.07
CA PHE B 119 -8.54 26.00 10.38
C PHE B 119 -7.03 26.04 10.29
N HIS B 120 -6.41 26.52 11.35
CA HIS B 120 -4.97 26.39 11.54
C HIS B 120 -4.70 25.23 12.51
N LEU B 121 -4.04 24.20 12.01
CA LEU B 121 -4.00 22.93 12.73
C LEU B 121 -3.39 23.05 14.11
N ALA B 122 -2.50 24.02 14.31
CA ALA B 122 -2.00 24.28 15.66
C ALA B 122 -2.80 25.35 16.39
N LYS B 123 -2.93 26.53 15.80
CA LYS B 123 -3.30 27.71 16.57
C LYS B 123 -4.77 27.76 16.94
N ASP B 124 -5.65 27.07 16.23
CA ASP B 124 -7.07 27.23 16.47
C ASP B 124 -7.70 25.92 16.93
N PRO B 125 -8.76 26.00 17.73
CA PRO B 125 -9.61 24.83 17.93
C PRO B 125 -10.15 24.30 16.62
N LEU B 126 -10.22 22.98 16.51
CA LEU B 126 -10.56 22.31 15.26
C LEU B 126 -12.04 21.98 15.19
N MET B 127 -12.87 22.77 15.85
CA MET B 127 -14.31 22.76 15.60
C MET B 127 -14.83 24.18 15.64
N ARG B 128 -16.00 24.37 15.02
CA ARG B 128 -16.83 25.52 15.29
C ARG B 128 -18.27 25.04 15.43
N VAL B 129 -19.07 25.80 16.16
CA VAL B 129 -20.51 25.68 16.08
C VAL B 129 -21.11 27.07 15.97
N ALA B 130 -22.17 27.19 15.18
CA ALA B 130 -22.96 28.41 15.10
C ALA B 130 -24.43 28.05 15.14
N LEU B 131 -25.21 28.82 15.89
CA LEU B 131 -26.65 28.63 15.95
C LEU B 131 -27.33 29.87 15.39
N PHE B 132 -28.26 29.66 14.48
CA PHE B 132 -29.16 30.70 14.01
C PHE B 132 -30.56 30.39 14.48
N GLN B 133 -31.17 31.29 15.22
CA GLN B 133 -32.56 31.15 15.63
C GLN B 133 -33.43 31.89 14.62
N MET B 134 -34.23 31.13 13.88
CA MET B 134 -34.97 31.66 12.74
C MET B 134 -36.42 31.99 13.07
N SER B 135 -36.93 31.46 14.15
CA SER B 135 -38.31 31.68 14.56
C SER B 135 -38.43 31.27 16.03
N GLN B 136 -39.66 31.31 16.54
CA GLN B 136 -39.91 30.82 17.89
C GLN B 136 -39.57 29.35 18.03
N HIS B 137 -39.59 28.59 16.94
CA HIS B 137 -39.41 27.15 17.01
C HIS B 137 -38.56 26.64 15.85
N ASP B 138 -37.50 27.38 15.51
CA ASP B 138 -36.70 27.04 14.34
C ASP B 138 -35.27 27.50 14.52
N TYR B 139 -34.33 26.57 14.47
CA TYR B 139 -32.91 26.84 14.67
C TYR B 139 -32.12 26.13 13.59
N GLN B 140 -31.08 26.77 13.06
CA GLN B 140 -30.14 26.13 12.15
C GLN B 140 -28.74 26.14 12.74
N VAL B 141 -28.13 24.96 12.80
CA VAL B 141 -26.78 24.78 13.30
C VAL B 141 -25.80 24.57 12.14
N ILE B 142 -24.69 25.29 12.16
CA ILE B 142 -23.56 25.00 11.29
C ILE B 142 -22.43 24.52 12.18
N TRP B 143 -21.80 23.40 11.79
CA TRP B 143 -20.78 22.78 12.66
C TRP B 143 -19.58 22.34 11.81
N SER B 144 -18.77 23.30 11.40
CA SER B 144 -17.56 22.97 10.65
C SER B 144 -16.49 22.35 11.54
N PHE B 145 -15.75 21.40 11.00
CA PHE B 145 -14.61 20.80 11.68
C PHE B 145 -13.63 20.33 10.61
N HIS B 146 -12.41 20.03 11.05
CA HIS B 146 -11.35 19.61 10.15
C HIS B 146 -11.43 18.12 9.87
N HIS B 147 -10.98 17.73 8.67
CA HIS B 147 -10.92 16.30 8.33
C HIS B 147 -10.05 15.53 9.32
N ILE B 148 -8.97 16.15 9.79
CA ILE B 148 -7.98 15.41 10.55
C ILE B 148 -8.50 14.94 11.90
N LEU B 149 -9.56 15.56 12.42
CA LEU B 149 -10.08 15.14 13.71
C LEU B 149 -10.67 13.75 13.64
N MET B 150 -11.56 13.50 12.68
CA MET B 150 -12.27 12.22 12.71
C MET B 150 -12.80 11.91 11.32
N ASP B 151 -13.00 10.62 11.06
CA ASP B 151 -13.82 10.23 9.93
C ASP B 151 -15.18 10.88 10.06
N GLY B 152 -15.68 11.44 8.96
CA GLY B 152 -16.90 12.22 9.06
C GLY B 152 -18.03 11.43 9.67
N TRP B 153 -18.08 10.13 9.40
CA TRP B 153 -19.15 9.31 9.95
C TRP B 153 -19.07 9.20 11.46
N CYS B 154 -17.90 9.46 12.05
CA CYS B 154 -17.80 9.51 13.51
C CYS B 154 -18.76 10.53 14.10
N PHE B 155 -19.12 11.55 13.32
CA PHE B 155 -20.08 12.54 13.78
C PHE B 155 -21.38 11.94 14.30
N SER B 156 -21.78 10.77 13.80
CA SER B 156 -22.96 10.12 14.34
C SER B 156 -22.80 9.74 15.81
N ILE B 157 -21.57 9.41 16.23
CA ILE B 157 -21.30 9.17 17.64
C ILE B 157 -21.34 10.48 18.43
N ILE B 158 -20.59 11.47 17.94
CA ILE B 158 -20.45 12.74 18.63
C ILE B 158 -21.81 13.41 18.85
N PHE B 159 -22.65 13.41 17.82
CA PHE B 159 -23.97 14.01 18.00
C PHE B 159 -24.83 13.23 18.98
N ASP B 160 -24.66 11.91 19.05
CA ASP B 160 -25.39 11.14 20.03
C ASP B 160 -24.98 11.48 21.45
N ASP B 161 -23.67 11.55 21.69
CA ASP B 161 -23.18 12.02 22.98
C ASP B 161 -23.67 13.43 23.30
N LEU B 162 -23.63 14.33 22.33
CA LEU B 162 -24.09 15.69 22.55
C LEU B 162 -25.56 15.72 22.97
N LEU B 163 -26.41 14.97 22.28
CA LEU B 163 -27.82 14.95 22.67
C LEU B 163 -28.03 14.29 24.03
N ALA B 164 -27.26 13.26 24.35
CA ALA B 164 -27.36 12.68 25.69
C ALA B 164 -26.97 13.66 26.78
N ILE B 165 -25.93 14.46 26.52
CA ILE B 165 -25.53 15.49 27.47
C ILE B 165 -26.62 16.55 27.61
N TYR B 166 -27.14 17.03 26.48
CA TYR B 166 -28.21 18.01 26.55
C TYR B 166 -29.41 17.48 27.34
N LEU B 167 -29.79 16.24 27.12
CA LEU B 167 -30.89 15.65 27.90
C LEU B 167 -30.56 15.58 29.38
N SER B 168 -29.35 15.13 29.72
CA SER B 168 -28.92 15.10 31.10
C SER B 168 -28.97 16.46 31.77
N LEU B 169 -28.54 17.51 31.08
CA LEU B 169 -28.61 18.84 31.64
C LEU B 169 -30.05 19.35 31.75
N GLN B 170 -30.89 19.06 30.77
CA GLN B 170 -32.28 19.52 30.86
C GLN B 170 -33.03 18.78 31.97
N ASN B 171 -32.76 17.49 32.15
CA ASN B 171 -33.42 16.70 33.19
C ASN B 171 -32.59 16.56 34.46
N LYS B 172 -31.56 17.39 34.63
CA LYS B 172 -30.78 17.44 35.87
C LYS B 172 -30.38 16.05 36.35
N THR B 173 -29.97 15.20 35.42
CA THR B 173 -29.78 13.77 35.69
C THR B 173 -28.35 13.39 35.30
N ALA B 174 -27.77 12.46 36.08
CA ALA B 174 -26.39 12.08 35.89
C ALA B 174 -26.12 11.53 34.48
N LEU B 175 -24.94 11.84 33.96
CA LEU B 175 -24.50 11.36 32.66
C LEU B 175 -24.35 9.85 32.65
N SER B 176 -25.07 9.19 31.76
CA SER B 176 -25.00 7.74 31.60
C SER B 176 -23.89 7.28 30.67
N LEU B 177 -23.14 8.19 30.06
CA LEU B 177 -22.18 7.80 29.03
C LEU B 177 -21.10 6.87 29.57
N GLU B 178 -20.80 5.84 28.78
CA GLU B 178 -19.69 4.95 29.07
C GLU B 178 -18.36 5.68 28.96
N PRO B 179 -17.32 5.14 29.56
CA PRO B 179 -15.97 5.70 29.33
C PRO B 179 -15.64 5.78 27.85
N VAL B 180 -14.92 6.82 27.49
CA VAL B 180 -14.43 6.96 26.12
C VAL B 180 -13.43 5.84 25.81
N GLN B 181 -13.66 5.13 24.71
CA GLN B 181 -12.68 4.21 24.18
C GLN B 181 -11.52 4.98 23.55
N PRO B 182 -10.37 5.06 24.20
CA PRO B 182 -9.41 6.08 23.83
C PRO B 182 -8.63 5.69 22.58
N TYR B 183 -8.49 6.66 21.67
CA TYR B 183 -7.79 6.44 20.42
C TYR B 183 -6.36 5.97 20.63
N SER B 184 -5.75 6.32 21.77
CA SER B 184 -4.45 5.78 22.12
C SER B 184 -4.44 4.26 22.16
N ARG B 185 -5.58 3.63 22.40
CA ARG B 185 -5.66 2.18 22.33
C ARG B 185 -5.31 1.64 20.95
N PHE B 186 -5.77 2.32 19.89
CA PHE B 186 -5.36 1.96 18.55
C PHE B 186 -3.91 2.29 18.24
N ILE B 187 -3.40 3.41 18.74
CA ILE B 187 -1.99 3.73 18.53
C ILE B 187 -1.09 2.63 19.08
N ASN B 188 -1.41 2.14 20.29
CA ASN B 188 -0.65 1.02 20.85
C ASN B 188 -0.64 -0.17 19.91
N TRP B 189 -1.80 -0.48 19.33
CA TRP B 189 -1.90 -1.63 18.42
C TRP B 189 -1.11 -1.40 17.14
N LEU B 190 -1.09 -0.17 16.64
CA LEU B 190 -0.26 0.15 15.48
C LEU B 190 1.22 0.00 15.77
N GLU B 191 1.66 0.33 16.98
CA GLU B 191 3.06 0.11 17.31
C GLU B 191 3.37 -1.36 17.62
N LYS B 192 2.38 -2.11 18.09
CA LYS B 192 2.57 -3.55 18.27
C LYS B 192 2.76 -4.29 16.96
N GLN B 193 2.05 -3.89 15.91
CA GLN B 193 2.07 -4.61 14.64
C GLN B 193 3.42 -4.52 13.92
N ASN B 194 3.79 -5.63 13.28
CA ASN B 194 5.01 -5.77 12.48
C ASN B 194 4.87 -5.07 11.13
N LYS B 195 5.54 -3.94 10.99
CA LYS B 195 5.50 -3.15 9.76
C LYS B 195 6.00 -3.93 8.54
N GLN B 196 7.17 -4.56 8.66
CA GLN B 196 7.79 -5.16 7.50
C GLN B 196 7.02 -6.37 6.95
N ALA B 197 6.33 -7.12 7.80
CA ALA B 197 5.52 -8.22 7.26
C ALA B 197 4.44 -7.70 6.32
N ALA B 198 3.89 -6.54 6.63
CA ALA B 198 2.85 -5.98 5.77
C ALA B 198 3.43 -5.32 4.53
N LEU B 199 4.52 -4.55 4.65
CA LEU B 199 5.14 -4.06 3.43
C LEU B 199 5.59 -5.19 2.52
N ASN B 200 6.06 -6.30 3.10
CA ASN B 200 6.43 -7.49 2.32
C ASN B 200 5.22 -8.26 1.80
N TYR B 201 4.03 -7.96 2.28
CA TYR B 201 2.84 -8.50 1.61
C TYR B 201 2.40 -7.61 0.45
N TRP B 202 2.31 -6.31 0.69
CA TRP B 202 1.85 -5.40 -0.36
C TRP B 202 2.81 -5.35 -1.54
N SER B 203 4.12 -5.52 -1.31
CA SER B 203 5.03 -5.64 -2.44
C SER B 203 4.77 -6.90 -3.26
N ASP B 204 4.22 -7.94 -2.65
CA ASP B 204 3.81 -9.13 -3.38
C ASP B 204 2.50 -8.93 -4.13
N TYR B 205 1.53 -8.27 -3.49
CA TYR B 205 0.23 -8.04 -4.11
C TYR B 205 0.34 -7.28 -5.43
N LEU B 206 1.19 -6.26 -5.47
CA LEU B 206 1.36 -5.42 -6.65
C LEU B 206 2.33 -5.98 -7.68
N GLU B 207 2.83 -7.20 -7.49
CA GLU B 207 4.08 -7.61 -8.10
C GLU B 207 4.07 -7.46 -9.62
N ALA B 208 3.16 -8.13 -10.29
CA ALA B 208 3.17 -8.15 -11.75
C ALA B 208 2.51 -6.95 -12.42
N TYR B 209 2.34 -5.81 -11.74
CA TYR B 209 1.48 -4.75 -12.26
C TYR B 209 2.22 -4.00 -13.35
N GLU B 210 2.02 -4.42 -14.59
CA GLU B 210 2.85 -3.95 -15.70
C GLU B 210 2.39 -2.60 -16.24
N GLN B 211 1.08 -2.35 -16.27
CA GLN B 211 0.56 -1.17 -16.98
C GLN B 211 -0.52 -0.48 -16.17
N LYS B 212 -0.39 0.83 -16.03
CA LYS B 212 -1.31 1.61 -15.21
C LYS B 212 -2.69 1.67 -15.83
N THR B 213 -3.71 1.64 -14.96
CA THR B 213 -5.09 1.84 -15.37
C THR B 213 -5.32 3.28 -15.80
N THR B 214 -6.29 3.47 -16.68
CA THR B 214 -6.70 4.80 -17.07
C THR B 214 -8.22 4.86 -17.25
N LEU B 215 -8.74 6.08 -17.21
CA LEU B 215 -10.03 6.49 -17.72
C LEU B 215 -9.86 7.74 -18.56
N PRO B 216 -10.73 7.97 -19.52
CA PRO B 216 -10.43 8.92 -20.61
C PRO B 216 -10.53 10.37 -20.14
N LYS B 217 -9.45 10.81 -19.50
CA LYS B 217 -9.31 12.21 -19.12
C LYS B 217 -9.37 13.11 -20.35
N LYS B 218 -10.16 14.17 -20.24
CA LYS B 218 -10.45 15.01 -21.40
C LYS B 218 -9.20 15.75 -21.88
N GLU B 219 -8.43 16.29 -20.96
CA GLU B 219 -7.45 17.32 -21.29
C GLU B 219 -6.27 17.25 -20.33
N ALA B 220 -5.12 17.74 -20.80
CA ALA B 220 -3.95 17.85 -19.96
C ALA B 220 -4.13 18.91 -18.89
N ALA B 221 -3.31 18.81 -17.85
CA ALA B 221 -3.37 19.74 -16.72
C ALA B 221 -2.79 21.10 -17.07
N PHE B 222 -3.34 21.74 -18.12
CA PHE B 222 -2.85 23.06 -18.50
C PHE B 222 -3.04 24.07 -17.38
N ALA B 223 -4.03 23.84 -16.50
CA ALA B 223 -4.21 24.67 -15.32
C ALA B 223 -4.91 23.83 -14.26
N LYS B 224 -4.76 24.27 -13.00
CA LYS B 224 -5.53 23.70 -11.89
C LYS B 224 -6.93 24.33 -11.86
N ALA B 225 -7.62 24.22 -13.00
CA ALA B 225 -8.95 24.80 -13.13
C ALA B 225 -9.99 23.92 -12.41
N PHE B 226 -9.58 23.32 -11.30
CA PHE B 226 -10.45 22.36 -10.62
C PHE B 226 -11.81 22.97 -10.35
N GLN B 227 -12.85 22.21 -10.61
CA GLN B 227 -14.22 22.68 -10.45
C GLN B 227 -15.08 21.49 -10.05
N PRO B 228 -15.33 21.31 -8.76
CA PRO B 228 -16.00 20.10 -8.28
C PRO B 228 -17.41 19.98 -8.84
N THR B 229 -17.69 18.83 -9.43
CA THR B 229 -18.90 18.61 -10.19
C THR B 229 -19.39 17.20 -9.86
N GLN B 230 -20.67 16.95 -10.12
CA GLN B 230 -21.23 15.66 -9.77
C GLN B 230 -22.15 15.16 -10.87
N TYR B 231 -22.35 13.85 -10.86
CA TYR B 231 -23.39 13.18 -11.62
C TYR B 231 -23.86 12.01 -10.78
N ARG B 232 -25.13 11.65 -10.91
CA ARG B 232 -25.61 10.52 -10.13
C ARG B 232 -26.70 9.78 -10.88
N PHE B 233 -26.80 8.49 -10.59
CA PHE B 233 -27.75 7.59 -11.22
C PHE B 233 -27.93 6.38 -10.33
N SER B 234 -28.87 5.52 -10.69
CA SER B 234 -29.09 4.31 -9.92
C SER B 234 -29.58 3.18 -10.81
N LEU B 235 -29.29 1.96 -10.39
CA LEU B 235 -29.84 0.78 -11.02
C LEU B 235 -31.25 0.48 -10.50
N ASN B 236 -32.07 -0.07 -11.38
CA ASN B 236 -33.45 -0.38 -11.05
C ASN B 236 -33.55 -1.33 -9.85
N ARG B 237 -34.73 -1.34 -9.24
CA ARG B 237 -35.03 -2.25 -8.13
C ARG B 237 -34.64 -3.68 -8.45
N THR B 238 -35.08 -4.16 -9.61
CA THR B 238 -34.86 -5.56 -9.96
C THR B 238 -33.40 -5.85 -10.25
N LEU B 239 -32.73 -4.99 -11.00
CA LEU B 239 -31.33 -5.23 -11.29
C LEU B 239 -30.49 -5.23 -10.02
N THR B 240 -30.84 -4.40 -9.05
CA THR B 240 -30.15 -4.42 -7.76
C THR B 240 -30.38 -5.72 -7.01
N LYS B 241 -31.64 -6.11 -6.80
CA LYS B 241 -31.83 -7.38 -6.09
C LYS B 241 -31.34 -8.58 -6.89
N GLN B 242 -31.21 -8.45 -8.21
CA GLN B 242 -30.54 -9.48 -9.00
C GLN B 242 -29.05 -9.54 -8.73
N LEU B 243 -28.37 -8.39 -8.65
CA LEU B 243 -26.98 -8.41 -8.19
C LEU B 243 -26.85 -8.97 -6.78
N GLY B 244 -27.81 -8.67 -5.91
CA GLY B 244 -27.80 -9.32 -4.61
C GLY B 244 -27.93 -10.83 -4.68
N THR B 245 -28.72 -11.31 -5.63
CA THR B 245 -28.83 -12.77 -5.80
C THR B 245 -27.55 -13.37 -6.35
N ILE B 246 -26.91 -12.69 -7.29
CA ILE B 246 -25.60 -13.14 -7.77
C ILE B 246 -24.61 -13.24 -6.63
N ALA B 247 -24.50 -12.17 -5.84
CA ALA B 247 -23.55 -12.18 -4.73
C ALA B 247 -23.83 -13.32 -3.77
N SER B 248 -25.07 -13.44 -3.30
CA SER B 248 -25.40 -14.49 -2.34
C SER B 248 -25.30 -15.89 -2.92
N GLN B 249 -25.36 -16.04 -4.23
CA GLN B 249 -25.07 -17.35 -4.82
C GLN B 249 -23.59 -17.62 -5.02
N ASN B 250 -22.75 -16.60 -5.14
CA ASN B 250 -21.34 -16.84 -5.42
C ASN B 250 -20.46 -16.86 -4.17
N GLN B 251 -21.05 -16.79 -2.98
CA GLN B 251 -20.27 -16.74 -1.74
C GLN B 251 -19.42 -15.49 -1.61
N VAL B 252 -19.93 -14.34 -2.06
CA VAL B 252 -19.19 -13.10 -1.91
C VAL B 252 -20.15 -12.00 -1.47
N THR B 253 -19.58 -10.92 -0.95
CA THR B 253 -20.37 -9.76 -0.59
C THR B 253 -20.92 -9.07 -1.83
N LEU B 254 -21.97 -8.28 -1.62
CA LEU B 254 -22.40 -7.38 -2.69
C LEU B 254 -21.34 -6.34 -2.99
N SER B 255 -20.53 -5.95 -2.00
CA SER B 255 -19.42 -5.05 -2.30
C SER B 255 -18.43 -5.69 -3.26
N THR B 256 -18.28 -7.01 -3.18
CA THR B 256 -17.41 -7.71 -4.12
C THR B 256 -17.99 -7.73 -5.53
N VAL B 257 -19.30 -7.92 -5.65
CA VAL B 257 -19.92 -7.88 -6.97
C VAL B 257 -19.79 -6.50 -7.58
N ILE B 258 -20.08 -5.46 -6.81
CA ILE B 258 -19.92 -4.11 -7.30
C ILE B 258 -18.47 -3.80 -7.68
N GLN B 259 -17.52 -4.26 -6.87
CA GLN B 259 -16.10 -4.03 -7.18
C GLN B 259 -15.64 -4.82 -8.40
N THR B 260 -16.21 -5.99 -8.63
CA THR B 260 -15.86 -6.76 -9.82
C THR B 260 -16.48 -6.15 -11.08
N ILE B 261 -17.72 -5.68 -10.99
CA ILE B 261 -18.31 -4.96 -12.12
C ILE B 261 -17.49 -3.74 -12.47
N TRP B 262 -17.08 -2.96 -11.49
CA TRP B 262 -16.20 -1.85 -11.81
C TRP B 262 -14.85 -2.30 -12.33
N GLY B 263 -14.40 -3.49 -11.93
CA GLY B 263 -13.20 -4.06 -12.50
C GLY B 263 -13.31 -4.37 -13.97
N VAL B 264 -14.30 -5.18 -14.32
CA VAL B 264 -14.54 -5.51 -15.71
C VAL B 264 -14.72 -4.25 -16.53
N LEU B 265 -15.40 -3.25 -15.98
CA LEU B 265 -15.53 -2.00 -16.71
C LEU B 265 -14.16 -1.38 -16.99
N LEU B 266 -13.30 -1.29 -15.98
CA LEU B 266 -12.00 -0.69 -16.23
C LEU B 266 -11.16 -1.50 -17.20
N GLN B 267 -11.31 -2.83 -17.20
CA GLN B 267 -10.66 -3.66 -18.21
C GLN B 267 -11.14 -3.31 -19.61
N LYS B 268 -12.45 -3.41 -19.84
CA LYS B 268 -12.95 -3.11 -21.17
C LYS B 268 -12.61 -1.69 -21.59
N TYR B 269 -12.55 -0.75 -20.64
CA TYR B 269 -12.15 0.60 -21.00
C TYR B 269 -10.66 0.72 -21.24
N ASN B 270 -9.87 -0.23 -20.78
CA ASN B 270 -8.47 -0.24 -21.18
C ASN B 270 -8.25 -1.40 -22.15
N ALA B 271 -6.99 -1.66 -22.49
CA ALA B 271 -6.67 -2.93 -23.12
C ALA B 271 -6.57 -4.06 -22.11
N ALA B 272 -6.24 -3.73 -20.86
CA ALA B 272 -5.55 -4.66 -19.99
C ALA B 272 -6.44 -5.82 -19.57
N HIS B 273 -5.78 -6.88 -19.12
CA HIS B 273 -6.42 -7.94 -18.34
C HIS B 273 -6.15 -7.79 -16.86
N ASP B 274 -5.54 -6.67 -16.46
CA ASP B 274 -4.97 -6.52 -15.13
C ASP B 274 -5.04 -5.03 -14.80
N VAL B 275 -5.98 -4.66 -13.93
CA VAL B 275 -6.30 -3.28 -13.65
C VAL B 275 -6.37 -3.07 -12.15
N LEU B 276 -5.95 -1.89 -11.71
CA LEU B 276 -5.86 -1.57 -10.30
C LEU B 276 -6.45 -0.18 -10.05
N PHE B 277 -7.24 -0.08 -8.99
CA PHE B 277 -7.87 1.18 -8.62
C PHE B 277 -7.88 1.26 -7.09
N GLY B 278 -8.14 2.45 -6.58
CA GLY B 278 -8.21 2.62 -5.14
C GLY B 278 -9.53 2.14 -4.59
N SER B 279 -9.46 1.33 -3.54
CA SER B 279 -10.62 0.97 -2.73
C SER B 279 -10.46 1.57 -1.36
N VAL B 280 -11.54 2.15 -0.84
CA VAL B 280 -11.50 2.81 0.47
C VAL B 280 -12.14 1.89 1.49
N VAL B 281 -11.38 1.59 2.55
CA VAL B 281 -11.79 0.61 3.55
C VAL B 281 -11.75 1.27 4.92
N SER B 282 -12.58 0.75 5.82
CA SER B 282 -12.75 1.38 7.13
C SER B 282 -11.47 1.41 7.94
N GLY B 283 -10.53 0.52 7.68
CA GLY B 283 -9.24 0.58 8.33
C GLY B 283 -9.29 0.27 9.81
N ARG B 284 -10.47 0.05 10.37
CA ARG B 284 -10.64 -0.30 11.77
C ARG B 284 -10.36 -1.79 11.97
N PRO B 285 -9.21 -2.14 12.55
CA PRO B 285 -8.90 -3.57 12.73
C PRO B 285 -9.84 -4.19 13.75
N THR B 286 -10.57 -5.22 13.31
CA THR B 286 -11.52 -5.89 14.18
C THR B 286 -10.85 -6.48 15.41
N ASP B 287 -9.52 -6.63 15.38
CA ASP B 287 -8.79 -7.11 16.55
C ASP B 287 -8.96 -6.21 17.77
N ILE B 288 -9.18 -4.92 17.58
CA ILE B 288 -9.29 -4.01 18.71
C ILE B 288 -10.64 -4.19 19.40
N VAL B 289 -10.62 -4.16 20.73
CA VAL B 289 -11.85 -4.15 21.52
C VAL B 289 -12.49 -2.77 21.43
N GLY B 290 -13.75 -2.73 21.00
CA GLY B 290 -14.54 -1.51 21.04
C GLY B 290 -14.24 -0.52 19.93
N ILE B 291 -13.53 -0.95 18.88
CA ILE B 291 -13.07 -0.01 17.88
C ILE B 291 -14.23 0.59 17.08
N ASP B 292 -15.36 -0.09 17.01
CA ASP B 292 -16.54 0.46 16.35
C ASP B 292 -17.18 1.61 17.12
N LYS B 293 -16.64 2.00 18.26
CA LYS B 293 -17.03 3.23 18.91
C LYS B 293 -15.89 4.21 19.06
N MET B 294 -14.71 3.90 18.54
CA MET B 294 -13.52 4.70 18.78
C MET B 294 -13.51 5.89 17.84
N VAL B 295 -13.59 7.08 18.40
CA VAL B 295 -13.57 8.31 17.62
C VAL B 295 -12.14 8.65 17.26
N GLY B 296 -11.92 8.90 15.98
CA GLY B 296 -10.58 9.14 15.49
C GLY B 296 -10.54 8.90 13.99
N LEU B 297 -9.32 8.79 13.47
CA LEU B 297 -9.08 8.77 12.04
C LEU B 297 -8.54 7.40 11.65
N PHE B 298 -9.34 6.64 10.92
CA PHE B 298 -9.03 5.26 10.58
C PHE B 298 -9.12 4.99 9.08
N ILE B 299 -10.01 5.73 8.41
CA ILE B 299 -10.34 5.45 7.02
C ILE B 299 -9.10 5.42 6.15
N ASN B 300 -8.92 4.32 5.41
CA ASN B 300 -7.69 4.07 4.69
C ASN B 300 -7.97 3.70 3.24
N THR B 301 -7.04 4.07 2.37
CA THR B 301 -7.08 3.73 0.94
C THR B 301 -6.13 2.57 0.66
N ILE B 302 -6.62 1.50 0.07
CA ILE B 302 -5.76 0.38 -0.33
C ILE B 302 -5.80 0.23 -1.85
N PRO B 303 -4.74 -0.24 -2.48
CA PRO B 303 -4.85 -0.67 -3.88
C PRO B 303 -5.74 -1.88 -4.01
N PHE B 304 -6.59 -1.87 -5.03
CA PHE B 304 -7.45 -3.00 -5.36
C PHE B 304 -7.18 -3.44 -6.79
N ARG B 305 -6.81 -4.72 -6.96
CA ARG B 305 -6.33 -5.22 -8.25
C ARG B 305 -7.24 -6.34 -8.74
N VAL B 306 -7.78 -6.18 -9.94
CA VAL B 306 -8.59 -7.21 -10.58
C VAL B 306 -7.83 -7.69 -11.81
N GLN B 307 -7.59 -8.99 -11.88
CA GLN B 307 -6.80 -9.58 -12.95
C GLN B 307 -7.50 -10.83 -13.43
N ALA B 308 -7.57 -11.02 -14.74
CA ALA B 308 -8.33 -12.12 -15.30
C ALA B 308 -7.52 -12.91 -16.32
N LYS B 309 -7.81 -14.22 -16.36
CA LYS B 309 -7.43 -15.08 -17.45
C LYS B 309 -8.46 -15.00 -18.58
N ALA B 310 -8.00 -15.30 -19.80
CA ALA B 310 -8.86 -15.12 -20.97
C ALA B 310 -10.11 -15.99 -20.90
N GLY B 311 -9.99 -17.19 -20.37
CA GLY B 311 -11.12 -18.09 -20.28
C GLY B 311 -11.97 -17.96 -19.03
N GLN B 312 -11.70 -16.95 -18.21
CA GLN B 312 -12.31 -16.84 -16.90
C GLN B 312 -13.76 -16.39 -16.98
N THR B 313 -14.66 -17.16 -16.37
CA THR B 313 -16.03 -16.70 -16.22
C THR B 313 -16.08 -15.61 -15.14
N PHE B 314 -17.15 -14.82 -15.19
CA PHE B 314 -17.36 -13.80 -14.16
C PHE B 314 -17.44 -14.38 -12.76
N SER B 315 -18.14 -15.50 -12.58
CA SER B 315 -18.08 -16.21 -11.30
C SER B 315 -16.66 -16.55 -10.88
N GLU B 316 -15.82 -17.00 -11.81
CA GLU B 316 -14.44 -17.29 -11.46
C GLU B 316 -13.63 -16.03 -11.19
N LEU B 317 -14.07 -14.86 -11.65
CA LEU B 317 -13.42 -13.64 -11.20
C LEU B 317 -13.92 -13.23 -9.83
N LEU B 318 -15.21 -13.47 -9.56
CA LEU B 318 -15.76 -13.20 -8.23
C LEU B 318 -15.01 -13.94 -7.15
N GLN B 319 -14.85 -15.25 -7.32
CA GLN B 319 -14.09 -16.03 -6.35
C GLN B 319 -12.69 -15.48 -6.13
N ALA B 320 -12.00 -15.14 -7.22
CA ALA B 320 -10.61 -14.71 -7.11
C ALA B 320 -10.48 -13.35 -6.43
N VAL B 321 -11.38 -12.42 -6.75
CA VAL B 321 -11.32 -11.12 -6.11
C VAL B 321 -11.79 -11.18 -4.66
N HIS B 322 -12.68 -12.09 -4.34
CA HIS B 322 -13.03 -12.32 -2.94
C HIS B 322 -11.83 -12.83 -2.15
N LYS B 323 -11.22 -13.92 -2.61
CA LYS B 323 -10.06 -14.45 -1.90
C LYS B 323 -8.96 -13.40 -1.78
N ARG B 324 -8.65 -12.68 -2.87
CA ARG B 324 -7.67 -11.60 -2.80
C ARG B 324 -8.08 -10.51 -1.82
N THR B 325 -9.38 -10.35 -1.57
CA THR B 325 -9.81 -9.37 -0.57
C THR B 325 -9.60 -9.87 0.86
N LEU B 326 -9.96 -11.12 1.12
CA LEU B 326 -9.71 -11.70 2.44
C LEU B 326 -8.24 -11.73 2.77
N GLN B 327 -7.40 -12.16 1.83
CA GLN B 327 -5.95 -12.16 2.05
C GLN B 327 -5.42 -10.76 2.33
N SER B 328 -6.05 -9.72 1.78
CA SER B 328 -5.59 -8.35 2.03
C SER B 328 -6.02 -7.82 3.38
N GLN B 329 -7.16 -8.26 3.90
CA GLN B 329 -7.74 -7.65 5.09
C GLN B 329 -6.80 -7.50 6.28
N PRO B 330 -5.95 -8.48 6.61
CA PRO B 330 -4.97 -8.26 7.68
C PRO B 330 -4.02 -7.06 7.48
N TYR B 331 -3.86 -6.56 6.26
CA TYR B 331 -2.84 -5.56 5.99
C TYR B 331 -3.40 -4.21 5.53
N GLU B 332 -4.71 -4.02 5.57
CA GLU B 332 -5.32 -2.82 5.00
C GLU B 332 -5.10 -1.58 5.85
N HIS B 333 -4.39 -1.68 6.97
CA HIS B 333 -4.05 -0.52 7.77
C HIS B 333 -2.77 0.18 7.32
N VAL B 334 -2.02 -0.44 6.42
CA VAL B 334 -0.76 0.16 5.96
C VAL B 334 -1.07 1.43 5.16
N PRO B 335 -0.34 2.52 5.37
CA PRO B 335 -0.63 3.75 4.62
C PRO B 335 -0.21 3.60 3.17
N LEU B 336 -1.04 4.16 2.29
CA LEU B 336 -0.78 4.03 0.85
C LEU B 336 0.54 4.66 0.44
N TYR B 337 1.00 5.69 1.16
CA TYR B 337 2.27 6.29 0.83
C TYR B 337 3.44 5.32 0.96
N ASP B 338 3.33 4.33 1.84
CA ASP B 338 4.32 3.27 1.89
C ASP B 338 4.06 2.19 0.87
N ILE B 339 2.81 1.77 0.72
CA ILE B 339 2.46 0.78 -0.30
C ILE B 339 2.88 1.23 -1.69
N GLN B 340 2.70 2.52 -1.99
CA GLN B 340 3.20 3.03 -3.26
C GLN B 340 4.70 2.83 -3.40
N THR B 341 5.45 2.95 -2.31
CA THR B 341 6.89 2.73 -2.39
C THR B 341 7.25 1.28 -2.69
N GLN B 342 6.36 0.33 -2.38
CA GLN B 342 6.56 -1.05 -2.76
C GLN B 342 6.35 -1.33 -4.24
N SER B 343 6.00 -0.34 -5.06
CA SER B 343 5.58 -0.62 -6.43
C SER B 343 6.48 0.05 -7.44
N VAL B 344 6.62 -0.64 -8.59
CA VAL B 344 7.36 -0.11 -9.73
C VAL B 344 6.73 1.15 -10.27
N LEU B 345 5.42 1.30 -10.10
CA LEU B 345 4.79 2.62 -10.09
C LEU B 345 4.99 3.22 -8.71
N LYS B 346 6.09 3.96 -8.55
CA LYS B 346 6.46 4.44 -7.24
C LYS B 346 5.48 5.49 -6.74
N GLN B 347 4.67 6.04 -7.63
CA GLN B 347 3.59 6.94 -7.30
C GLN B 347 2.60 6.88 -8.46
N GLU B 348 1.40 7.40 -8.25
CA GLU B 348 0.36 7.35 -9.27
C GLU B 348 -0.06 5.92 -9.57
N LEU B 349 0.13 5.04 -8.58
CA LEU B 349 -0.43 3.70 -8.67
C LEU B 349 -1.94 3.71 -8.74
N ILE B 350 -2.59 4.66 -8.07
CA ILE B 350 -4.03 4.77 -8.03
C ILE B 350 -4.43 6.15 -8.51
N ASP B 351 -5.51 6.23 -9.29
CA ASP B 351 -6.01 7.53 -9.70
C ASP B 351 -7.54 7.65 -9.70
N HIS B 352 -8.26 6.67 -9.19
CA HIS B 352 -9.65 6.92 -8.82
C HIS B 352 -10.07 5.90 -7.78
N LEU B 353 -11.16 6.21 -7.09
CA LEU B 353 -11.63 5.42 -5.96
C LEU B 353 -13.00 4.83 -6.26
N LEU B 354 -13.24 3.63 -5.78
CA LEU B 354 -14.59 3.12 -5.63
C LEU B 354 -14.88 2.99 -4.15
N VAL B 355 -15.87 3.71 -3.67
CA VAL B 355 -16.22 3.76 -2.26
C VAL B 355 -17.60 3.16 -2.06
N ILE B 356 -17.71 2.23 -1.13
CA ILE B 356 -18.98 1.60 -0.81
C ILE B 356 -19.33 1.99 0.61
N GLU B 357 -20.57 2.46 0.81
CA GLU B 357 -20.99 2.93 2.12
C GLU B 357 -22.41 2.43 2.38
N ASN B 358 -22.52 1.41 3.22
CA ASN B 358 -23.82 0.89 3.60
C ASN B 358 -24.64 1.86 4.41
N TYR B 359 -23.98 2.80 5.11
CA TYR B 359 -24.66 3.73 6.00
C TYR B 359 -24.12 5.14 5.80
N PRO B 360 -24.79 5.96 5.00
CA PRO B 360 -24.41 7.37 4.94
C PRO B 360 -24.73 8.05 6.26
N LEU B 361 -24.09 9.21 6.46
CA LEU B 361 -24.25 9.92 7.72
C LEU B 361 -25.63 10.54 7.83
N VAL B 362 -26.07 11.24 6.80
CA VAL B 362 -27.48 11.55 6.66
C VAL B 362 -28.28 10.25 6.66
N GLU B 363 -29.57 10.37 6.99
CA GLU B 363 -30.38 9.24 7.41
C GLU B 363 -29.94 8.69 8.76
N ALA B 364 -28.69 8.24 8.87
CA ALA B 364 -28.23 7.68 10.13
C ALA B 364 -28.34 8.73 11.23
N LEU B 365 -27.81 9.92 10.96
CA LEU B 365 -27.97 11.04 11.89
C LEU B 365 -29.42 11.51 11.95
N GLN B 366 -30.08 11.59 10.81
CA GLN B 366 -31.45 12.07 10.74
C GLN B 366 -32.44 11.21 11.49
N LYS B 367 -32.09 9.98 11.85
CA LYS B 367 -32.94 9.16 12.69
C LYS B 367 -32.74 9.36 14.19
N LYS B 368 -31.62 9.97 14.61
CA LYS B 368 -31.22 9.90 16.02
C LYS B 368 -32.21 10.53 17.01
N ALA B 369 -32.38 11.85 16.94
CA ALA B 369 -33.14 12.55 17.99
C ALA B 369 -34.57 12.06 18.09
N LEU B 370 -35.07 11.36 17.06
CA LEU B 370 -36.37 10.73 17.16
C LEU B 370 -36.43 9.72 18.28
N ASN B 371 -35.28 9.28 18.78
CA ASN B 371 -35.19 8.34 19.88
C ASN B 371 -35.25 8.99 21.25
N GLN B 372 -35.37 10.32 21.33
CA GLN B 372 -35.40 10.98 22.63
C GLN B 372 -36.50 12.02 22.70
N GLN B 373 -37.06 12.16 23.89
CA GLN B 373 -38.25 12.97 24.16
C GLN B 373 -37.98 14.47 24.18
N ILE B 374 -36.77 14.91 23.81
CA ILE B 374 -36.42 16.31 23.98
C ILE B 374 -37.33 17.19 23.13
N GLY B 375 -37.36 18.48 23.48
CA GLY B 375 -38.33 19.44 22.97
C GLY B 375 -38.23 19.75 21.50
N PHE B 376 -37.18 19.31 20.82
CA PHE B 376 -36.97 19.69 19.43
C PHE B 376 -36.80 18.43 18.58
N THR B 377 -37.13 18.57 17.29
CA THR B 377 -36.95 17.51 16.31
C THR B 377 -36.00 17.98 15.22
N ILE B 378 -34.95 17.20 14.97
CA ILE B 378 -34.09 17.41 13.82
C ILE B 378 -34.91 17.17 12.56
N THR B 379 -35.12 18.22 11.77
CA THR B 379 -36.04 18.21 10.65
C THR B 379 -35.36 18.03 9.30
N ALA B 380 -34.09 18.38 9.19
CA ALA B 380 -33.33 18.12 7.98
C ALA B 380 -31.86 18.11 8.35
N VAL B 381 -31.03 17.59 7.45
CA VAL B 381 -29.59 17.67 7.63
C VAL B 381 -28.91 17.72 6.27
N GLU B 382 -27.77 18.37 6.24
CA GLU B 382 -26.92 18.46 5.06
C GLU B 382 -25.49 18.20 5.48
N MET B 383 -24.65 17.87 4.50
CA MET B 383 -23.24 17.73 4.76
C MET B 383 -22.47 18.28 3.57
N PHE B 384 -21.22 18.63 3.82
CA PHE B 384 -20.34 19.16 2.79
C PHE B 384 -18.94 18.62 3.04
N GLU B 385 -18.28 18.19 1.98
CA GLU B 385 -16.96 17.59 2.08
C GLU B 385 -16.15 17.89 0.84
N PRO B 386 -15.31 18.93 0.89
CA PRO B 386 -14.29 19.10 -0.15
C PRO B 386 -13.52 17.81 -0.35
N THR B 387 -13.30 17.45 -1.62
CA THR B 387 -12.96 16.08 -1.98
C THR B 387 -11.72 16.08 -2.87
N ASN B 388 -10.86 15.09 -2.64
CA ASN B 388 -9.53 15.07 -3.24
C ASN B 388 -9.56 14.72 -4.72
N TYR B 389 -9.99 13.50 -5.05
CA TYR B 389 -9.63 12.91 -6.33
C TYR B 389 -10.36 13.55 -7.50
N ASP B 390 -9.81 13.31 -8.69
CA ASP B 390 -10.42 13.73 -9.94
C ASP B 390 -11.70 12.95 -10.21
N LEU B 391 -11.81 11.74 -9.69
CA LEU B 391 -13.03 10.98 -9.76
C LEU B 391 -13.17 10.16 -8.50
N THR B 392 -14.41 9.94 -8.08
CA THR B 392 -14.70 9.05 -6.96
C THR B 392 -16.09 8.49 -7.17
N VAL B 393 -16.20 7.17 -7.31
CA VAL B 393 -17.48 6.52 -7.49
C VAL B 393 -18.01 6.10 -6.13
N MET B 394 -18.89 6.91 -5.55
CA MET B 394 -19.63 6.47 -4.38
C MET B 394 -20.65 5.44 -4.83
N VAL B 395 -20.84 4.40 -4.03
CA VAL B 395 -21.96 3.50 -4.22
C VAL B 395 -22.71 3.34 -2.90
N MET B 396 -24.02 3.52 -2.96
CA MET B 396 -24.86 3.30 -1.79
C MET B 396 -25.77 2.12 -2.05
N PRO B 397 -25.54 0.99 -1.44
CA PRO B 397 -26.40 -0.18 -1.68
C PRO B 397 -27.79 0.01 -1.10
N LYS B 398 -28.48 1.05 -1.56
CA LYS B 398 -29.82 1.35 -1.05
C LYS B 398 -30.83 0.34 -1.59
N GLU B 399 -32.11 0.64 -1.38
CA GLU B 399 -33.18 -0.12 -2.00
C GLU B 399 -33.02 -0.20 -3.51
N GLU B 400 -32.63 0.91 -4.13
CA GLU B 400 -32.19 0.94 -5.52
C GLU B 400 -30.71 1.27 -5.55
N LEU B 401 -29.91 0.34 -6.07
CA LEU B 401 -28.47 0.50 -5.96
C LEU B 401 -28.08 1.78 -6.69
N ALA B 402 -27.64 2.77 -5.92
CA ALA B 402 -27.45 4.13 -6.40
C ALA B 402 -25.96 4.46 -6.47
N PHE B 403 -25.57 5.11 -7.55
CA PHE B 403 -24.18 5.44 -7.81
C PHE B 403 -24.06 6.94 -7.91
N ARG B 404 -22.90 7.47 -7.55
CA ARG B 404 -22.62 8.88 -7.82
C ARG B 404 -21.17 9.05 -8.19
N PHE B 405 -20.92 9.76 -9.29
CA PHE B 405 -19.57 10.07 -9.73
C PHE B 405 -19.22 11.49 -9.32
N ASP B 406 -18.58 11.64 -8.18
CA ASP B 406 -17.93 12.92 -7.94
C ASP B 406 -16.73 13.02 -8.87
N TYR B 407 -16.73 14.03 -9.74
CA TYR B 407 -15.65 14.14 -10.72
C TYR B 407 -15.31 15.60 -10.96
N ASN B 408 -14.06 15.84 -11.34
CA ASN B 408 -13.64 17.18 -11.72
C ASN B 408 -14.02 17.40 -13.18
N ALA B 409 -15.07 18.20 -13.40
CA ALA B 409 -15.57 18.43 -14.75
C ALA B 409 -14.61 19.23 -15.61
N ALA B 410 -13.54 19.78 -15.03
CA ALA B 410 -12.45 20.31 -15.84
C ALA B 410 -11.68 19.23 -16.58
N LEU B 411 -11.77 17.97 -16.14
CA LEU B 411 -10.97 16.90 -16.70
C LEU B 411 -11.80 15.83 -17.41
N PHE B 412 -13.03 15.60 -16.98
CA PHE B 412 -13.93 14.69 -17.67
C PHE B 412 -15.09 15.47 -18.26
N ASP B 413 -15.34 15.29 -19.55
CA ASP B 413 -16.54 15.84 -20.16
C ASP B 413 -17.77 15.13 -19.62
N GLU B 414 -18.85 15.89 -19.47
CA GLU B 414 -20.09 15.29 -18.98
C GLU B 414 -20.56 14.14 -19.85
N GLN B 415 -20.30 14.20 -21.16
CA GLN B 415 -20.66 13.07 -22.02
C GLN B 415 -19.81 11.85 -21.74
N VAL B 416 -18.54 12.04 -21.38
CA VAL B 416 -17.69 10.92 -20.98
C VAL B 416 -18.29 10.21 -19.77
N VAL B 417 -18.65 10.97 -18.74
CA VAL B 417 -19.20 10.38 -17.53
C VAL B 417 -20.58 9.78 -17.78
N GLN B 418 -21.41 10.45 -18.57
CA GLN B 418 -22.73 9.91 -18.89
C GLN B 418 -22.61 8.58 -19.62
N LYS B 419 -21.70 8.51 -20.58
CA LYS B 419 -21.47 7.25 -21.27
C LYS B 419 -20.91 6.20 -20.33
N LEU B 420 -19.94 6.59 -19.50
CA LEU B 420 -19.38 5.66 -18.53
C LEU B 420 -20.44 5.05 -17.64
N ALA B 421 -21.40 5.84 -17.17
CA ALA B 421 -22.52 5.29 -16.42
C ALA B 421 -23.44 4.42 -17.26
N GLY B 422 -23.56 4.73 -18.55
CA GLY B 422 -24.33 3.83 -19.42
C GLY B 422 -23.67 2.47 -19.57
N HIS B 423 -22.37 2.48 -19.81
CA HIS B 423 -21.61 1.23 -19.88
C HIS B 423 -21.63 0.48 -18.56
N LEU B 424 -21.48 1.19 -17.44
CA LEU B 424 -21.56 0.56 -16.13
C LEU B 424 -22.92 -0.07 -15.87
N GLN B 425 -24.01 0.49 -16.40
CA GLN B 425 -25.27 -0.23 -16.31
C GLN B 425 -25.38 -1.40 -17.27
N GLN B 426 -24.76 -1.29 -18.46
CA GLN B 426 -24.86 -2.39 -19.43
C GLN B 426 -24.04 -3.60 -19.00
N ILE B 427 -22.86 -3.37 -18.46
CA ILE B 427 -22.10 -4.44 -17.82
C ILE B 427 -22.95 -5.10 -16.75
N ALA B 428 -23.52 -4.28 -15.86
CA ALA B 428 -24.24 -4.85 -14.73
C ALA B 428 -25.41 -5.69 -15.20
N ASP B 429 -26.10 -5.27 -16.25
CA ASP B 429 -27.17 -6.09 -16.79
C ASP B 429 -26.68 -7.40 -17.40
N CYS B 430 -25.57 -7.36 -18.13
CA CYS B 430 -25.03 -8.60 -18.69
C CYS B 430 -24.61 -9.56 -17.60
N VAL B 431 -23.83 -9.08 -16.64
CA VAL B 431 -23.43 -9.91 -15.50
C VAL B 431 -24.65 -10.46 -14.78
N ALA B 432 -25.68 -9.63 -14.61
CA ALA B 432 -26.83 -10.05 -13.81
C ALA B 432 -27.67 -11.09 -14.52
N ASN B 433 -27.62 -11.15 -15.85
CA ASN B 433 -28.45 -12.13 -16.52
C ASN B 433 -27.80 -13.52 -16.57
N ASN B 434 -26.52 -13.59 -16.93
CA ASN B 434 -25.76 -14.85 -16.84
C ASN B 434 -24.54 -14.66 -15.96
N SER B 435 -24.49 -15.40 -14.85
CA SER B 435 -23.33 -15.34 -13.97
C SER B 435 -22.08 -15.90 -14.64
N GLY B 436 -22.24 -16.76 -15.64
CA GLY B 436 -21.14 -17.53 -16.20
C GLY B 436 -20.62 -17.08 -17.54
N VAL B 437 -20.97 -15.88 -18.00
CA VAL B 437 -20.42 -15.38 -19.25
C VAL B 437 -18.92 -15.11 -19.10
N GLU B 438 -18.18 -15.30 -20.18
CA GLU B 438 -16.77 -14.97 -20.19
C GLU B 438 -16.55 -13.46 -20.22
N LEU B 439 -15.52 -13.03 -19.51
CA LEU B 439 -15.17 -11.61 -19.49
C LEU B 439 -14.94 -11.05 -20.88
N CYS B 440 -14.46 -11.86 -21.82
CA CYS B 440 -14.30 -11.38 -23.19
C CYS B 440 -15.64 -11.11 -23.87
N GLN B 441 -16.70 -11.79 -23.44
CA GLN B 441 -17.96 -11.80 -24.16
C GLN B 441 -18.99 -10.82 -23.63
N ILE B 442 -18.66 -10.04 -22.61
CA ILE B 442 -19.52 -8.99 -22.07
C ILE B 442 -19.44 -7.71 -22.91
N PRO B 443 -20.51 -7.29 -23.58
CA PRO B 443 -20.47 -6.05 -24.35
C PRO B 443 -20.78 -4.83 -23.51
N LEU B 444 -20.03 -3.76 -23.76
CA LEU B 444 -20.33 -2.48 -23.12
C LEU B 444 -21.47 -1.71 -23.76
N LEU B 445 -21.74 -1.92 -25.05
CA LEU B 445 -22.46 -0.93 -25.82
C LEU B 445 -23.96 -1.14 -25.79
N THR B 446 -24.69 -0.07 -25.49
CA THR B 446 -26.12 0.00 -25.70
C THR B 446 -26.46 0.13 -27.18
N GLU B 447 -27.75 -0.05 -27.48
CA GLU B 447 -28.22 -0.02 -28.86
C GLU B 447 -27.94 1.32 -29.54
N ALA B 448 -28.02 2.41 -28.78
CA ALA B 448 -27.78 3.73 -29.35
C ALA B 448 -26.35 3.92 -29.83
N GLU B 449 -25.39 3.30 -29.17
CA GLU B 449 -24.02 3.33 -29.68
C GLU B 449 -23.80 2.26 -30.75
N THR B 450 -24.35 1.07 -30.56
CA THR B 450 -24.15 0.01 -31.54
C THR B 450 -24.63 0.43 -32.91
N SER B 451 -25.86 0.94 -32.99
CA SER B 451 -26.39 1.37 -34.28
C SER B 451 -25.64 2.56 -34.85
N GLN B 452 -25.16 3.46 -34.00
CA GLN B 452 -24.40 4.62 -34.48
C GLN B 452 -23.05 4.24 -35.06
N LEU B 453 -22.35 3.27 -34.46
CA LEU B 453 -21.09 2.81 -35.03
C LEU B 453 -21.31 2.01 -36.32
N LEU B 454 -22.23 1.06 -36.30
CA LEU B 454 -22.50 0.29 -37.52
C LEU B 454 -22.94 1.18 -38.68
N ALA B 455 -23.59 2.30 -38.39
CA ALA B 455 -23.95 3.22 -39.48
C ALA B 455 -22.75 3.71 -40.27
N LYS B 456 -21.55 3.69 -39.70
CA LYS B 456 -20.36 4.05 -40.47
C LYS B 456 -20.01 3.03 -41.54
N ARG B 457 -20.57 1.82 -41.52
CA ARG B 457 -20.49 0.95 -42.68
C ARG B 457 -21.55 1.28 -43.74
N THR B 458 -22.76 1.60 -43.30
CA THR B 458 -23.86 1.82 -44.23
C THR B 458 -23.78 3.19 -44.89
N GLU B 459 -23.39 4.21 -44.14
CA GLU B 459 -22.89 5.42 -44.75
C GLU B 459 -21.57 5.15 -45.47
N THR B 460 -21.30 5.94 -46.51
CA THR B 460 -20.17 5.77 -47.42
C THR B 460 -20.20 4.46 -48.19
N ALA B 461 -21.34 3.77 -48.21
CA ALA B 461 -21.61 2.83 -49.29
C ALA B 461 -21.78 3.57 -50.61
N ALA B 462 -21.39 2.92 -51.71
CA ALA B 462 -21.49 3.53 -53.03
C ALA B 462 -21.71 2.44 -54.07
N ASP B 463 -22.35 2.81 -55.17
CA ASP B 463 -22.67 1.90 -56.27
C ASP B 463 -21.77 2.16 -57.46
N TYR B 464 -21.12 1.10 -57.94
CA TYR B 464 -20.10 1.19 -58.98
C TYR B 464 -20.31 0.08 -59.99
N PRO B 465 -19.83 0.25 -61.22
CA PRO B 465 -20.06 -0.75 -62.26
C PRO B 465 -19.29 -2.05 -62.05
N ALA B 466 -18.27 -2.06 -61.20
CA ALA B 466 -17.61 -3.29 -60.77
C ALA B 466 -17.12 -4.11 -61.96
N ALA B 467 -16.68 -3.42 -63.02
CA ALA B 467 -16.11 -4.11 -64.16
C ALA B 467 -14.70 -4.62 -63.83
N THR B 468 -14.19 -5.50 -64.68
CA THR B 468 -12.85 -6.02 -64.47
C THR B 468 -11.79 -4.97 -64.83
N MET B 469 -10.62 -5.10 -64.20
CA MET B 469 -9.65 -4.02 -64.24
C MET B 469 -9.16 -3.74 -65.67
N HIS B 470 -8.93 -4.79 -66.45
CA HIS B 470 -8.57 -4.59 -67.85
C HIS B 470 -9.75 -4.15 -68.70
N GLU B 471 -10.98 -4.48 -68.30
CA GLU B 471 -12.12 -3.92 -69.00
C GLU B 471 -12.24 -2.42 -68.75
N LEU B 472 -11.94 -1.99 -67.52
CA LEU B 472 -11.84 -0.57 -67.22
C LEU B 472 -10.73 0.11 -68.02
N PHE B 473 -9.59 -0.55 -68.17
CA PHE B 473 -8.56 -0.01 -69.04
C PHE B 473 -9.04 0.11 -70.48
N SER B 474 -9.65 -0.95 -71.02
CA SER B 474 -10.13 -0.92 -72.39
C SER B 474 -11.15 0.20 -72.60
N ARG B 475 -12.10 0.34 -71.67
CA ARG B 475 -13.07 1.43 -71.77
C ARG B 475 -12.45 2.81 -71.56
N GLN B 476 -11.33 2.89 -70.85
CA GLN B 476 -10.58 4.14 -70.84
C GLN B 476 -9.79 4.32 -72.13
N ALA B 477 -9.10 3.26 -72.57
CA ALA B 477 -8.20 3.38 -73.70
C ALA B 477 -8.92 3.84 -74.97
N GLU B 478 -10.18 3.45 -75.12
CA GLU B 478 -10.99 3.94 -76.23
C GLU B 478 -11.28 5.43 -76.12
N LYS B 479 -11.07 6.03 -74.95
CA LYS B 479 -11.38 7.45 -74.79
C LYS B 479 -10.30 8.33 -75.40
N THR B 480 -9.02 8.01 -75.15
CA THR B 480 -7.91 8.83 -75.64
C THR B 480 -6.72 7.93 -75.98
N PRO B 481 -6.86 7.10 -77.00
CA PRO B 481 -5.79 6.13 -77.30
C PRO B 481 -4.53 6.76 -77.85
N GLU B 482 -4.63 7.93 -78.48
CA GLU B 482 -3.49 8.56 -79.14
C GLU B 482 -2.53 9.22 -78.18
N GLN B 483 -2.95 9.51 -76.95
CA GLN B 483 -2.10 10.23 -76.01
C GLN B 483 -0.99 9.34 -75.49
N VAL B 484 0.13 9.96 -75.14
CA VAL B 484 1.26 9.24 -74.56
C VAL B 484 0.87 8.78 -73.16
N ALA B 485 0.89 7.46 -72.95
CA ALA B 485 0.55 6.86 -71.66
C ALA B 485 1.74 6.73 -70.74
N VAL B 486 2.88 6.27 -71.25
CA VAL B 486 4.02 5.89 -70.44
C VAL B 486 5.29 6.39 -71.10
N VAL B 487 6.24 6.84 -70.29
CA VAL B 487 7.59 7.17 -70.75
C VAL B 487 8.59 6.57 -69.77
N PHE B 488 9.67 6.00 -70.33
CA PHE B 488 10.75 5.39 -69.57
C PHE B 488 12.07 5.79 -70.21
N ALA B 489 13.03 6.19 -69.37
CA ALA B 489 14.20 6.92 -69.86
C ALA B 489 13.78 8.08 -70.76
N ASP B 490 14.04 7.96 -72.06
CA ASP B 490 13.57 8.94 -73.02
C ASP B 490 12.72 8.30 -74.11
N GLN B 491 12.08 7.17 -73.79
CA GLN B 491 11.24 6.45 -74.72
C GLN B 491 9.86 6.24 -74.13
N HIS B 492 8.85 6.24 -74.99
CA HIS B 492 7.46 6.35 -74.55
C HIS B 492 6.59 5.42 -75.39
N LEU B 493 5.41 5.15 -74.87
CA LEU B 493 4.34 4.47 -75.61
C LEU B 493 3.08 5.32 -75.56
N THR B 494 2.32 5.32 -76.65
CA THR B 494 0.94 5.77 -76.56
C THR B 494 0.06 4.70 -75.91
N TYR B 495 -1.12 5.15 -75.47
CA TYR B 495 -2.14 4.22 -75.01
C TYR B 495 -2.51 3.21 -76.07
N ARG B 496 -2.60 3.64 -77.34
CA ARG B 496 -2.82 2.73 -78.45
C ARG B 496 -1.74 1.67 -78.55
N GLU B 497 -0.46 2.09 -78.53
CA GLU B 497 0.64 1.13 -78.62
C GLU B 497 0.66 0.17 -77.43
N LEU B 498 0.39 0.69 -76.23
CA LEU B 498 0.28 -0.17 -75.06
C LEU B 498 -0.83 -1.21 -75.21
N ASP B 499 -1.99 -0.78 -75.70
CA ASP B 499 -3.08 -1.71 -75.95
C ASP B 499 -2.72 -2.77 -76.99
N GLU B 500 -2.22 -2.33 -78.14
CA GLU B 500 -1.87 -3.27 -79.20
C GLU B 500 -0.84 -4.30 -78.73
N LYS B 501 0.24 -3.83 -78.11
CA LYS B 501 1.25 -4.74 -77.58
C LYS B 501 0.70 -5.67 -76.51
N SER B 502 -0.21 -5.18 -75.68
CA SER B 502 -0.82 -6.05 -74.68
C SER B 502 -1.73 -7.09 -75.32
N ASN B 503 -2.47 -6.73 -76.36
CA ASN B 503 -3.28 -7.70 -77.09
C ASN B 503 -2.40 -8.78 -77.71
N GLN B 504 -1.30 -8.38 -78.36
CA GLN B 504 -0.37 -9.34 -78.92
C GLN B 504 0.18 -10.29 -77.86
N LEU B 505 0.72 -9.74 -76.78
CA LEU B 505 1.28 -10.58 -75.72
C LEU B 505 0.24 -11.48 -75.07
N ALA B 506 -0.98 -10.97 -74.87
CA ALA B 506 -2.05 -11.80 -74.30
C ALA B 506 -2.44 -12.95 -75.24
N ARG B 507 -2.56 -12.66 -76.53
CA ARG B 507 -2.83 -13.72 -77.50
C ARG B 507 -1.73 -14.78 -77.51
N PHE B 508 -0.47 -14.35 -77.42
CA PHE B 508 0.62 -15.33 -77.32
C PHE B 508 0.54 -16.13 -76.03
N LEU B 509 0.39 -15.44 -74.90
CA LEU B 509 0.39 -16.09 -73.60
C LEU B 509 -0.75 -17.10 -73.46
N ARG B 510 -1.90 -16.81 -74.05
CA ARG B 510 -3.00 -17.77 -74.02
C ARG B 510 -2.61 -19.09 -74.68
N LYS B 511 -1.64 -19.06 -75.60
CA LYS B 511 -1.15 -20.29 -76.19
C LYS B 511 -0.38 -21.16 -75.21
N LYS B 512 0.07 -20.60 -74.09
CA LYS B 512 0.67 -21.39 -73.03
C LYS B 512 -0.36 -21.94 -72.04
N GLY B 513 -1.65 -21.71 -72.26
CA GLY B 513 -2.67 -22.19 -71.36
C GLY B 513 -3.01 -21.25 -70.22
N ILE B 514 -2.47 -20.04 -70.22
CA ILE B 514 -2.75 -19.07 -69.16
C ILE B 514 -4.20 -18.65 -69.20
N GLY B 515 -4.80 -18.48 -68.02
CA GLY B 515 -6.21 -18.12 -67.97
C GLY B 515 -6.76 -18.25 -66.55
N THR B 516 -8.08 -18.41 -66.49
CA THR B 516 -8.79 -18.40 -65.21
C THR B 516 -8.19 -19.39 -64.22
N GLY B 517 -7.77 -20.57 -64.71
CA GLY B 517 -7.20 -21.58 -63.85
C GLY B 517 -5.71 -21.44 -63.63
N SER B 518 -5.15 -20.29 -63.94
CA SER B 518 -3.71 -20.18 -64.15
C SER B 518 -3.18 -18.88 -63.56
N LEU B 519 -1.86 -18.85 -63.36
CA LEU B 519 -1.15 -17.73 -62.77
C LEU B 519 0.14 -17.56 -63.54
N VAL B 520 0.65 -16.33 -63.60
CA VAL B 520 1.88 -16.04 -64.32
C VAL B 520 2.84 -15.28 -63.43
N GLY B 521 4.09 -15.75 -63.38
CA GLY B 521 5.15 -15.01 -62.71
C GLY B 521 5.68 -13.93 -63.65
N THR B 522 5.85 -12.72 -63.12
CA THR B 522 6.34 -11.60 -63.91
C THR B 522 7.60 -11.05 -63.25
N LEU B 523 8.69 -11.82 -63.27
CA LEU B 523 10.00 -11.32 -62.88
C LEU B 523 10.56 -10.46 -64.00
N LEU B 524 10.00 -9.27 -64.14
CA LEU B 524 10.44 -8.29 -65.13
C LEU B 524 11.03 -7.08 -64.42
N ASP B 525 12.22 -6.67 -64.86
CA ASP B 525 12.76 -5.39 -64.45
C ASP B 525 12.01 -4.24 -65.11
N ARG B 526 12.18 -3.05 -64.55
CA ARG B 526 11.49 -1.85 -65.01
C ARG B 526 11.80 -1.57 -66.47
N SER B 527 10.74 -1.46 -67.27
CA SER B 527 10.86 -1.08 -68.67
C SER B 527 9.44 -0.76 -69.16
N LEU B 528 9.36 -0.13 -70.34
CA LEU B 528 8.08 -0.10 -71.03
C LEU B 528 7.49 -1.49 -71.17
N ASP B 529 8.35 -2.49 -71.39
CA ASP B 529 7.90 -3.87 -71.43
C ASP B 529 7.28 -4.31 -70.12
N MET B 530 7.62 -3.65 -69.01
CA MET B 530 7.05 -4.03 -67.72
C MET B 530 5.58 -3.68 -67.63
N ILE B 531 5.20 -2.49 -68.08
CA ILE B 531 3.79 -2.12 -68.08
C ILE B 531 3.02 -2.95 -69.12
N VAL B 532 3.59 -3.08 -70.32
CA VAL B 532 3.03 -3.97 -71.33
C VAL B 532 2.94 -5.39 -70.81
N GLY B 533 3.98 -5.86 -70.13
CA GLY B 533 3.95 -7.21 -69.57
C GLY B 533 2.81 -7.41 -68.60
N ILE B 534 2.68 -6.51 -67.63
CA ILE B 534 1.59 -6.58 -66.67
C ILE B 534 0.24 -6.59 -67.37
N LEU B 535 0.00 -5.59 -68.22
CA LEU B 535 -1.32 -5.48 -68.85
C LEU B 535 -1.62 -6.67 -69.75
N GLY B 536 -0.61 -7.19 -70.45
CA GLY B 536 -0.81 -8.40 -71.23
C GLY B 536 -1.15 -9.62 -70.41
N VAL B 537 -0.43 -9.84 -69.31
CA VAL B 537 -0.75 -10.95 -68.42
C VAL B 537 -2.14 -10.77 -67.82
N LEU B 538 -2.52 -9.53 -67.51
CA LEU B 538 -3.89 -9.25 -67.11
C LEU B 538 -4.87 -9.69 -68.19
N LYS B 539 -4.65 -9.26 -69.42
CA LYS B 539 -5.53 -9.64 -70.52
C LYS B 539 -5.47 -11.12 -70.83
N ALA B 540 -4.38 -11.81 -70.46
CA ALA B 540 -4.36 -13.26 -70.51
C ALA B 540 -5.26 -13.90 -69.47
N GLY B 541 -5.73 -13.14 -68.49
CA GLY B 541 -6.77 -13.57 -67.60
C GLY B 541 -6.30 -14.36 -66.39
N GLY B 542 -5.03 -14.76 -66.36
CA GLY B 542 -4.43 -15.27 -65.15
C GLY B 542 -3.90 -14.18 -64.25
N ALA B 543 -3.69 -14.54 -62.99
CA ALA B 543 -3.10 -13.60 -62.05
C ALA B 543 -1.62 -13.40 -62.36
N PHE B 544 -1.13 -12.18 -62.10
CA PHE B 544 0.27 -11.84 -62.33
C PHE B 544 1.00 -11.78 -61.00
N VAL B 545 2.21 -12.34 -60.99
CA VAL B 545 3.01 -12.49 -59.77
C VAL B 545 4.37 -11.82 -59.98
N PRO B 546 4.49 -10.55 -59.66
CA PRO B 546 5.75 -9.84 -59.91
C PRO B 546 6.83 -10.22 -58.90
N ILE B 547 8.08 -10.15 -59.37
CA ILE B 547 9.26 -10.44 -58.55
C ILE B 547 10.30 -9.37 -58.81
N ASP B 548 10.92 -8.89 -57.75
CA ASP B 548 12.01 -7.92 -57.87
C ASP B 548 13.30 -8.63 -58.24
N PRO B 549 13.91 -8.30 -59.38
CA PRO B 549 15.21 -8.91 -59.72
C PRO B 549 16.23 -8.80 -58.61
N GLU B 550 16.10 -7.79 -57.74
CA GLU B 550 17.07 -7.57 -56.68
C GLU B 550 16.85 -8.47 -55.48
N LEU B 551 15.80 -9.29 -55.48
CA LEU B 551 15.59 -10.21 -54.38
C LEU B 551 16.70 -11.27 -54.37
N PRO B 552 16.95 -11.88 -53.22
CA PRO B 552 17.84 -13.05 -53.18
C PRO B 552 17.34 -14.16 -54.08
N ALA B 553 18.30 -14.80 -54.77
CA ALA B 553 17.94 -15.87 -55.69
C ALA B 553 17.23 -17.01 -54.96
N GLU B 554 17.67 -17.30 -53.73
CA GLU B 554 16.98 -18.31 -52.92
C GLU B 554 15.56 -17.88 -52.61
N ARG B 555 15.36 -16.60 -52.31
CA ARG B 555 14.03 -16.07 -52.06
C ARG B 555 13.18 -16.05 -53.32
N ILE B 556 13.78 -15.71 -54.46
CA ILE B 556 13.07 -15.79 -55.74
C ILE B 556 12.61 -17.22 -56.03
N ALA B 557 13.51 -18.18 -55.88
CA ALA B 557 13.16 -19.58 -56.13
C ALA B 557 12.12 -20.09 -55.13
N TYR B 558 12.21 -19.67 -53.87
CA TYR B 558 11.15 -19.98 -52.92
C TYR B 558 9.82 -19.43 -53.38
N MET B 559 9.76 -18.14 -53.73
CA MET B 559 8.50 -17.54 -54.17
C MET B 559 7.94 -18.26 -55.39
N LEU B 560 8.79 -18.57 -56.35
CA LEU B 560 8.36 -19.33 -57.53
C LEU B 560 7.81 -20.70 -57.18
N THR B 561 8.57 -21.51 -56.45
CA THR B 561 8.13 -22.87 -56.17
C THR B 561 6.91 -22.89 -55.26
N HIS B 562 6.88 -22.04 -54.23
CA HIS B 562 5.70 -21.95 -53.37
C HIS B 562 4.49 -21.44 -54.13
N SER B 563 4.70 -20.58 -55.14
CA SER B 563 3.59 -20.19 -56.00
C SER B 563 3.13 -21.29 -56.93
N ARG B 564 3.88 -22.37 -57.08
CA ARG B 564 3.55 -23.40 -58.07
C ARG B 564 3.41 -22.78 -59.45
N VAL B 565 4.14 -21.71 -59.72
CA VAL B 565 3.96 -20.98 -60.98
C VAL B 565 4.55 -21.79 -62.12
N PRO B 566 3.79 -22.01 -63.20
CA PRO B 566 4.31 -22.77 -64.34
C PRO B 566 5.14 -21.89 -65.27
N LEU B 567 4.82 -20.61 -65.32
CA LEU B 567 5.31 -19.71 -66.35
C LEU B 567 5.84 -18.43 -65.72
N VAL B 568 7.00 -18.00 -66.19
CA VAL B 568 7.65 -16.78 -65.72
C VAL B 568 8.01 -15.93 -66.92
N VAL B 569 7.71 -14.64 -66.83
CA VAL B 569 8.03 -13.68 -67.89
C VAL B 569 9.18 -12.82 -67.41
N THR B 570 10.23 -12.73 -68.25
CA THR B 570 11.45 -12.04 -67.87
C THR B 570 12.07 -11.40 -69.11
N GLN B 571 13.01 -10.51 -68.88
CA GLN B 571 14.02 -10.16 -69.87
C GLN B 571 15.08 -11.27 -69.96
N ASN B 572 15.89 -11.17 -71.01
CA ASN B 572 16.84 -12.23 -71.34
C ASN B 572 17.84 -12.47 -70.21
N HIS B 573 18.44 -11.39 -69.70
CA HIS B 573 19.45 -11.54 -68.65
C HIS B 573 18.89 -12.13 -67.38
N LEU B 574 17.58 -12.04 -67.15
CA LEU B 574 16.99 -12.61 -65.95
C LEU B 574 16.77 -14.11 -66.07
N ARG B 575 16.95 -14.70 -67.25
CA ARG B 575 16.71 -16.12 -67.43
C ARG B 575 17.59 -16.96 -66.51
N ALA B 576 18.77 -16.46 -66.15
CA ALA B 576 19.60 -17.16 -65.18
C ALA B 576 19.03 -17.11 -63.77
N LYS B 577 18.19 -16.12 -63.48
CA LYS B 577 17.58 -16.04 -62.16
C LYS B 577 16.58 -17.17 -61.94
N VAL B 578 15.88 -17.57 -62.99
CA VAL B 578 14.91 -18.65 -62.91
C VAL B 578 15.61 -19.99 -62.96
N THR B 579 16.22 -20.39 -61.84
CA THR B 579 16.83 -21.71 -61.72
C THR B 579 15.80 -22.81 -61.52
N THR B 580 14.54 -22.45 -61.34
CA THR B 580 13.47 -23.38 -61.03
C THR B 580 13.06 -24.17 -62.27
N PRO B 581 12.44 -25.34 -62.08
CA PRO B 581 11.91 -26.13 -63.20
C PRO B 581 10.63 -25.53 -63.75
N THR B 582 10.77 -24.37 -64.39
CA THR B 582 9.65 -23.55 -64.82
C THR B 582 9.96 -22.95 -66.19
N GLU B 583 8.94 -22.90 -67.04
CA GLU B 583 9.10 -22.33 -68.37
C GLU B 583 9.32 -20.82 -68.30
N THR B 584 10.34 -20.35 -69.01
CA THR B 584 10.80 -18.97 -68.94
C THR B 584 10.64 -18.34 -70.32
N ILE B 585 9.87 -17.25 -70.38
CA ILE B 585 9.48 -16.61 -71.64
C ILE B 585 10.23 -15.30 -71.74
N ASP B 586 10.97 -15.11 -72.83
CA ASP B 586 11.49 -13.80 -73.18
C ASP B 586 10.37 -12.93 -73.73
N ILE B 587 10.09 -11.82 -73.02
CA ILE B 587 9.05 -10.90 -73.40
C ILE B 587 9.30 -10.27 -74.76
N ASN B 588 10.56 -10.29 -75.23
CA ASN B 588 10.92 -9.73 -76.52
C ASN B 588 10.69 -10.68 -77.68
N THR B 589 10.29 -11.93 -77.43
CA THR B 589 10.30 -12.94 -78.48
C THR B 589 9.44 -12.52 -79.66
N ALA B 590 10.03 -12.58 -80.85
CA ALA B 590 9.47 -11.95 -82.04
C ALA B 590 8.12 -12.51 -82.43
N VAL B 591 7.81 -13.74 -82.02
CA VAL B 591 6.49 -14.31 -82.25
C VAL B 591 5.39 -13.41 -81.70
N ILE B 592 5.65 -12.71 -80.60
CA ILE B 592 4.65 -11.80 -80.06
C ILE B 592 4.34 -10.69 -81.07
N GLY B 593 5.30 -10.37 -81.95
CA GLY B 593 5.06 -9.40 -83.00
C GLY B 593 4.09 -9.88 -84.07
N GLU B 594 3.89 -11.19 -84.17
CA GLU B 594 2.99 -11.77 -85.16
C GLU B 594 1.57 -11.96 -84.65
N GLU B 595 1.33 -11.80 -83.35
CA GLU B 595 -0.02 -11.94 -82.82
C GLU B 595 -0.90 -10.79 -83.29
N SER B 596 -2.19 -11.09 -83.43
CA SER B 596 -3.15 -10.09 -83.86
C SER B 596 -3.25 -8.96 -82.86
N ARG B 597 -3.01 -7.74 -83.33
CA ARG B 597 -2.84 -6.57 -82.46
C ARG B 597 -4.16 -5.94 -82.05
N ALA B 598 -5.26 -6.25 -82.76
CA ALA B 598 -6.57 -5.77 -82.36
C ALA B 598 -6.98 -6.34 -81.00
N PRO B 599 -7.90 -5.65 -80.33
CA PRO B 599 -8.29 -6.05 -78.97
C PRO B 599 -8.61 -7.53 -78.84
N ILE B 600 -8.02 -8.16 -77.82
CA ILE B 600 -8.36 -9.52 -77.44
C ILE B 600 -9.61 -9.47 -76.57
N GLU B 601 -10.44 -10.51 -76.68
CA GLU B 601 -11.69 -10.56 -75.94
C GLU B 601 -11.44 -10.70 -74.45
N SER B 602 -12.30 -10.06 -73.66
CA SER B 602 -12.31 -10.19 -72.20
C SER B 602 -12.91 -11.52 -71.81
N LEU B 603 -12.12 -12.37 -71.16
CA LEU B 603 -12.50 -13.77 -70.94
C LEU B 603 -12.34 -14.20 -69.48
N ASN B 604 -12.19 -13.26 -68.55
CA ASN B 604 -12.33 -13.55 -67.13
C ASN B 604 -13.01 -12.37 -66.45
N GLN B 605 -13.64 -12.66 -65.31
CA GLN B 605 -14.66 -11.81 -64.72
C GLN B 605 -14.16 -11.09 -63.48
N PRO B 606 -14.79 -9.96 -63.14
CA PRO B 606 -14.26 -9.10 -62.07
C PRO B 606 -14.15 -9.79 -60.72
N HIS B 607 -14.90 -10.87 -60.50
CA HIS B 607 -14.88 -11.58 -59.23
C HIS B 607 -13.60 -12.39 -59.02
N ASP B 608 -12.85 -12.68 -60.06
CA ASP B 608 -11.83 -13.72 -59.97
C ASP B 608 -10.50 -13.15 -59.47
N LEU B 609 -9.59 -14.06 -59.17
CA LEU B 609 -8.27 -13.70 -58.66
C LEU B 609 -7.52 -12.79 -59.63
N PHE B 610 -6.68 -11.92 -59.08
CA PHE B 610 -6.10 -10.83 -59.84
C PHE B 610 -4.61 -10.71 -59.59
N TYR B 611 -4.20 -10.60 -58.32
CA TYR B 611 -2.88 -10.06 -58.01
C TYR B 611 -2.40 -10.59 -56.66
N ILE B 612 -1.13 -10.95 -56.61
CA ILE B 612 -0.54 -11.59 -55.43
C ILE B 612 0.86 -11.04 -55.21
N ILE B 613 1.19 -10.72 -53.96
CA ILE B 613 2.55 -10.34 -53.58
C ILE B 613 2.86 -10.99 -52.23
N TYR B 614 4.15 -11.03 -51.92
CA TYR B 614 4.63 -11.73 -50.73
C TYR B 614 4.96 -10.75 -49.62
N THR B 615 4.37 -10.97 -48.45
CA THR B 615 4.63 -10.15 -47.28
C THR B 615 5.73 -10.75 -46.42
N SER B 616 6.34 -9.91 -45.60
CA SER B 616 7.00 -10.38 -44.39
C SER B 616 5.97 -10.76 -43.34
N GLY B 617 6.46 -11.15 -42.17
CA GLY B 617 5.59 -11.45 -41.06
C GLY B 617 6.34 -12.18 -39.96
N THR B 618 5.56 -12.75 -39.03
CA THR B 618 6.13 -13.60 -37.99
C THR B 618 6.53 -14.97 -38.51
N THR B 619 5.93 -15.42 -39.62
CA THR B 619 6.37 -16.66 -40.24
C THR B 619 7.73 -16.49 -40.90
N GLY B 620 8.61 -17.46 -40.68
CA GLY B 620 9.90 -17.43 -41.33
C GLY B 620 9.81 -17.51 -42.84
N GLN B 621 8.85 -18.27 -43.33
CA GLN B 621 8.49 -18.20 -44.75
C GLN B 621 7.72 -16.91 -45.03
N PRO B 622 8.11 -16.14 -46.05
CA PRO B 622 7.17 -15.17 -46.62
C PRO B 622 5.91 -15.85 -47.10
N LYS B 623 4.81 -15.13 -47.06
CA LYS B 623 3.53 -15.65 -47.54
C LYS B 623 2.91 -14.69 -48.54
N GLY B 624 2.21 -15.27 -49.51
CA GLY B 624 1.63 -14.52 -50.60
C GLY B 624 0.18 -14.16 -50.35
N VAL B 625 -0.10 -12.86 -50.43
CA VAL B 625 -1.45 -12.34 -50.25
C VAL B 625 -1.98 -11.95 -51.62
N MET B 626 -3.22 -12.35 -51.91
CA MET B 626 -3.77 -12.30 -53.26
C MET B 626 -5.02 -11.45 -53.29
N LEU B 627 -5.04 -10.46 -54.18
CA LEU B 627 -6.20 -9.61 -54.38
C LEU B 627 -7.05 -10.14 -55.52
N GLU B 628 -8.36 -9.96 -55.39
CA GLU B 628 -9.28 -10.12 -56.52
C GLU B 628 -9.48 -8.79 -57.25
N HIS B 629 -9.80 -8.89 -58.54
CA HIS B 629 -10.05 -7.70 -59.36
C HIS B 629 -11.08 -6.77 -58.74
N ARG B 630 -12.17 -7.33 -58.20
CA ARG B 630 -13.15 -6.49 -57.50
C ARG B 630 -12.49 -5.60 -56.46
N ASN B 631 -11.42 -6.07 -55.82
CA ASN B 631 -10.76 -5.28 -54.79
C ASN B 631 -10.13 -4.03 -55.37
N MET B 632 -9.46 -4.12 -56.52
CA MET B 632 -8.85 -2.94 -57.11
C MET B 632 -9.87 -2.06 -57.82
N ALA B 633 -10.83 -2.68 -58.49
CA ALA B 633 -11.90 -1.91 -59.11
C ALA B 633 -12.62 -1.04 -58.08
N ASN B 634 -12.92 -1.60 -56.91
CA ASN B 634 -13.56 -0.81 -55.87
C ASN B 634 -12.69 0.38 -55.46
N LEU B 635 -11.37 0.21 -55.46
CA LEU B 635 -10.50 1.32 -55.10
C LEU B 635 -10.47 2.39 -56.17
N MET B 636 -10.55 1.99 -57.45
CA MET B 636 -10.42 2.96 -58.52
C MET B 636 -11.57 3.96 -58.55
N HIS B 637 -12.81 3.46 -58.40
CA HIS B 637 -13.96 4.36 -58.41
C HIS B 637 -13.96 5.32 -57.22
N PHE B 638 -13.59 4.84 -56.03
CA PHE B 638 -13.40 5.75 -54.91
C PHE B 638 -12.33 6.79 -55.19
N THR B 639 -11.19 6.37 -55.74
CA THR B 639 -10.11 7.30 -56.03
C THR B 639 -10.55 8.39 -56.99
N PHE B 640 -11.37 8.03 -57.98
CA PHE B 640 -11.92 9.03 -58.88
C PHE B 640 -12.96 9.92 -58.19
N ASP B 641 -13.88 9.32 -57.44
CA ASP B 641 -14.98 10.08 -56.86
C ASP B 641 -14.51 11.08 -55.81
N GLN B 642 -13.67 10.65 -54.88
CA GLN B 642 -13.53 11.36 -53.60
C GLN B 642 -12.10 11.77 -53.27
N THR B 643 -11.22 11.91 -54.27
CA THR B 643 -9.88 12.41 -54.01
C THR B 643 -9.64 13.69 -54.80
N ASN B 644 -8.83 14.56 -54.21
CA ASN B 644 -8.41 15.81 -54.85
C ASN B 644 -7.28 15.62 -55.85
N ILE B 645 -6.89 14.38 -56.14
CA ILE B 645 -5.82 14.14 -57.10
C ILE B 645 -6.32 14.47 -58.49
N ALA B 646 -5.58 15.28 -59.22
CA ALA B 646 -6.00 15.72 -60.55
C ALA B 646 -5.79 14.61 -61.59
N PHE B 647 -6.60 14.68 -62.64
CA PHE B 647 -6.81 13.57 -63.55
C PHE B 647 -5.78 13.55 -64.68
N HIS B 648 -5.81 14.57 -65.54
CA HIS B 648 -4.89 14.68 -66.67
C HIS B 648 -3.52 15.17 -66.18
N GLU B 649 -2.82 14.29 -65.47
CA GLU B 649 -1.67 14.71 -64.70
C GLU B 649 -0.52 13.73 -64.88
N LYS B 650 0.67 14.17 -64.49
CA LYS B 650 1.90 13.41 -64.65
C LYS B 650 2.37 12.90 -63.30
N VAL B 651 2.55 11.58 -63.19
CA VAL B 651 2.76 10.90 -61.92
C VAL B 651 4.10 10.21 -61.97
N LEU B 652 4.93 10.44 -60.96
CA LEU B 652 6.17 9.67 -60.79
C LEU B 652 5.86 8.30 -60.20
N GLN B 653 6.20 7.25 -60.95
CA GLN B 653 6.25 5.91 -60.38
C GLN B 653 7.52 5.76 -59.56
N TYR B 654 7.38 5.23 -58.35
CA TYR B 654 8.54 5.07 -57.48
C TYR B 654 8.62 3.70 -56.83
N THR B 655 7.53 3.25 -56.21
CA THR B 655 7.56 2.01 -55.46
C THR B 655 7.85 0.83 -56.37
N THR B 656 8.79 0.00 -55.93
CA THR B 656 9.21 -1.18 -56.68
C THR B 656 8.12 -2.25 -56.70
N CYS B 657 8.09 -2.99 -57.82
CA CYS B 657 6.98 -3.85 -58.18
C CYS B 657 6.68 -4.89 -57.10
N SER B 658 7.58 -5.08 -56.14
CA SER B 658 7.29 -5.97 -55.02
C SER B 658 6.31 -5.39 -54.00
N PHE B 659 5.90 -4.13 -54.14
CA PHE B 659 5.05 -3.52 -53.13
C PHE B 659 3.89 -2.80 -53.79
N ASP B 660 2.70 -3.00 -53.21
CA ASP B 660 1.45 -2.77 -53.93
C ASP B 660 1.25 -1.32 -54.32
N VAL B 661 1.83 -0.39 -53.57
CA VAL B 661 1.75 1.00 -53.98
C VAL B 661 2.31 1.21 -55.37
N CYS B 662 3.20 0.33 -55.84
CA CYS B 662 3.55 0.36 -57.26
C CYS B 662 2.31 0.33 -58.14
N TYR B 663 1.37 -0.56 -57.81
CA TYR B 663 0.19 -0.72 -58.65
C TYR B 663 -0.89 0.30 -58.32
N GLN B 664 -0.85 0.87 -57.12
CA GLN B 664 -1.57 2.11 -56.87
C GLN B 664 -1.08 3.22 -57.79
N GLU B 665 0.22 3.25 -58.06
CA GLU B 665 0.73 4.19 -59.06
C GLU B 665 0.18 3.84 -60.43
N ILE B 666 0.35 2.57 -60.83
CA ILE B 666 0.15 2.18 -62.22
C ILE B 666 -1.31 2.37 -62.62
N PHE B 667 -2.22 1.68 -61.93
CA PHE B 667 -3.62 1.72 -62.36
C PHE B 667 -4.24 3.09 -62.10
N SER B 668 -3.88 3.74 -61.01
CA SER B 668 -4.41 5.07 -60.76
C SER B 668 -3.95 6.08 -61.80
N THR B 669 -2.73 5.92 -62.33
CA THR B 669 -2.26 6.79 -63.39
C THR B 669 -2.94 6.48 -64.73
N LEU B 670 -2.97 5.21 -65.12
CA LEU B 670 -3.53 4.86 -66.43
C LEU B 670 -5.03 5.11 -66.47
N LEU B 671 -5.76 4.69 -65.45
CA LEU B 671 -7.21 4.81 -65.46
C LEU B 671 -7.67 6.23 -65.18
N SER B 672 -6.76 7.11 -64.78
CA SER B 672 -6.97 8.54 -64.83
C SER B 672 -6.44 9.18 -66.10
N GLY B 673 -5.93 8.37 -67.04
CA GLY B 673 -5.44 8.88 -68.29
C GLY B 673 -4.14 9.66 -68.22
N GLY B 674 -3.42 9.57 -67.11
CA GLY B 674 -2.16 10.27 -66.97
C GLY B 674 -1.04 9.60 -67.75
N GLN B 675 0.18 10.04 -67.46
CA GLN B 675 1.40 9.52 -68.07
C GLN B 675 2.28 8.96 -66.97
N LEU B 676 2.63 7.68 -67.08
CA LEU B 676 3.64 7.10 -66.20
C LEU B 676 5.02 7.57 -66.65
N TYR B 677 5.70 8.31 -65.77
CA TYR B 677 7.14 8.50 -65.86
C TYR B 677 7.84 7.43 -65.02
N LEU B 678 8.44 6.46 -65.69
CA LEU B 678 9.27 5.47 -65.04
C LEU B 678 10.68 6.02 -64.83
N ILE B 679 11.37 5.43 -63.86
CA ILE B 679 12.72 5.86 -63.50
C ILE B 679 13.56 4.63 -63.17
N THR B 680 14.82 4.67 -63.56
CA THR B 680 15.69 3.51 -63.47
C THR B 680 15.91 3.09 -62.03
N ASN B 681 15.98 1.77 -61.83
CA ASN B 681 15.93 1.16 -60.51
C ASN B 681 16.80 1.92 -59.51
N GLU B 682 18.10 2.03 -59.80
CA GLU B 682 19.03 2.60 -58.85
C GLU B 682 18.81 4.09 -58.64
N LEU B 683 18.09 4.75 -59.54
CA LEU B 683 17.92 6.19 -59.42
C LEU B 683 17.14 6.54 -58.16
N ARG B 684 16.39 5.59 -57.62
CA ARG B 684 15.82 5.71 -56.29
C ARG B 684 16.88 5.95 -55.23
N ARG B 685 18.11 5.55 -55.50
CA ARG B 685 19.24 5.78 -54.60
C ARG B 685 19.84 7.18 -54.72
N HIS B 686 19.49 7.95 -55.75
CA HIS B 686 20.20 9.19 -56.09
C HIS B 686 19.22 10.36 -56.03
N VAL B 687 18.94 10.82 -54.82
CA VAL B 687 18.02 11.95 -54.63
C VAL B 687 18.45 13.15 -55.46
N GLU B 688 19.77 13.36 -55.57
CA GLU B 688 20.27 14.45 -56.41
C GLU B 688 19.86 14.26 -57.86
N LYS B 689 19.64 13.02 -58.28
CA LYS B 689 19.12 12.72 -59.61
C LYS B 689 17.61 12.62 -59.63
N LEU B 690 17.00 12.11 -58.56
CA LEU B 690 15.54 12.06 -58.48
C LEU B 690 14.92 13.45 -58.59
N PHE B 691 15.37 14.38 -57.76
CA PHE B 691 14.79 15.73 -57.78
C PHE B 691 15.13 16.46 -59.08
N ALA B 692 16.31 16.23 -59.63
CA ALA B 692 16.63 16.76 -60.95
C ALA B 692 15.64 16.27 -62.00
N PHE B 693 15.41 14.95 -62.05
CA PHE B 693 14.44 14.41 -62.99
C PHE B 693 13.05 15.00 -62.77
N ILE B 694 12.58 14.98 -61.52
CA ILE B 694 11.24 15.47 -61.20
C ILE B 694 11.06 16.91 -61.65
N GLN B 695 11.99 17.80 -61.29
CA GLN B 695 11.84 19.19 -61.66
C GLN B 695 12.04 19.41 -63.16
N GLU B 696 13.02 18.73 -63.74
CA GLU B 696 13.27 18.89 -65.17
C GLU B 696 12.17 18.25 -66.01
N LYS B 697 11.58 17.16 -65.54
CA LYS B 697 10.39 16.61 -66.17
C LYS B 697 9.12 17.31 -65.73
N GLN B 698 9.21 18.25 -64.79
CA GLN B 698 8.04 18.98 -64.30
C GLN B 698 6.94 18.03 -63.83
N ILE B 699 7.34 16.99 -63.10
CA ILE B 699 6.39 15.96 -62.68
C ILE B 699 5.40 16.58 -61.70
N SER B 700 4.10 16.34 -61.95
CA SER B 700 3.06 16.96 -61.14
C SER B 700 2.60 16.09 -59.97
N ILE B 701 2.74 14.77 -60.04
CA ILE B 701 2.29 13.89 -58.97
C ILE B 701 3.40 12.93 -58.60
N LEU B 702 3.59 12.74 -57.29
CA LEU B 702 4.59 11.84 -56.75
C LEU B 702 3.94 10.89 -55.74
N SER B 703 4.64 9.78 -55.47
CA SER B 703 4.28 8.88 -54.40
C SER B 703 5.55 8.46 -53.68
N LEU B 704 5.58 8.64 -52.36
CA LEU B 704 6.82 8.51 -51.61
C LEU B 704 6.63 7.64 -50.39
N PRO B 705 7.56 6.72 -50.12
CA PRO B 705 7.55 6.01 -48.85
C PRO B 705 7.75 6.95 -47.67
N VAL B 706 7.30 6.48 -46.51
CA VAL B 706 7.33 7.29 -45.29
C VAL B 706 8.74 7.66 -44.86
N SER B 707 9.72 6.77 -45.08
CA SER B 707 11.10 7.11 -44.77
C SER B 707 11.63 8.26 -45.62
N PHE B 708 11.15 8.38 -46.86
CA PHE B 708 11.53 9.52 -47.69
C PHE B 708 11.06 10.85 -47.10
N LEU B 709 9.83 10.87 -46.61
CA LEU B 709 9.29 12.06 -45.95
C LEU B 709 10.02 12.40 -44.65
N LYS B 710 10.26 11.41 -43.79
CA LYS B 710 10.99 11.68 -42.56
C LYS B 710 12.38 12.26 -42.81
N PHE B 711 13.12 11.68 -43.75
CA PHE B 711 14.56 11.91 -43.81
C PHE B 711 15.01 12.82 -44.93
N ILE B 712 14.55 12.60 -46.16
CA ILE B 712 15.20 13.29 -47.27
C ILE B 712 14.94 14.78 -47.25
N PHE B 713 13.82 15.21 -46.67
CA PHE B 713 13.55 16.63 -46.48
C PHE B 713 14.38 17.26 -45.37
N ASN B 714 15.14 16.49 -44.62
CA ASN B 714 16.17 17.04 -43.73
C ASN B 714 17.57 17.01 -44.34
N GLU B 715 17.72 16.46 -45.55
CA GLU B 715 18.99 16.54 -46.27
C GLU B 715 19.13 17.96 -46.83
N GLN B 716 19.54 18.86 -45.94
CA GLN B 716 19.33 20.29 -46.14
C GLN B 716 19.73 20.75 -47.53
N ASP B 717 20.91 20.33 -48.00
CA ASP B 717 21.38 20.76 -49.31
C ASP B 717 20.41 20.36 -50.41
N TYR B 718 19.78 19.19 -50.28
CA TYR B 718 18.82 18.73 -51.27
C TYR B 718 17.40 19.15 -50.93
N ALA B 719 17.06 19.21 -49.64
CA ALA B 719 15.73 19.66 -49.23
C ALA B 719 15.53 21.14 -49.54
N GLN B 720 16.56 21.95 -49.34
CA GLN B 720 16.54 23.32 -49.82
C GLN B 720 16.55 23.42 -51.35
N SER B 721 16.81 22.31 -52.04
CA SER B 721 16.75 22.24 -53.49
C SER B 721 15.55 21.42 -53.96
N PHE B 722 14.60 21.15 -53.07
CA PHE B 722 13.51 20.23 -53.40
C PHE B 722 12.66 20.77 -54.54
N PRO B 723 12.20 19.89 -55.43
CA PRO B 723 11.32 20.32 -56.54
C PRO B 723 10.07 21.05 -56.05
N ARG B 724 9.54 21.90 -56.93
CA ARG B 724 8.33 22.65 -56.63
C ARG B 724 7.26 22.49 -57.70
N CYS B 725 7.53 21.71 -58.75
CA CYS B 725 6.50 21.35 -59.73
C CYS B 725 5.47 20.39 -59.18
N VAL B 726 5.80 19.64 -58.13
CA VAL B 726 4.86 18.68 -57.55
C VAL B 726 3.70 19.41 -56.90
N LYS B 727 2.50 18.85 -57.10
CA LYS B 727 1.28 19.33 -56.45
C LYS B 727 0.70 18.37 -55.42
N HIS B 728 0.91 17.07 -55.59
CA HIS B 728 0.33 16.06 -54.69
C HIS B 728 1.40 15.03 -54.36
N ILE B 729 1.39 14.57 -53.12
CA ILE B 729 2.24 13.47 -52.67
C ILE B 729 1.38 12.41 -52.00
N ILE B 730 1.67 11.16 -52.33
CA ILE B 730 1.03 10.00 -51.71
C ILE B 730 2.06 9.29 -50.84
N THR B 731 1.63 8.83 -49.67
CA THR B 731 2.49 8.03 -48.82
C THR B 731 1.68 6.99 -48.05
N ALA B 732 2.35 5.89 -47.72
CA ALA B 732 1.74 4.83 -46.94
C ALA B 732 2.84 3.94 -46.40
N GLY B 733 2.51 3.18 -45.36
CA GLY B 733 3.29 2.02 -44.96
C GLY B 733 3.81 2.08 -43.54
N GLU B 734 3.98 3.27 -42.99
CA GLU B 734 4.56 3.44 -41.65
C GLU B 734 3.88 4.61 -40.96
N GLN B 735 3.95 4.61 -39.63
CA GLN B 735 3.32 5.69 -38.87
C GLN B 735 3.88 7.01 -39.35
N LEU B 736 3.03 7.82 -39.97
CA LEU B 736 3.51 9.01 -40.66
C LEU B 736 3.92 10.08 -39.65
N VAL B 737 5.04 10.74 -39.95
CA VAL B 737 5.55 11.84 -39.14
C VAL B 737 5.94 12.97 -40.08
N VAL B 738 5.57 14.20 -39.72
CA VAL B 738 5.91 15.39 -40.50
C VAL B 738 6.90 16.22 -39.71
N THR B 739 8.10 16.40 -40.26
CA THR B 739 9.12 17.18 -39.59
C THR B 739 8.82 18.66 -39.67
N HIS B 740 9.51 19.42 -38.82
CA HIS B 740 9.47 20.88 -38.90
C HIS B 740 9.95 21.37 -40.27
N GLU B 741 10.91 20.68 -40.87
CA GLU B 741 11.31 21.01 -42.24
C GLU B 741 10.19 20.67 -43.20
N LEU B 742 9.64 19.45 -43.09
CA LEU B 742 8.55 19.06 -43.98
C LEU B 742 7.34 19.94 -43.75
N GLN B 743 7.10 20.33 -42.50
CA GLN B 743 6.14 21.38 -42.21
C GLN B 743 6.39 22.62 -43.06
N LYS B 744 7.58 23.21 -42.93
CA LYS B 744 7.87 24.47 -43.63
C LYS B 744 7.71 24.32 -45.14
N TYR B 745 8.15 23.19 -45.69
CA TYR B 745 8.02 22.97 -47.14
C TYR B 745 6.56 22.84 -47.56
N LEU B 746 5.78 22.03 -46.85
CA LEU B 746 4.37 21.87 -47.20
C LEU B 746 3.60 23.18 -47.02
N ARG B 747 3.92 23.93 -45.96
CA ARG B 747 3.29 25.23 -45.74
C ARG B 747 3.62 26.23 -46.84
N GLN B 748 4.88 26.26 -47.29
CA GLN B 748 5.22 27.21 -48.34
C GLN B 748 4.67 26.78 -49.70
N HIS B 749 4.92 25.53 -50.09
CA HIS B 749 4.54 25.09 -51.42
C HIS B 749 3.08 24.69 -51.53
N ARG B 750 2.40 24.52 -50.39
CA ARG B 750 0.98 24.15 -50.37
C ARG B 750 0.71 22.87 -51.14
N VAL B 751 1.67 21.94 -51.14
CA VAL B 751 1.45 20.63 -51.74
C VAL B 751 0.38 19.88 -50.96
N PHE B 752 -0.57 19.30 -51.69
CA PHE B 752 -1.55 18.40 -51.10
C PHE B 752 -0.88 17.06 -50.79
N LEU B 753 -0.74 16.75 -49.51
CA LEU B 753 -0.22 15.47 -49.05
C LEU B 753 -1.37 14.53 -48.73
N HIS B 754 -1.34 13.33 -49.30
CA HIS B 754 -2.34 12.30 -49.04
C HIS B 754 -1.70 11.16 -48.26
N ASN B 755 -2.27 10.87 -47.09
CA ASN B 755 -1.83 9.77 -46.23
C ASN B 755 -2.82 8.62 -46.33
N HIS B 756 -2.33 7.45 -46.73
CA HIS B 756 -3.15 6.26 -46.89
C HIS B 756 -2.66 5.14 -45.99
N TYR B 757 -3.57 4.26 -45.61
CA TYR B 757 -3.27 3.12 -44.78
C TYR B 757 -3.92 1.88 -45.35
N GLY B 758 -3.27 0.74 -45.19
CA GLY B 758 -3.92 -0.53 -45.41
C GLY B 758 -3.01 -1.72 -45.27
N PRO B 759 -3.58 -2.85 -44.86
CA PRO B 759 -2.76 -4.04 -44.57
C PRO B 759 -2.00 -4.57 -45.77
N SER B 760 -2.21 -4.01 -46.97
CA SER B 760 -1.90 -4.71 -48.21
C SER B 760 -2.71 -5.98 -48.40
N GLU B 761 -3.01 -6.70 -47.32
CA GLU B 761 -3.89 -7.85 -47.42
C GLU B 761 -5.30 -7.46 -47.84
N THR B 762 -5.67 -6.19 -47.69
CA THR B 762 -6.78 -5.63 -48.45
C THR B 762 -6.24 -4.81 -49.59
N HIS B 763 -5.91 -3.55 -49.31
CA HIS B 763 -4.93 -2.83 -50.08
C HIS B 763 -4.31 -1.80 -49.16
N VAL B 764 -3.07 -1.42 -49.46
CA VAL B 764 -2.39 -0.39 -48.68
C VAL B 764 -3.13 0.94 -48.68
N VAL B 765 -4.20 1.07 -49.44
CA VAL B 765 -5.22 2.08 -49.17
C VAL B 765 -6.54 1.39 -48.86
N THR B 766 -7.08 1.69 -47.68
CA THR B 766 -8.44 1.30 -47.31
C THR B 766 -8.98 2.33 -46.34
N THR B 767 -8.10 3.23 -45.89
CA THR B 767 -8.47 4.50 -45.28
C THR B 767 -7.55 5.57 -45.83
N CYS B 768 -7.99 6.82 -45.75
CA CYS B 768 -7.11 7.90 -46.18
C CYS B 768 -7.51 9.19 -45.49
N THR B 769 -6.55 10.12 -45.48
CA THR B 769 -6.78 11.52 -45.15
C THR B 769 -5.88 12.37 -46.03
N MET B 770 -6.22 13.65 -46.16
CA MET B 770 -5.42 14.52 -47.00
C MET B 770 -5.38 15.92 -46.42
N ASP B 771 -4.23 16.56 -46.61
CA ASP B 771 -3.84 17.77 -45.89
C ASP B 771 -3.65 18.90 -46.89
N PRO B 772 -4.46 19.98 -46.83
CA PRO B 772 -4.32 21.05 -47.82
C PRO B 772 -3.06 21.89 -47.69
N GLY B 773 -2.17 21.58 -46.75
CA GLY B 773 -1.06 22.45 -46.43
C GLY B 773 -1.43 23.71 -45.68
N GLN B 774 -2.70 23.85 -45.28
CA GLN B 774 -3.11 24.97 -44.45
C GLN B 774 -2.70 24.79 -42.99
N ALA B 775 -2.94 23.60 -42.45
CA ALA B 775 -2.45 23.23 -41.12
C ALA B 775 -2.20 21.73 -41.10
N ILE B 776 -1.25 21.31 -40.27
CA ILE B 776 -0.79 19.92 -40.28
C ILE B 776 -0.39 19.48 -38.88
N PRO B 777 -1.06 18.47 -38.33
CA PRO B 777 -0.61 17.86 -37.08
C PRO B 777 0.76 17.21 -37.21
N GLU B 778 1.45 17.09 -36.07
CA GLU B 778 2.73 16.40 -36.05
C GLU B 778 2.57 14.92 -36.33
N LEU B 779 1.48 14.31 -35.87
CA LEU B 779 1.19 12.89 -36.09
C LEU B 779 -0.18 12.79 -36.73
N PRO B 780 -0.26 13.01 -38.04
CA PRO B 780 -1.56 13.04 -38.69
C PRO B 780 -2.32 11.76 -38.48
N PRO B 781 -3.64 11.82 -38.46
CA PRO B 781 -4.45 10.59 -38.41
C PRO B 781 -4.44 9.86 -39.75
N ILE B 782 -4.90 8.61 -39.71
CA ILE B 782 -5.05 7.81 -40.91
C ILE B 782 -6.41 8.00 -41.59
N GLY B 783 -7.28 8.83 -41.03
CA GLY B 783 -8.37 9.43 -41.76
C GLY B 783 -9.67 8.65 -41.79
N LYS B 784 -10.45 8.83 -42.87
CA LYS B 784 -11.74 8.19 -43.03
C LYS B 784 -11.63 6.84 -43.73
N PRO B 785 -12.58 5.94 -43.48
CA PRO B 785 -12.79 4.80 -44.40
C PRO B 785 -13.20 5.28 -45.78
N ILE B 786 -13.24 4.33 -46.71
CA ILE B 786 -13.52 4.63 -48.11
C ILE B 786 -14.70 3.80 -48.59
N SER B 787 -15.19 4.15 -49.77
CA SER B 787 -16.41 3.58 -50.33
C SER B 787 -16.46 2.06 -50.20
N ASN B 788 -17.57 1.56 -49.67
CA ASN B 788 -17.79 0.13 -49.48
C ASN B 788 -16.73 -0.52 -48.60
N THR B 789 -16.11 0.25 -47.72
CA THR B 789 -15.26 -0.32 -46.69
C THR B 789 -15.91 -0.12 -45.33
N GLY B 790 -16.05 -1.20 -44.57
CA GLY B 790 -16.49 -1.14 -43.20
C GLY B 790 -15.28 -1.23 -42.28
N ILE B 791 -15.28 -0.40 -41.24
CA ILE B 791 -14.16 -0.34 -40.32
C ILE B 791 -14.67 -0.39 -38.90
N TYR B 792 -14.06 -1.23 -38.07
CA TYR B 792 -14.55 -1.49 -36.74
C TYR B 792 -13.37 -1.57 -35.80
N ILE B 793 -13.44 -0.92 -34.66
CA ILE B 793 -12.50 -1.13 -33.57
C ILE B 793 -13.09 -2.20 -32.66
N LEU B 794 -12.49 -3.38 -32.64
CA LEU B 794 -13.01 -4.46 -31.82
C LEU B 794 -12.04 -4.82 -30.72
N ASP B 795 -12.58 -5.45 -29.68
CA ASP B 795 -11.80 -6.15 -28.68
C ASP B 795 -11.62 -7.63 -29.06
N GLU B 796 -10.90 -8.35 -28.19
CA GLU B 796 -10.62 -9.76 -28.42
C GLU B 796 -11.88 -10.61 -28.53
N GLY B 797 -13.02 -10.11 -28.09
CA GLY B 797 -14.26 -10.84 -28.27
C GLY B 797 -14.99 -10.58 -29.56
N LEU B 798 -14.40 -9.80 -30.47
CA LEU B 798 -15.09 -9.27 -31.65
C LEU B 798 -16.24 -8.37 -31.28
N GLN B 799 -16.24 -7.80 -30.07
CA GLN B 799 -17.24 -6.82 -29.69
C GLN B 799 -16.81 -5.43 -30.12
N LEU B 800 -17.75 -4.68 -30.66
CA LEU B 800 -17.51 -3.25 -30.87
C LEU B 800 -17.07 -2.62 -29.56
N LYS B 801 -16.28 -1.57 -29.65
CA LYS B 801 -15.94 -0.82 -28.45
C LYS B 801 -15.97 0.67 -28.72
N PRO B 802 -16.28 1.47 -27.71
CA PRO B 802 -16.83 2.80 -27.95
C PRO B 802 -15.81 3.73 -28.58
N GLU B 803 -16.32 4.82 -29.14
CA GLU B 803 -15.45 5.84 -29.70
C GLU B 803 -14.49 6.36 -28.64
N GLY B 804 -13.26 6.64 -29.05
CA GLY B 804 -12.23 7.03 -28.13
C GLY B 804 -11.53 5.91 -27.40
N ILE B 805 -11.87 4.66 -27.67
CA ILE B 805 -11.21 3.52 -27.05
C ILE B 805 -10.47 2.73 -28.12
N VAL B 806 -9.32 2.17 -27.74
CA VAL B 806 -8.42 1.46 -28.65
C VAL B 806 -8.84 0.00 -28.77
N GLY B 807 -8.61 -0.57 -29.95
CA GLY B 807 -8.89 -1.97 -30.15
C GLY B 807 -8.35 -2.43 -31.49
N GLU B 808 -8.64 -3.70 -31.81
CA GLU B 808 -8.15 -4.29 -33.04
C GLU B 808 -8.88 -3.71 -34.25
N LEU B 809 -8.12 -3.25 -35.24
CA LEU B 809 -8.68 -2.60 -36.42
C LEU B 809 -9.06 -3.66 -37.45
N TYR B 810 -10.29 -4.16 -37.36
CA TYR B 810 -10.85 -5.03 -38.38
C TYR B 810 -11.34 -4.23 -39.58
N ILE B 811 -11.05 -4.74 -40.78
CA ILE B 811 -11.38 -4.08 -42.03
C ILE B 811 -12.30 -5.00 -42.82
N SER B 812 -13.30 -4.41 -43.49
CA SER B 812 -14.35 -5.19 -44.11
C SER B 812 -14.80 -4.53 -45.41
N GLY B 813 -15.40 -5.34 -46.26
CA GLY B 813 -16.01 -4.90 -47.49
C GLY B 813 -15.21 -5.25 -48.73
N ALA B 814 -15.54 -4.58 -49.82
CA ALA B 814 -15.15 -5.02 -51.15
C ALA B 814 -13.64 -5.11 -51.33
N ASN B 815 -12.87 -4.44 -50.48
CA ASN B 815 -11.42 -4.51 -50.55
C ASN B 815 -10.84 -5.79 -49.96
N VAL B 816 -11.61 -6.58 -49.21
CA VAL B 816 -11.02 -7.71 -48.53
C VAL B 816 -10.65 -8.78 -49.54
N GLY B 817 -9.37 -9.18 -49.52
CA GLY B 817 -8.86 -10.19 -50.42
C GLY B 817 -9.44 -11.58 -50.20
N ARG B 818 -9.04 -12.49 -51.09
CA ARG B 818 -9.53 -13.86 -51.03
C ARG B 818 -8.87 -14.65 -49.91
N GLY B 819 -7.66 -14.28 -49.53
CA GLY B 819 -6.91 -14.98 -48.51
C GLY B 819 -5.44 -15.13 -48.84
N TYR B 820 -4.85 -16.27 -48.48
CA TYR B 820 -3.47 -16.58 -48.85
C TYR B 820 -3.42 -17.59 -49.98
N LEU B 821 -2.53 -17.34 -50.95
CA LEU B 821 -2.43 -18.24 -52.10
C LEU B 821 -2.08 -19.65 -51.65
N HIS B 822 -1.04 -19.78 -50.84
CA HIS B 822 -0.67 -21.04 -50.22
C HIS B 822 -0.26 -20.76 -48.78
N GLN B 823 -0.18 -21.83 -47.99
CA GLN B 823 -0.41 -21.79 -46.55
C GLN B 823 -1.82 -21.31 -46.25
N PRO B 824 -2.83 -21.80 -46.95
CA PRO B 824 -4.19 -21.28 -46.77
C PRO B 824 -4.75 -21.58 -45.40
N GLU B 825 -4.17 -22.53 -44.66
CA GLU B 825 -4.60 -22.82 -43.30
C GLU B 825 -4.49 -21.63 -42.36
N LEU B 826 -3.61 -20.67 -42.65
CA LEU B 826 -3.59 -19.44 -41.86
C LEU B 826 -4.83 -18.58 -42.12
N THR B 827 -5.45 -18.74 -43.29
CA THR B 827 -6.43 -17.76 -43.74
C THR B 827 -7.60 -17.65 -42.78
N ALA B 828 -8.09 -18.78 -42.26
CA ALA B 828 -9.26 -18.73 -41.40
C ALA B 828 -8.98 -18.01 -40.09
N GLU B 829 -7.73 -17.81 -39.73
CA GLU B 829 -7.40 -16.98 -38.57
C GLU B 829 -7.56 -15.51 -38.88
N LYS B 830 -7.14 -15.08 -40.07
CA LYS B 830 -7.12 -13.67 -40.43
C LYS B 830 -8.39 -13.21 -41.12
N PHE B 831 -8.98 -14.04 -41.97
CA PHE B 831 -10.13 -13.67 -42.78
C PHE B 831 -11.38 -14.37 -42.28
N LEU B 832 -12.46 -13.61 -42.12
CA LEU B 832 -13.71 -14.13 -41.58
C LEU B 832 -14.85 -13.25 -42.05
N ASP B 833 -16.06 -13.74 -41.87
CA ASP B 833 -17.26 -12.97 -42.17
C ASP B 833 -17.46 -11.87 -41.14
N ASN B 834 -17.95 -10.73 -41.59
CA ASN B 834 -18.25 -9.63 -40.69
C ASN B 834 -19.29 -10.02 -39.66
N PRO B 835 -18.89 -10.12 -38.39
CA PRO B 835 -19.78 -10.77 -37.39
C PRO B 835 -21.10 -10.06 -37.25
N TYR B 836 -21.09 -8.74 -37.33
CA TYR B 836 -22.28 -7.92 -37.16
C TYR B 836 -23.15 -7.89 -38.41
N GLN B 837 -22.64 -8.37 -39.54
CA GLN B 837 -23.35 -8.30 -40.81
C GLN B 837 -22.81 -9.37 -41.75
N PRO B 838 -23.29 -10.61 -41.64
CA PRO B 838 -22.88 -11.65 -42.59
C PRO B 838 -23.09 -11.20 -44.03
N GLY B 839 -22.24 -11.74 -44.92
CA GLY B 839 -22.26 -11.37 -46.31
C GLY B 839 -21.17 -10.40 -46.72
N GLU B 840 -20.30 -10.01 -45.80
CA GLU B 840 -19.09 -9.28 -46.13
C GLU B 840 -17.89 -9.97 -45.50
N ARG B 841 -16.80 -10.05 -46.25
CA ARG B 841 -15.55 -10.57 -45.72
C ARG B 841 -14.91 -9.55 -44.78
N MET B 842 -14.10 -10.05 -43.86
CA MET B 842 -13.42 -9.18 -42.89
C MET B 842 -12.01 -9.69 -42.67
N TYR B 843 -11.06 -8.76 -42.54
CA TYR B 843 -9.66 -9.08 -42.31
C TYR B 843 -9.22 -8.54 -40.95
N ARG B 844 -8.65 -9.42 -40.13
CA ARG B 844 -8.17 -9.06 -38.80
C ARG B 844 -6.80 -8.41 -38.88
N THR B 845 -6.77 -7.10 -39.05
CA THR B 845 -5.49 -6.41 -38.98
C THR B 845 -4.91 -6.54 -37.58
N GLY B 846 -3.59 -6.63 -37.51
CA GLY B 846 -2.87 -6.58 -36.25
C GLY B 846 -2.73 -5.21 -35.64
N ASP B 847 -3.34 -4.19 -36.21
CA ASP B 847 -3.21 -2.83 -35.73
C ASP B 847 -4.22 -2.53 -34.64
N LEU B 848 -3.80 -1.70 -33.69
CA LEU B 848 -4.73 -1.02 -32.81
C LEU B 848 -5.16 0.29 -33.47
N ALA B 849 -6.40 0.70 -33.20
CA ALA B 849 -6.83 2.03 -33.58
C ALA B 849 -7.86 2.55 -32.59
N ARG B 850 -8.15 3.85 -32.71
CA ARG B 850 -9.14 4.54 -31.91
C ARG B 850 -9.91 5.50 -32.80
N TRP B 851 -11.23 5.52 -32.65
CA TRP B 851 -12.03 6.58 -33.25
C TRP B 851 -11.78 7.89 -32.52
N LEU B 852 -11.47 8.93 -33.28
CA LEU B 852 -11.52 10.25 -32.67
C LEU B 852 -12.95 10.80 -32.73
N PRO B 853 -13.31 11.66 -31.78
CA PRO B 853 -14.68 12.19 -31.79
C PRO B 853 -15.07 12.89 -33.07
N ASP B 854 -14.11 13.43 -33.82
CA ASP B 854 -14.40 14.06 -35.10
C ASP B 854 -14.67 13.06 -36.22
N GLY B 855 -14.54 11.76 -35.97
CA GLY B 855 -14.74 10.77 -37.00
C GLY B 855 -13.52 10.38 -37.79
N GLN B 856 -12.34 10.90 -37.45
CA GLN B 856 -11.10 10.38 -38.00
C GLN B 856 -10.63 9.18 -37.18
N LEU B 857 -9.77 8.38 -37.79
CA LEU B 857 -9.27 7.14 -37.20
C LEU B 857 -7.82 7.34 -36.78
N GLU B 858 -7.52 6.96 -35.54
CA GLU B 858 -6.16 7.07 -35.01
C GLU B 858 -5.45 5.72 -35.01
N PHE B 859 -4.19 5.75 -35.41
CA PHE B 859 -3.36 4.54 -35.49
C PHE B 859 -2.45 4.46 -34.27
N LEU B 860 -2.32 3.26 -33.71
CA LEU B 860 -1.56 3.08 -32.48
C LEU B 860 -0.47 2.01 -32.60
N GLY B 861 -0.06 1.65 -33.80
CA GLY B 861 0.99 0.68 -33.98
C GLY B 861 0.50 -0.74 -33.76
N ARG B 862 1.41 -1.69 -33.94
CA ARG B 862 1.07 -3.10 -33.78
C ARG B 862 0.71 -3.42 -32.34
N ILE B 863 -0.22 -4.36 -32.18
CA ILE B 863 -0.56 -4.89 -30.86
C ILE B 863 0.62 -5.59 -30.20
N ASP B 864 1.54 -6.14 -30.99
CA ASP B 864 2.74 -6.76 -30.47
C ASP B 864 3.73 -5.76 -29.86
N HIS B 865 3.64 -4.48 -30.21
CA HIS B 865 4.65 -3.49 -29.85
C HIS B 865 4.15 -2.47 -28.83
N GLN B 866 3.06 -2.76 -28.13
CA GLN B 866 2.59 -1.85 -27.09
C GLN B 866 3.59 -1.87 -25.94
N VAL B 867 4.41 -0.82 -25.85
CA VAL B 867 5.67 -0.90 -25.13
C VAL B 867 5.44 -0.99 -23.62
N LYS B 868 4.49 -0.22 -23.10
CA LYS B 868 4.13 -0.24 -21.69
C LYS B 868 5.38 -0.31 -20.80
N ILE B 869 6.35 0.52 -21.14
CA ILE B 869 7.58 0.62 -20.35
C ILE B 869 7.24 1.10 -18.95
N ARG B 870 7.61 0.30 -17.95
CA ARG B 870 7.58 0.69 -16.54
C ARG B 870 6.25 1.36 -16.17
N GLY B 871 5.17 0.64 -16.46
CA GLY B 871 3.84 1.12 -16.17
C GLY B 871 3.21 2.03 -17.21
N HIS B 872 3.96 2.57 -18.15
CA HIS B 872 3.45 3.60 -19.05
C HIS B 872 3.50 3.11 -20.49
N ARG B 873 2.46 3.45 -21.24
CA ARG B 873 2.48 3.31 -22.69
C ARG B 873 3.26 4.48 -23.29
N ILE B 874 3.89 4.24 -24.44
CA ILE B 874 4.67 5.28 -25.10
C ILE B 874 4.41 5.23 -26.59
N GLU B 875 4.12 6.40 -27.18
CA GLU B 875 4.17 6.59 -28.62
C GLU B 875 5.59 6.90 -29.06
N LEU B 876 6.24 5.92 -29.69
CA LEU B 876 7.60 6.11 -30.17
C LEU B 876 7.67 7.24 -31.19
N GLY B 877 6.58 7.49 -31.90
CA GLY B 877 6.52 8.62 -32.81
C GLY B 877 6.69 9.98 -32.17
N GLU B 878 6.37 10.11 -30.89
CA GLU B 878 6.60 11.39 -30.22
C GLU B 878 8.09 11.66 -30.02
N ILE B 879 8.83 10.66 -29.53
CA ILE B 879 10.27 10.79 -29.39
C ILE B 879 10.93 10.96 -30.75
N GLU B 880 10.48 10.20 -31.75
CA GLU B 880 10.97 10.41 -33.11
C GLU B 880 10.70 11.83 -33.60
N SER B 881 9.51 12.37 -33.31
CA SER B 881 9.20 13.74 -33.67
C SER B 881 10.18 14.73 -33.05
N ARG B 882 10.44 14.57 -31.75
CA ARG B 882 11.36 15.48 -31.06
C ARG B 882 12.79 15.37 -31.57
N LEU B 883 13.26 14.16 -31.85
CA LEU B 883 14.59 14.00 -32.42
C LEU B 883 14.68 14.56 -33.85
N LEU B 884 13.70 14.24 -34.69
CA LEU B 884 13.69 14.71 -36.07
C LEU B 884 13.51 16.22 -36.20
N ASN B 885 12.92 16.87 -35.21
CA ASN B 885 12.88 18.32 -35.17
C ASN B 885 14.09 18.95 -34.51
N HIS B 886 15.11 18.18 -34.19
CA HIS B 886 16.37 18.79 -33.77
C HIS B 886 17.18 19.19 -35.00
N PRO B 887 17.64 20.44 -35.09
CA PRO B 887 18.43 20.87 -36.25
C PRO B 887 19.61 19.98 -36.56
N ALA B 888 20.18 19.28 -35.57
CA ALA B 888 21.35 18.45 -35.84
C ALA B 888 21.00 17.07 -36.38
N ILE B 889 19.75 16.63 -36.27
CA ILE B 889 19.39 15.25 -36.55
C ILE B 889 18.75 15.19 -37.93
N LYS B 890 19.29 14.35 -38.80
CA LYS B 890 18.74 14.17 -40.14
C LYS B 890 17.77 13.01 -40.23
N GLU B 891 17.98 11.98 -39.42
CA GLU B 891 17.26 10.71 -39.58
C GLU B 891 17.42 9.93 -38.29
N ALA B 892 16.31 9.39 -37.78
CA ALA B 892 16.35 8.80 -36.45
C ALA B 892 15.24 7.76 -36.30
N VAL B 893 15.48 6.81 -35.40
CA VAL B 893 14.57 5.71 -35.13
C VAL B 893 14.63 5.40 -33.64
N VAL B 894 13.51 4.94 -33.10
CA VAL B 894 13.45 4.48 -31.72
C VAL B 894 12.81 3.10 -31.66
N ILE B 895 13.36 2.24 -30.81
CA ILE B 895 12.96 0.83 -30.72
C ILE B 895 12.93 0.44 -29.26
N ASP B 896 12.03 -0.48 -28.92
CA ASP B 896 12.06 -1.20 -27.65
C ASP B 896 13.07 -2.34 -27.71
N ARG B 897 14.32 -2.04 -27.36
CA ARG B 897 15.30 -3.09 -27.14
C ARG B 897 15.06 -3.77 -25.80
N ALA B 898 15.82 -4.83 -25.54
CA ALA B 898 15.77 -5.49 -24.24
C ALA B 898 17.14 -6.03 -23.89
N ASP B 899 17.40 -6.14 -22.58
CA ASP B 899 18.61 -6.77 -22.11
C ASP B 899 18.55 -8.28 -22.30
N GLU B 900 19.69 -8.94 -22.08
CA GLU B 900 19.77 -10.39 -22.27
C GLU B 900 19.11 -11.16 -21.15
N THR B 901 18.51 -10.48 -20.18
CA THR B 901 17.57 -11.09 -19.25
C THR B 901 16.13 -10.97 -19.71
N GLY B 902 15.87 -10.13 -20.71
CA GLY B 902 14.53 -9.84 -21.18
C GLY B 902 13.93 -8.58 -20.64
N GLY B 903 14.70 -7.76 -19.93
CA GLY B 903 14.18 -6.50 -19.44
C GLY B 903 14.15 -5.48 -20.56
N LYS B 904 12.97 -4.96 -20.88
CA LYS B 904 12.84 -4.03 -21.99
C LYS B 904 13.46 -2.69 -21.62
N PHE B 905 14.01 -2.01 -22.62
CA PHE B 905 14.44 -0.63 -22.45
C PHE B 905 14.32 0.10 -23.78
N LEU B 906 14.12 1.41 -23.69
CA LEU B 906 14.08 2.26 -24.87
C LEU B 906 15.49 2.60 -25.35
N CYS B 907 15.67 2.60 -26.68
CA CYS B 907 16.88 3.12 -27.27
C CYS B 907 16.55 3.82 -28.57
N ALA B 908 17.43 4.71 -28.98
CA ALA B 908 17.25 5.51 -30.19
C ALA B 908 18.44 5.33 -31.12
N TYR B 909 18.15 5.23 -32.42
CA TYR B 909 19.18 5.11 -33.45
C TYR B 909 19.11 6.36 -34.32
N VAL B 910 20.23 7.05 -34.46
CA VAL B 910 20.21 8.42 -34.93
C VAL B 910 21.36 8.69 -35.89
N VAL B 911 21.09 9.53 -36.88
CA VAL B 911 22.07 9.99 -37.86
C VAL B 911 22.01 11.51 -37.88
N LEU B 912 23.17 12.15 -37.87
CA LEU B 912 23.23 13.58 -37.59
C LEU B 912 24.12 14.29 -38.59
N GLN B 913 23.88 15.59 -38.73
CA GLN B 913 24.74 16.47 -39.52
C GLN B 913 26.00 16.86 -38.76
N LYS B 914 26.00 16.76 -37.44
CA LYS B 914 27.17 17.04 -36.63
C LYS B 914 27.26 16.03 -35.51
N ALA B 915 28.47 15.89 -34.96
CA ALA B 915 28.65 15.23 -33.68
C ALA B 915 28.19 16.14 -32.55
N LEU B 916 27.59 15.53 -31.52
CA LEU B 916 27.17 16.25 -30.32
C LEU B 916 27.13 15.26 -29.18
N SER B 917 27.17 15.80 -27.95
CA SER B 917 27.14 14.95 -26.78
C SER B 917 25.74 14.40 -26.52
N ASP B 918 25.71 13.30 -25.76
CA ASP B 918 24.44 12.67 -25.41
C ASP B 918 23.51 13.67 -24.73
N GLU B 919 24.04 14.47 -23.81
CA GLU B 919 23.25 15.48 -23.11
C GLU B 919 22.73 16.56 -24.05
N GLU B 920 23.45 16.86 -25.12
CA GLU B 920 23.02 17.88 -26.07
C GLU B 920 21.76 17.50 -26.83
N MET B 921 21.35 16.23 -26.80
CA MET B 921 20.01 15.82 -27.19
C MET B 921 19.13 15.41 -26.02
N ARG B 922 19.69 14.83 -24.96
CA ARG B 922 18.90 14.44 -23.82
C ARG B 922 18.21 15.63 -23.16
N ALA B 923 18.90 16.77 -23.06
CA ALA B 923 18.23 17.98 -22.58
C ALA B 923 17.13 18.43 -23.53
N TYR B 924 17.37 18.28 -24.84
CA TYR B 924 16.37 18.64 -25.83
C TYR B 924 15.12 17.78 -25.72
N LEU B 925 15.27 16.55 -25.21
CA LEU B 925 14.10 15.76 -24.84
C LEU B 925 13.51 16.18 -23.50
N ALA B 926 14.37 16.40 -22.50
CA ALA B 926 13.91 16.74 -21.16
C ALA B 926 13.14 18.05 -21.12
N GLN B 927 13.27 18.87 -22.16
CA GLN B 927 12.39 20.03 -22.31
C GLN B 927 10.92 19.65 -22.39
N ALA B 928 10.60 18.42 -22.79
CA ALA B 928 9.21 18.05 -23.05
C ALA B 928 8.82 16.65 -22.67
N LEU B 929 9.75 15.69 -22.55
CA LEU B 929 9.36 14.30 -22.41
C LEU B 929 9.57 13.81 -20.99
N PRO B 930 8.57 13.16 -20.41
CA PRO B 930 8.76 12.54 -19.10
C PRO B 930 9.89 11.51 -19.10
N GLU B 931 10.48 11.32 -17.92
CA GLU B 931 11.58 10.38 -17.72
C GLU B 931 11.16 8.91 -17.76
N TYR B 932 9.92 8.55 -18.09
CA TYR B 932 9.61 7.19 -18.51
C TYR B 932 9.69 6.98 -20.02
N MET B 933 9.87 8.06 -20.78
CA MET B 933 9.82 7.99 -22.24
C MET B 933 10.88 8.91 -22.85
N ILE B 934 12.04 8.97 -22.20
CA ILE B 934 13.29 9.38 -22.84
C ILE B 934 14.15 8.15 -23.02
N PRO B 935 14.73 7.93 -24.20
CA PRO B 935 15.47 6.68 -24.44
C PRO B 935 16.71 6.56 -23.57
N SER B 936 16.94 5.35 -23.07
CA SER B 936 18.03 5.09 -22.15
C SER B 936 19.40 5.20 -22.81
N PHE B 937 19.48 5.06 -24.13
CA PHE B 937 20.75 5.09 -24.83
C PHE B 937 20.54 5.63 -26.23
N PHE B 938 21.57 6.27 -26.77
CA PHE B 938 21.54 6.79 -28.13
C PHE B 938 22.68 6.18 -28.93
N VAL B 939 22.32 5.54 -30.05
CA VAL B 939 23.29 4.93 -30.96
C VAL B 939 23.40 5.81 -32.19
N THR B 940 24.62 6.11 -32.59
CA THR B 940 24.88 6.86 -33.81
C THR B 940 25.16 5.90 -34.95
N LEU B 941 24.62 6.21 -36.13
CA LEU B 941 24.77 5.36 -37.30
C LEU B 941 25.13 6.21 -38.50
N GLU B 942 25.64 5.54 -39.54
CA GLU B 942 25.77 6.14 -40.86
C GLU B 942 24.47 6.13 -41.66
N ARG B 943 23.63 5.12 -41.47
CA ARG B 943 22.41 5.02 -42.27
C ARG B 943 21.43 4.10 -41.55
N ILE B 944 20.15 4.47 -41.58
CA ILE B 944 19.11 3.59 -41.07
C ILE B 944 18.84 2.49 -42.10
N PRO B 945 18.79 1.22 -41.69
CA PRO B 945 18.41 0.15 -42.60
C PRO B 945 16.98 0.32 -43.07
N VAL B 946 16.77 0.23 -44.39
CA VAL B 946 15.42 0.25 -44.95
C VAL B 946 15.25 -0.90 -45.92
N THR B 947 14.06 -1.49 -45.92
CA THR B 947 13.67 -2.39 -47.00
C THR B 947 13.40 -1.57 -48.26
N PRO B 948 13.59 -2.16 -49.44
CA PRO B 948 13.30 -1.40 -50.67
C PRO B 948 11.88 -0.88 -50.72
N ASN B 949 10.96 -1.46 -49.95
CA ASN B 949 9.64 -0.85 -49.79
C ASN B 949 9.69 0.46 -49.02
N GLY B 950 10.83 0.79 -48.41
CA GLY B 950 11.02 2.04 -47.72
C GLY B 950 10.77 1.97 -46.22
N LYS B 951 10.23 0.87 -45.71
CA LYS B 951 10.05 0.73 -44.28
C LYS B 951 11.38 0.53 -43.57
N THR B 952 11.46 1.06 -42.35
CA THR B 952 12.60 0.79 -41.49
C THR B 952 12.63 -0.68 -41.09
N ASP B 953 13.84 -1.21 -40.93
CA ASP B 953 14.05 -2.61 -40.59
C ASP B 953 14.63 -2.72 -39.18
N ARG B 954 13.88 -3.34 -38.28
CA ARG B 954 14.31 -3.54 -36.90
C ARG B 954 15.49 -4.49 -36.79
N ARG B 955 15.73 -5.31 -37.81
CA ARG B 955 16.72 -6.38 -37.72
C ARG B 955 18.13 -5.88 -37.96
N ALA B 956 18.31 -4.91 -38.86
CA ALA B 956 19.64 -4.53 -39.31
C ALA B 956 20.33 -3.53 -38.40
N LEU B 957 19.61 -2.89 -37.49
CA LEU B 957 20.25 -2.01 -36.53
C LEU B 957 21.10 -2.80 -35.54
N PRO B 958 22.23 -2.23 -35.11
CA PRO B 958 23.13 -2.97 -34.21
C PRO B 958 22.54 -3.10 -32.82
N LYS B 959 22.99 -4.13 -32.12
CA LYS B 959 22.64 -4.26 -30.71
C LYS B 959 23.29 -3.15 -29.91
N PRO B 960 22.59 -2.57 -28.93
CA PRO B 960 23.21 -1.60 -28.02
C PRO B 960 24.46 -2.11 -27.34
N GLU B 961 25.16 -1.19 -26.66
CA GLU B 961 26.32 -1.52 -25.86
C GLU B 961 26.27 -0.73 -24.56
N GLY B 962 26.86 -1.30 -23.51
CA GLY B 962 26.65 -0.81 -22.16
C GLY B 962 25.30 -1.18 -21.59
N ASP B 969 20.33 6.62 -17.57
CA ASP B 969 19.75 6.59 -16.24
C ASP B 969 19.81 7.95 -15.55
N TYR B 970 19.13 8.04 -14.40
CA TYR B 970 19.06 9.27 -13.62
C TYR B 970 20.38 9.69 -12.98
N VAL B 971 21.41 8.85 -13.03
CA VAL B 971 22.59 9.10 -12.20
C VAL B 971 23.16 10.48 -12.50
N ALA B 972 23.72 11.10 -11.47
CA ALA B 972 24.07 12.51 -11.47
C ALA B 972 25.34 12.71 -10.66
N PRO B 973 26.04 13.82 -10.87
CA PRO B 973 27.31 14.04 -10.19
C PRO B 973 27.12 14.60 -8.78
N THR B 974 28.18 14.51 -7.99
CA THR B 974 28.27 15.18 -6.69
C THR B 974 28.91 16.55 -6.83
N THR B 975 28.29 17.38 -7.67
CA THR B 975 28.76 18.75 -7.88
C THR B 975 28.44 19.61 -6.66
N GLU B 976 29.02 19.25 -5.52
CA GLU B 976 28.72 19.91 -4.25
C GLU B 976 29.09 21.38 -4.30
N LEU B 977 28.34 22.19 -3.55
CA LEU B 977 28.69 23.57 -3.28
C LEU B 977 28.44 23.86 -1.81
N GLU B 978 27.27 23.48 -1.29
CA GLU B 978 27.06 23.40 0.14
C GLU B 978 26.38 22.08 0.48
N GLN B 979 26.96 21.36 1.43
CA GLN B 979 26.51 20.02 1.79
C GLN B 979 25.27 20.04 2.67
N LYS B 980 24.81 21.22 3.09
CA LYS B 980 23.80 21.30 4.13
C LYS B 980 22.57 20.48 3.77
N LEU B 981 22.02 20.70 2.58
CA LEU B 981 20.89 19.88 2.16
C LEU B 981 21.30 18.43 1.96
N VAL B 982 22.48 18.22 1.41
CA VAL B 982 22.98 16.84 1.22
C VAL B 982 23.01 16.13 2.56
N ALA B 983 23.52 16.80 3.60
CA ALA B 983 23.52 16.18 4.92
C ALA B 983 22.11 15.91 5.40
N ILE B 984 21.19 16.84 5.14
CA ILE B 984 19.79 16.63 5.46
C ILE B 984 19.23 15.46 4.66
N TRP B 985 19.51 15.45 3.35
CA TRP B 985 19.06 14.34 2.53
C TRP B 985 19.64 13.02 3.01
N GLU B 986 20.96 12.97 3.23
CA GLU B 986 21.59 11.73 3.70
C GLU B 986 21.00 11.24 5.01
N GLN B 987 20.79 12.13 5.98
CA GLN B 987 20.25 11.70 7.27
C GLN B 987 18.81 11.23 7.20
N ILE B 988 17.99 11.79 6.30
CA ILE B 988 16.61 11.33 6.21
C ILE B 988 16.53 10.07 5.36
N LEU B 989 17.25 10.04 4.25
CA LEU B 989 17.16 8.93 3.31
C LEU B 989 18.05 7.76 3.72
N GLY B 990 19.28 8.06 4.13
CA GLY B 990 20.14 7.02 4.69
C GLY B 990 20.66 6.00 3.70
N VAL B 991 19.97 5.80 2.59
CA VAL B 991 20.29 4.68 1.70
C VAL B 991 21.49 4.93 0.80
N SER B 992 21.85 6.19 0.52
CA SER B 992 22.87 6.43 -0.49
C SER B 992 23.50 7.79 -0.28
N PRO B 993 24.74 7.98 -0.72
CA PRO B 993 25.19 9.33 -1.10
C PRO B 993 24.22 9.95 -2.10
N ILE B 994 24.13 11.28 -2.05
CA ILE B 994 23.04 12.00 -2.71
C ILE B 994 23.64 12.95 -3.74
N GLY B 995 23.15 12.85 -4.97
CA GLY B 995 23.55 13.77 -6.01
C GLY B 995 22.79 15.10 -5.92
N ILE B 996 23.49 16.17 -6.28
CA ILE B 996 22.95 17.51 -6.08
C ILE B 996 21.82 17.78 -7.06
N GLN B 997 21.85 17.13 -8.22
CA GLN B 997 20.75 17.15 -9.17
C GLN B 997 19.85 15.92 -9.06
N ASP B 998 20.00 15.14 -8.00
CA ASP B 998 19.30 13.88 -7.85
C ASP B 998 17.89 14.11 -7.31
N HIS B 999 17.04 13.10 -7.50
CA HIS B 999 15.59 13.23 -7.40
C HIS B 999 15.10 12.54 -6.14
N PHE B 1000 14.42 13.30 -5.27
CA PHE B 1000 14.12 12.83 -3.93
C PHE B 1000 13.32 11.53 -3.96
N PHE B 1001 12.30 11.46 -4.80
CA PHE B 1001 11.50 10.23 -4.87
C PHE B 1001 12.22 9.14 -5.64
N THR B 1002 13.09 9.50 -6.58
CA THR B 1002 13.91 8.50 -7.24
C THR B 1002 14.92 7.92 -6.26
N LEU B 1003 15.43 8.75 -5.36
CA LEU B 1003 16.25 8.29 -4.23
C LEU B 1003 15.45 7.47 -3.21
N GLY B 1004 14.14 7.32 -3.40
CA GLY B 1004 13.33 6.57 -2.47
C GLY B 1004 12.61 7.38 -1.41
N GLY B 1005 12.64 8.71 -1.50
CA GLY B 1005 11.80 9.55 -0.67
C GLY B 1005 10.32 9.34 -0.96
N HIS B 1006 9.50 9.85 -0.05
CA HIS B 1006 8.06 9.76 -0.21
C HIS B 1006 7.40 10.96 0.48
N SER B 1007 6.09 11.07 0.26
CA SER B 1007 5.35 12.28 0.63
C SER B 1007 5.62 12.73 2.06
N LEU B 1008 5.67 11.79 3.01
CA LEU B 1008 5.85 12.20 4.40
C LEU B 1008 7.30 12.53 4.72
N LYS B 1009 8.25 11.79 4.16
CA LYS B 1009 9.62 12.18 4.43
C LYS B 1009 9.93 13.54 3.84
N ALA B 1010 9.18 13.99 2.84
CA ALA B 1010 9.29 15.37 2.37
C ALA B 1010 8.95 16.38 3.46
N ILE B 1011 7.92 16.09 4.28
CA ILE B 1011 7.63 17.01 5.38
C ILE B 1011 8.67 16.89 6.46
N GLN B 1012 9.22 15.69 6.65
CA GLN B 1012 10.34 15.58 7.60
C GLN B 1012 11.53 16.39 7.13
N LEU B 1013 11.75 16.42 5.82
CA LEU B 1013 12.80 17.20 5.21
C LEU B 1013 12.60 18.69 5.46
N ILE B 1014 11.44 19.21 5.07
CA ILE B 1014 11.20 20.64 5.22
C ILE B 1014 11.19 21.06 6.68
N SER B 1015 10.60 20.25 7.55
CA SER B 1015 10.63 20.57 8.97
C SER B 1015 12.04 20.54 9.54
N ARG B 1016 12.91 19.67 9.03
CA ARG B 1016 14.32 19.76 9.38
C ARG B 1016 14.93 21.06 8.89
N ILE B 1017 14.70 21.40 7.62
CA ILE B 1017 15.27 22.61 7.04
C ILE B 1017 14.93 23.82 7.90
N GLN B 1018 13.65 24.00 8.18
CA GLN B 1018 13.22 25.19 8.90
C GLN B 1018 13.57 25.15 10.40
N LYS B 1019 14.40 24.24 10.90
CA LYS B 1019 15.10 24.42 12.16
C LYS B 1019 16.61 24.45 12.03
N GLU B 1020 17.18 23.60 11.20
CA GLU B 1020 18.63 23.58 11.02
C GLU B 1020 19.13 24.85 10.37
N CYS B 1021 18.25 25.56 9.66
CA CYS B 1021 18.47 26.93 9.26
C CYS B 1021 17.20 27.72 9.52
N GLN B 1022 17.36 29.03 9.63
CA GLN B 1022 16.22 29.94 9.62
C GLN B 1022 15.73 30.09 8.18
N ALA B 1023 15.04 29.05 7.72
CA ALA B 1023 14.63 28.93 6.33
C ALA B 1023 13.26 28.28 6.28
N ASP B 1024 12.58 28.50 5.16
CA ASP B 1024 11.30 27.86 4.89
C ASP B 1024 11.12 27.72 3.39
N VAL B 1025 10.33 26.73 2.99
CA VAL B 1025 9.98 26.56 1.58
C VAL B 1025 8.70 25.75 1.46
N PRO B 1026 7.69 26.28 0.77
CA PRO B 1026 6.41 25.58 0.67
C PRO B 1026 6.56 24.17 0.12
N LEU B 1027 5.76 23.26 0.68
CA LEU B 1027 5.90 21.85 0.37
C LEU B 1027 5.74 21.58 -1.12
N ARG B 1028 4.92 22.35 -1.82
CA ARG B 1028 4.76 22.15 -3.26
C ARG B 1028 6.09 22.28 -3.99
N VAL B 1029 7.00 23.09 -3.48
CA VAL B 1029 8.32 23.22 -4.10
C VAL B 1029 8.99 21.85 -4.25
N LEU B 1030 8.92 21.02 -3.21
CA LEU B 1030 9.56 19.72 -3.27
C LEU B 1030 8.85 18.74 -4.19
N PHE B 1031 7.64 19.07 -4.64
CA PHE B 1031 6.95 18.29 -5.66
C PHE B 1031 7.03 18.91 -7.04
N GLU B 1032 7.23 20.23 -7.12
CA GLU B 1032 7.49 20.86 -8.40
C GLU B 1032 8.90 20.58 -8.89
N GLN B 1033 9.88 20.63 -8.00
CA GLN B 1033 11.30 20.43 -8.36
C GLN B 1033 11.94 19.59 -7.27
N PRO B 1034 11.81 18.28 -7.36
CA PRO B 1034 12.21 17.37 -6.27
C PRO B 1034 13.72 17.14 -6.19
N THR B 1035 14.48 18.24 -6.19
CA THR B 1035 15.93 18.16 -6.27
C THR B 1035 16.52 19.18 -5.31
N ILE B 1036 17.78 18.96 -4.94
CA ILE B 1036 18.47 19.89 -4.05
C ILE B 1036 18.66 21.25 -4.72
N GLN B 1037 19.00 21.24 -6.01
CA GLN B 1037 19.13 22.49 -6.74
C GLN B 1037 17.82 23.26 -6.81
N ALA B 1038 16.69 22.60 -6.58
CA ALA B 1038 15.42 23.33 -6.54
C ALA B 1038 15.42 24.41 -5.48
N LEU B 1039 16.12 24.19 -4.37
CA LEU B 1039 16.13 25.14 -3.27
C LEU B 1039 17.08 26.31 -3.48
N ALA B 1040 17.84 26.30 -4.59
CA ALA B 1040 18.62 27.48 -4.96
C ALA B 1040 17.75 28.71 -5.14
N ALA B 1041 16.50 28.51 -5.54
CA ALA B 1041 15.52 29.60 -5.61
C ALA B 1041 15.03 30.03 -4.24
N TYR B 1042 15.35 29.29 -3.19
CA TYR B 1042 14.84 29.55 -1.86
C TYR B 1042 15.91 29.86 -0.82
N VAL B 1043 17.16 29.46 -1.06
CA VAL B 1043 18.24 29.89 -0.18
C VAL B 1043 18.40 31.39 -0.23
N GLU B 1044 18.10 32.00 -1.39
CA GLU B 1044 18.15 33.45 -1.54
C GLU B 1044 17.07 33.92 -2.51
#